data_1WOD
# 
_entry.id   1WOD 
# 
_audit_conform.dict_name       mmcif_pdbx.dic 
_audit_conform.dict_version    5.386 
_audit_conform.dict_location   http://mmcif.pdb.org/dictionaries/ascii/mmcif_pdbx.dic 
# 
loop_
_database_2.database_id 
_database_2.database_code 
_database_2.pdbx_database_accession 
_database_2.pdbx_DOI 
PDB   1WOD         pdb_00001wod 10.2210/pdb1wod/pdb 
WWPDB D_1000177217 ?            ?                   
# 
loop_
_pdbx_audit_revision_history.ordinal 
_pdbx_audit_revision_history.data_content_type 
_pdbx_audit_revision_history.major_revision 
_pdbx_audit_revision_history.minor_revision 
_pdbx_audit_revision_history.revision_date 
1 'Structure model' 1 0 1997-12-17 
2 'Structure model' 1 1 2008-03-24 
3 'Structure model' 1 2 2011-07-13 
4 'Structure model' 1 3 2024-02-14 
# 
_pdbx_audit_revision_details.ordinal             1 
_pdbx_audit_revision_details.revision_ordinal    1 
_pdbx_audit_revision_details.data_content_type   'Structure model' 
_pdbx_audit_revision_details.provider            repository 
_pdbx_audit_revision_details.type                'Initial release' 
_pdbx_audit_revision_details.description         ? 
_pdbx_audit_revision_details.details             ? 
# 
loop_
_pdbx_audit_revision_group.ordinal 
_pdbx_audit_revision_group.revision_ordinal 
_pdbx_audit_revision_group.data_content_type 
_pdbx_audit_revision_group.group 
1 2 'Structure model' 'Version format compliance' 
2 3 'Structure model' 'Version format compliance' 
3 4 'Structure model' 'Data collection'           
4 4 'Structure model' 'Database references'       
5 4 'Structure model' 'Derived calculations'      
# 
loop_
_pdbx_audit_revision_category.ordinal 
_pdbx_audit_revision_category.revision_ordinal 
_pdbx_audit_revision_category.data_content_type 
_pdbx_audit_revision_category.category 
1 4 'Structure model' chem_comp_atom 
2 4 'Structure model' chem_comp_bond 
3 4 'Structure model' database_2     
4 4 'Structure model' struct_site    
# 
loop_
_pdbx_audit_revision_item.ordinal 
_pdbx_audit_revision_item.revision_ordinal 
_pdbx_audit_revision_item.data_content_type 
_pdbx_audit_revision_item.item 
1 4 'Structure model' '_database_2.pdbx_DOI'                
2 4 'Structure model' '_database_2.pdbx_database_accession' 
3 4 'Structure model' '_struct_site.pdbx_auth_asym_id'      
4 4 'Structure model' '_struct_site.pdbx_auth_comp_id'      
5 4 'Structure model' '_struct_site.pdbx_auth_seq_id'       
# 
_pdbx_database_status.status_code                     REL 
_pdbx_database_status.entry_id                        1WOD 
_pdbx_database_status.recvd_initial_deposition_date   1997-06-17 
_pdbx_database_status.deposit_site                    ? 
_pdbx_database_status.process_site                    BNL 
_pdbx_database_status.SG_entry                        . 
_pdbx_database_status.pdb_format_compatible           Y 
_pdbx_database_status.status_code_mr                  ? 
_pdbx_database_status.status_code_sf                  ? 
_pdbx_database_status.status_code_cs                  ? 
_pdbx_database_status.status_code_nmr_data            ? 
_pdbx_database_status.methods_development_category    ? 
# 
loop_
_audit_author.name 
_audit_author.pdbx_ordinal 
'Hu, Y.'         1 
'Rech, S.'       2 
'Gunsalus, R.P.' 3 
'Rees, D.C.'     4 
# 
loop_
_citation.id 
_citation.title 
_citation.journal_abbrev 
_citation.journal_volume 
_citation.page_first 
_citation.page_last 
_citation.year 
_citation.journal_id_ASTM 
_citation.country 
_citation.journal_id_ISSN 
_citation.journal_id_CSD 
_citation.book_publisher 
_citation.pdbx_database_id_PubMed 
_citation.pdbx_database_id_DOI 
primary 'Crystal structure of the molybdate binding protein ModA.'                         Nat.Struct.Biol. 4   703  707 1997 
NSBIEW US 1072-8368 2024 ? 9302996 10.1038/nsb0997-703 
1       'Properties of the Periplasmic Moda Molybdate-Binding Protein of Escherichia Coli' J.Biol.Chem.     271 2557 ?   1996 
JBCHA3 US 0021-9258 0071 ? ?       ?                   
# 
loop_
_citation_author.citation_id 
_citation_author.name 
_citation_author.ordinal 
_citation_author.identifier_ORCID 
primary 'Hu, Y.'         1 ? 
primary 'Rech, S.'       2 ? 
primary 'Gunsalus, R.P.' 3 ? 
primary 'Rees, D.C.'     4 ? 
1       'Rech, S.'       5 ? 
1       'Wolin, C.'      6 ? 
1       'Gunsalus, R.P.' 7 ? 
# 
loop_
_entity.id 
_entity.type 
_entity.src_method 
_entity.pdbx_description 
_entity.formula_weight 
_entity.pdbx_number_of_molecules 
_entity.pdbx_ec 
_entity.pdbx_mutation 
_entity.pdbx_fragment 
_entity.details 
1 polymer     nat MODA               24948.264 1  ? ? 'N-DOMAIN, C-DOMAIN' ? 
2 non-polymer syn 'TUNGSTATE(VI)ION' 247.838   1  ? ? ?                    ? 
3 water       nat water              18.015    69 ? ? ?                    ? 
# 
_entity_poly.entity_id                      1 
_entity_poly.type                           'polypeptide(L)' 
_entity_poly.nstd_linkage                   no 
_entity_poly.nstd_monomer                   no 
_entity_poly.pdbx_seq_one_letter_code       
;DEGKITVFAAASLTNAMQDIATQFKKEKGVDVVSSFASSSTLARQIEAGAPADLFISADQKWMDYAVDKKAIDTATRQTL
LGNSLVVVAPKASVQKDFTIDSKTNWTSLLNGGRLAVGDPEHVPAGIYAKEALQKLGAWDTLSPKLAPAEDVRGALALVE
RNEAPLGIVYGSDAVASKGVKVVATFPEDSHKKVEYPVAVVEGHNNATVKAFYDYLKGPQAAEIFKRYGFTIK
;
_entity_poly.pdbx_seq_one_letter_code_can   
;DEGKITVFAAASLTNAMQDIATQFKKEKGVDVVSSFASSSTLARQIEAGAPADLFISADQKWMDYAVDKKAIDTATRQTL
LGNSLVVVAPKASVQKDFTIDSKTNWTSLLNGGRLAVGDPEHVPAGIYAKEALQKLGAWDTLSPKLAPAEDVRGALALVE
RNEAPLGIVYGSDAVASKGVKVVATFPEDSHKKVEYPVAVVEGHNNATVKAFYDYLKGPQAAEIFKRYGFTIK
;
_entity_poly.pdbx_strand_id                 A 
_entity_poly.pdbx_target_identifier         ? 
# 
loop_
_pdbx_entity_nonpoly.entity_id 
_pdbx_entity_nonpoly.name 
_pdbx_entity_nonpoly.comp_id 
2 'TUNGSTATE(VI)ION' WO4 
3 water              HOH 
# 
loop_
_entity_poly_seq.entity_id 
_entity_poly_seq.num 
_entity_poly_seq.mon_id 
_entity_poly_seq.hetero 
1 1   ASP n 
1 2   GLU n 
1 3   GLY n 
1 4   LYS n 
1 5   ILE n 
1 6   THR n 
1 7   VAL n 
1 8   PHE n 
1 9   ALA n 
1 10  ALA n 
1 11  ALA n 
1 12  SER n 
1 13  LEU n 
1 14  THR n 
1 15  ASN n 
1 16  ALA n 
1 17  MET n 
1 18  GLN n 
1 19  ASP n 
1 20  ILE n 
1 21  ALA n 
1 22  THR n 
1 23  GLN n 
1 24  PHE n 
1 25  LYS n 
1 26  LYS n 
1 27  GLU n 
1 28  LYS n 
1 29  GLY n 
1 30  VAL n 
1 31  ASP n 
1 32  VAL n 
1 33  VAL n 
1 34  SER n 
1 35  SER n 
1 36  PHE n 
1 37  ALA n 
1 38  SER n 
1 39  SER n 
1 40  SER n 
1 41  THR n 
1 42  LEU n 
1 43  ALA n 
1 44  ARG n 
1 45  GLN n 
1 46  ILE n 
1 47  GLU n 
1 48  ALA n 
1 49  GLY n 
1 50  ALA n 
1 51  PRO n 
1 52  ALA n 
1 53  ASP n 
1 54  LEU n 
1 55  PHE n 
1 56  ILE n 
1 57  SER n 
1 58  ALA n 
1 59  ASP n 
1 60  GLN n 
1 61  LYS n 
1 62  TRP n 
1 63  MET n 
1 64  ASP n 
1 65  TYR n 
1 66  ALA n 
1 67  VAL n 
1 68  ASP n 
1 69  LYS n 
1 70  LYS n 
1 71  ALA n 
1 72  ILE n 
1 73  ASP n 
1 74  THR n 
1 75  ALA n 
1 76  THR n 
1 77  ARG n 
1 78  GLN n 
1 79  THR n 
1 80  LEU n 
1 81  LEU n 
1 82  GLY n 
1 83  ASN n 
1 84  SER n 
1 85  LEU n 
1 86  VAL n 
1 87  VAL n 
1 88  VAL n 
1 89  ALA n 
1 90  PRO n 
1 91  LYS n 
1 92  ALA n 
1 93  SER n 
1 94  VAL n 
1 95  GLN n 
1 96  LYS n 
1 97  ASP n 
1 98  PHE n 
1 99  THR n 
1 100 ILE n 
1 101 ASP n 
1 102 SER n 
1 103 LYS n 
1 104 THR n 
1 105 ASN n 
1 106 TRP n 
1 107 THR n 
1 108 SER n 
1 109 LEU n 
1 110 LEU n 
1 111 ASN n 
1 112 GLY n 
1 113 GLY n 
1 114 ARG n 
1 115 LEU n 
1 116 ALA n 
1 117 VAL n 
1 118 GLY n 
1 119 ASP n 
1 120 PRO n 
1 121 GLU n 
1 122 HIS n 
1 123 VAL n 
1 124 PRO n 
1 125 ALA n 
1 126 GLY n 
1 127 ILE n 
1 128 TYR n 
1 129 ALA n 
1 130 LYS n 
1 131 GLU n 
1 132 ALA n 
1 133 LEU n 
1 134 GLN n 
1 135 LYS n 
1 136 LEU n 
1 137 GLY n 
1 138 ALA n 
1 139 TRP n 
1 140 ASP n 
1 141 THR n 
1 142 LEU n 
1 143 SER n 
1 144 PRO n 
1 145 LYS n 
1 146 LEU n 
1 147 ALA n 
1 148 PRO n 
1 149 ALA n 
1 150 GLU n 
1 151 ASP n 
1 152 VAL n 
1 153 ARG n 
1 154 GLY n 
1 155 ALA n 
1 156 LEU n 
1 157 ALA n 
1 158 LEU n 
1 159 VAL n 
1 160 GLU n 
1 161 ARG n 
1 162 ASN n 
1 163 GLU n 
1 164 ALA n 
1 165 PRO n 
1 166 LEU n 
1 167 GLY n 
1 168 ILE n 
1 169 VAL n 
1 170 TYR n 
1 171 GLY n 
1 172 SER n 
1 173 ASP n 
1 174 ALA n 
1 175 VAL n 
1 176 ALA n 
1 177 SER n 
1 178 LYS n 
1 179 GLY n 
1 180 VAL n 
1 181 LYS n 
1 182 VAL n 
1 183 VAL n 
1 184 ALA n 
1 185 THR n 
1 186 PHE n 
1 187 PRO n 
1 188 GLU n 
1 189 ASP n 
1 190 SER n 
1 191 HIS n 
1 192 LYS n 
1 193 LYS n 
1 194 VAL n 
1 195 GLU n 
1 196 TYR n 
1 197 PRO n 
1 198 VAL n 
1 199 ALA n 
1 200 VAL n 
1 201 VAL n 
1 202 GLU n 
1 203 GLY n 
1 204 HIS n 
1 205 ASN n 
1 206 ASN n 
1 207 ALA n 
1 208 THR n 
1 209 VAL n 
1 210 LYS n 
1 211 ALA n 
1 212 PHE n 
1 213 TYR n 
1 214 ASP n 
1 215 TYR n 
1 216 LEU n 
1 217 LYS n 
1 218 GLY n 
1 219 PRO n 
1 220 GLN n 
1 221 ALA n 
1 222 ALA n 
1 223 GLU n 
1 224 ILE n 
1 225 PHE n 
1 226 LYS n 
1 227 ARG n 
1 228 TYR n 
1 229 GLY n 
1 230 PHE n 
1 231 THR n 
1 232 ILE n 
1 233 LYS n 
# 
_entity_src_nat.entity_id                  1 
_entity_src_nat.pdbx_src_id                1 
_entity_src_nat.pdbx_alt_source_flag       sample 
_entity_src_nat.pdbx_beg_seq_num           ? 
_entity_src_nat.pdbx_end_seq_num           ? 
_entity_src_nat.common_name                ? 
_entity_src_nat.pdbx_organism_scientific   'Escherichia coli' 
_entity_src_nat.pdbx_ncbi_taxonomy_id      562 
_entity_src_nat.genus                      Escherichia 
_entity_src_nat.species                    ? 
_entity_src_nat.strain                     ? 
_entity_src_nat.tissue                     ? 
_entity_src_nat.tissue_fraction            ? 
_entity_src_nat.pdbx_secretion             ? 
_entity_src_nat.pdbx_fragment              ? 
_entity_src_nat.pdbx_variant               ? 
_entity_src_nat.pdbx_cell_line             ? 
_entity_src_nat.pdbx_atcc                  ? 
_entity_src_nat.pdbx_cellular_location     PERIPLASM 
_entity_src_nat.pdbx_organ                 ? 
_entity_src_nat.pdbx_organelle             ? 
_entity_src_nat.pdbx_cell                  ? 
_entity_src_nat.pdbx_plasmid_name          ? 
_entity_src_nat.pdbx_plasmid_details       ? 
_entity_src_nat.details                    ? 
# 
loop_
_chem_comp.id 
_chem_comp.type 
_chem_comp.mon_nstd_flag 
_chem_comp.name 
_chem_comp.pdbx_synonyms 
_chem_comp.formula 
_chem_comp.formula_weight 
ALA 'L-peptide linking' y ALANINE            ? 'C3 H7 N O2'     89.093  
ARG 'L-peptide linking' y ARGININE           ? 'C6 H15 N4 O2 1' 175.209 
ASN 'L-peptide linking' y ASPARAGINE         ? 'C4 H8 N2 O3'    132.118 
ASP 'L-peptide linking' y 'ASPARTIC ACID'    ? 'C4 H7 N O4'     133.103 
GLN 'L-peptide linking' y GLUTAMINE          ? 'C5 H10 N2 O3'   146.144 
GLU 'L-peptide linking' y 'GLUTAMIC ACID'    ? 'C5 H9 N O4'     147.129 
GLY 'peptide linking'   y GLYCINE            ? 'C2 H5 N O2'     75.067  
HIS 'L-peptide linking' y HISTIDINE          ? 'C6 H10 N3 O2 1' 156.162 
HOH non-polymer         . WATER              ? 'H2 O'           18.015  
ILE 'L-peptide linking' y ISOLEUCINE         ? 'C6 H13 N O2'    131.173 
LEU 'L-peptide linking' y LEUCINE            ? 'C6 H13 N O2'    131.173 
LYS 'L-peptide linking' y LYSINE             ? 'C6 H15 N2 O2 1' 147.195 
MET 'L-peptide linking' y METHIONINE         ? 'C5 H11 N O2 S'  149.211 
PHE 'L-peptide linking' y PHENYLALANINE      ? 'C9 H11 N O2'    165.189 
PRO 'L-peptide linking' y PROLINE            ? 'C5 H9 N O2'     115.130 
SER 'L-peptide linking' y SERINE             ? 'C3 H7 N O3'     105.093 
THR 'L-peptide linking' y THREONINE          ? 'C4 H9 N O3'     119.119 
TRP 'L-peptide linking' y TRYPTOPHAN         ? 'C11 H12 N2 O2'  204.225 
TYR 'L-peptide linking' y TYROSINE           ? 'C9 H11 N O3'    181.189 
VAL 'L-peptide linking' y VALINE             ? 'C5 H11 N O2'    117.146 
WO4 non-polymer         . 'TUNGSTATE(VI)ION' ? 'O4 W -2'        247.838 
# 
loop_
_pdbx_poly_seq_scheme.asym_id 
_pdbx_poly_seq_scheme.entity_id 
_pdbx_poly_seq_scheme.seq_id 
_pdbx_poly_seq_scheme.mon_id 
_pdbx_poly_seq_scheme.ndb_seq_num 
_pdbx_poly_seq_scheme.pdb_seq_num 
_pdbx_poly_seq_scheme.auth_seq_num 
_pdbx_poly_seq_scheme.pdb_mon_id 
_pdbx_poly_seq_scheme.auth_mon_id 
_pdbx_poly_seq_scheme.pdb_strand_id 
_pdbx_poly_seq_scheme.pdb_ins_code 
_pdbx_poly_seq_scheme.hetero 
A 1 1   ASP 1   1   ?   ?   ?   A . n 
A 1 2   GLU 2   2   ?   ?   ?   A . n 
A 1 3   GLY 3   3   3   GLY GLY A . n 
A 1 4   LYS 4   4   4   LYS LYS A . n 
A 1 5   ILE 5   5   5   ILE ILE A . n 
A 1 6   THR 6   6   6   THR THR A . n 
A 1 7   VAL 7   7   7   VAL VAL A . n 
A 1 8   PHE 8   8   8   PHE PHE A . n 
A 1 9   ALA 9   9   9   ALA ALA A . n 
A 1 10  ALA 10  10  10  ALA ALA A . n 
A 1 11  ALA 11  11  11  ALA ALA A . n 
A 1 12  SER 12  12  12  SER SER A . n 
A 1 13  LEU 13  13  13  LEU LEU A . n 
A 1 14  THR 14  14  14  THR THR A . n 
A 1 15  ASN 15  15  15  ASN ASN A . n 
A 1 16  ALA 16  16  16  ALA ALA A . n 
A 1 17  MET 17  17  17  MET MET A . n 
A 1 18  GLN 18  18  18  GLN GLN A . n 
A 1 19  ASP 19  19  19  ASP ASP A . n 
A 1 20  ILE 20  20  20  ILE ILE A . n 
A 1 21  ALA 21  21  21  ALA ALA A . n 
A 1 22  THR 22  22  22  THR THR A . n 
A 1 23  GLN 23  23  23  GLN GLN A . n 
A 1 24  PHE 24  24  24  PHE PHE A . n 
A 1 25  LYS 25  25  25  LYS LYS A . n 
A 1 26  LYS 26  26  26  LYS LYS A . n 
A 1 27  GLU 27  27  27  GLU GLU A . n 
A 1 28  LYS 28  28  28  LYS LYS A . n 
A 1 29  GLY 29  29  29  GLY GLY A . n 
A 1 30  VAL 30  30  30  VAL VAL A . n 
A 1 31  ASP 31  31  31  ASP ASP A . n 
A 1 32  VAL 32  32  32  VAL VAL A . n 
A 1 33  VAL 33  33  33  VAL VAL A . n 
A 1 34  SER 34  34  34  SER SER A . n 
A 1 35  SER 35  35  35  SER SER A . n 
A 1 36  PHE 36  36  36  PHE PHE A . n 
A 1 37  ALA 37  37  37  ALA ALA A . n 
A 1 38  SER 38  38  38  SER SER A . n 
A 1 39  SER 39  39  39  SER SER A . n 
A 1 40  SER 40  40  40  SER SER A . n 
A 1 41  THR 41  41  41  THR THR A . n 
A 1 42  LEU 42  42  42  LEU LEU A . n 
A 1 43  ALA 43  43  43  ALA ALA A . n 
A 1 44  ARG 44  44  44  ARG ARG A . n 
A 1 45  GLN 45  45  45  GLN GLN A . n 
A 1 46  ILE 46  46  46  ILE ILE A . n 
A 1 47  GLU 47  47  47  GLU GLU A . n 
A 1 48  ALA 48  48  48  ALA ALA A . n 
A 1 49  GLY 49  49  49  GLY GLY A . n 
A 1 50  ALA 50  50  50  ALA ALA A . n 
A 1 51  PRO 51  51  51  PRO PRO A . n 
A 1 52  ALA 52  52  52  ALA ALA A . n 
A 1 53  ASP 53  53  53  ASP ASP A . n 
A 1 54  LEU 54  54  54  LEU LEU A . n 
A 1 55  PHE 55  55  55  PHE PHE A . n 
A 1 56  ILE 56  56  56  ILE ILE A . n 
A 1 57  SER 57  57  57  SER SER A . n 
A 1 58  ALA 58  58  58  ALA ALA A . n 
A 1 59  ASP 59  59  59  ASP ASP A . n 
A 1 60  GLN 60  60  60  GLN GLN A . n 
A 1 61  LYS 61  61  61  LYS LYS A . n 
A 1 62  TRP 62  62  62  TRP TRP A . n 
A 1 63  MET 63  63  63  MET MET A . n 
A 1 64  ASP 64  64  64  ASP ASP A . n 
A 1 65  TYR 65  65  65  TYR TYR A . n 
A 1 66  ALA 66  66  66  ALA ALA A . n 
A 1 67  VAL 67  67  67  VAL VAL A . n 
A 1 68  ASP 68  68  68  ASP ASP A . n 
A 1 69  LYS 69  69  69  LYS LYS A . n 
A 1 70  LYS 70  70  70  LYS LYS A . n 
A 1 71  ALA 71  71  71  ALA ALA A . n 
A 1 72  ILE 72  72  72  ILE ILE A . n 
A 1 73  ASP 73  73  73  ASP ASP A . n 
A 1 74  THR 74  74  74  THR THR A . n 
A 1 75  ALA 75  75  75  ALA ALA A . n 
A 1 76  THR 76  76  76  THR THR A . n 
A 1 77  ARG 77  77  77  ARG ARG A . n 
A 1 78  GLN 78  78  78  GLN GLN A . n 
A 1 79  THR 79  79  79  THR THR A . n 
A 1 80  LEU 80  80  80  LEU LEU A . n 
A 1 81  LEU 81  81  81  LEU LEU A . n 
A 1 82  GLY 82  82  82  GLY GLY A . n 
A 1 83  ASN 83  83  83  ASN ASN A . n 
A 1 84  SER 84  84  84  SER SER A . n 
A 1 85  LEU 85  85  85  LEU LEU A . n 
A 1 86  VAL 86  86  86  VAL VAL A . n 
A 1 87  VAL 87  87  87  VAL VAL A . n 
A 1 88  VAL 88  88  88  VAL VAL A . n 
A 1 89  ALA 89  89  89  ALA ALA A . n 
A 1 90  PRO 90  90  90  PRO PRO A . n 
A 1 91  LYS 91  91  91  LYS LYS A . n 
A 1 92  ALA 92  92  92  ALA ALA A . n 
A 1 93  SER 93  93  93  SER SER A . n 
A 1 94  VAL 94  94  94  VAL VAL A . n 
A 1 95  GLN 95  95  95  GLN GLN A . n 
A 1 96  LYS 96  96  96  LYS LYS A . n 
A 1 97  ASP 97  97  97  ASP ASP A . n 
A 1 98  PHE 98  98  98  PHE PHE A . n 
A 1 99  THR 99  99  99  THR THR A . n 
A 1 100 ILE 100 100 100 ILE ILE A . n 
A 1 101 ASP 101 101 101 ASP ASP A . n 
A 1 102 SER 102 102 102 SER SER A . n 
A 1 103 LYS 103 103 103 LYS LYS A . n 
A 1 104 THR 104 104 104 THR THR A . n 
A 1 105 ASN 105 105 105 ASN ASN A . n 
A 1 106 TRP 106 106 106 TRP TRP A . n 
A 1 107 THR 107 107 107 THR THR A . n 
A 1 108 SER 108 108 108 SER SER A . n 
A 1 109 LEU 109 109 109 LEU LEU A . n 
A 1 110 LEU 110 110 110 LEU LEU A . n 
A 1 111 ASN 111 111 111 ASN ASN A . n 
A 1 112 GLY 112 112 112 GLY GLY A . n 
A 1 113 GLY 113 113 113 GLY GLY A . n 
A 1 114 ARG 114 114 114 ARG ARG A . n 
A 1 115 LEU 115 115 115 LEU LEU A . n 
A 1 116 ALA 116 116 116 ALA ALA A . n 
A 1 117 VAL 117 117 117 VAL VAL A . n 
A 1 118 GLY 118 118 118 GLY GLY A . n 
A 1 119 ASP 119 119 119 ASP ASP A . n 
A 1 120 PRO 120 120 120 PRO PRO A . n 
A 1 121 GLU 121 121 121 GLU GLU A . n 
A 1 122 HIS 122 122 122 HIS HIS A . n 
A 1 123 VAL 123 123 123 VAL VAL A . n 
A 1 124 PRO 124 124 124 PRO PRO A . n 
A 1 125 ALA 125 125 125 ALA ALA A . n 
A 1 126 GLY 126 126 126 GLY GLY A . n 
A 1 127 ILE 127 127 127 ILE ILE A . n 
A 1 128 TYR 128 128 128 TYR TYR A . n 
A 1 129 ALA 129 129 129 ALA ALA A . n 
A 1 130 LYS 130 130 130 LYS LYS A . n 
A 1 131 GLU 131 131 131 GLU GLU A . n 
A 1 132 ALA 132 132 132 ALA ALA A . n 
A 1 133 LEU 133 133 133 LEU LEU A . n 
A 1 134 GLN 134 134 134 GLN GLN A . n 
A 1 135 LYS 135 135 135 LYS LYS A . n 
A 1 136 LEU 136 136 136 LEU LEU A . n 
A 1 137 GLY 137 137 137 GLY GLY A . n 
A 1 138 ALA 138 138 138 ALA ALA A . n 
A 1 139 TRP 139 139 139 TRP TRP A . n 
A 1 140 ASP 140 140 140 ASP ASP A . n 
A 1 141 THR 141 141 141 THR THR A . n 
A 1 142 LEU 142 142 142 LEU LEU A . n 
A 1 143 SER 143 143 143 SER SER A . n 
A 1 144 PRO 144 144 144 PRO PRO A . n 
A 1 145 LYS 145 145 145 LYS LYS A . n 
A 1 146 LEU 146 146 146 LEU LEU A . n 
A 1 147 ALA 147 147 147 ALA ALA A . n 
A 1 148 PRO 148 148 148 PRO PRO A . n 
A 1 149 ALA 149 149 149 ALA ALA A . n 
A 1 150 GLU 150 150 150 GLU GLU A . n 
A 1 151 ASP 151 151 151 ASP ASP A . n 
A 1 152 VAL 152 152 152 VAL VAL A . n 
A 1 153 ARG 153 153 153 ARG ARG A . n 
A 1 154 GLY 154 154 154 GLY GLY A . n 
A 1 155 ALA 155 155 155 ALA ALA A . n 
A 1 156 LEU 156 156 156 LEU LEU A . n 
A 1 157 ALA 157 157 157 ALA ALA A . n 
A 1 158 LEU 158 158 158 LEU LEU A . n 
A 1 159 VAL 159 159 159 VAL VAL A . n 
A 1 160 GLU 160 160 160 GLU GLU A . n 
A 1 161 ARG 161 161 161 ARG ARG A . n 
A 1 162 ASN 162 162 162 ASN ASN A . n 
A 1 163 GLU 163 163 163 GLU GLU A . n 
A 1 164 ALA 164 164 164 ALA ALA A . n 
A 1 165 PRO 165 165 165 PRO PRO A . n 
A 1 166 LEU 166 166 166 LEU LEU A . n 
A 1 167 GLY 167 167 167 GLY GLY A . n 
A 1 168 ILE 168 168 168 ILE ILE A . n 
A 1 169 VAL 169 169 169 VAL VAL A . n 
A 1 170 TYR 170 170 170 TYR TYR A . n 
A 1 171 GLY 171 171 171 GLY GLY A . n 
A 1 172 SER 172 172 172 SER SER A . n 
A 1 173 ASP 173 173 173 ASP ASP A . n 
A 1 174 ALA 174 174 174 ALA ALA A . n 
A 1 175 VAL 175 175 175 VAL VAL A . n 
A 1 176 ALA 176 176 176 ALA ALA A . n 
A 1 177 SER 177 177 177 SER SER A . n 
A 1 178 LYS 178 178 178 LYS LYS A . n 
A 1 179 GLY 179 179 179 GLY GLY A . n 
A 1 180 VAL 180 180 180 VAL VAL A . n 
A 1 181 LYS 181 181 181 LYS LYS A . n 
A 1 182 VAL 182 182 182 VAL VAL A . n 
A 1 183 VAL 183 183 183 VAL VAL A . n 
A 1 184 ALA 184 184 184 ALA ALA A . n 
A 1 185 THR 185 185 185 THR THR A . n 
A 1 186 PHE 186 186 186 PHE PHE A . n 
A 1 187 PRO 187 187 187 PRO PRO A . n 
A 1 188 GLU 188 188 188 GLU GLU A . n 
A 1 189 ASP 189 189 189 ASP ASP A . n 
A 1 190 SER 190 190 190 SER SER A . n 
A 1 191 HIS 191 191 191 HIS HIS A . n 
A 1 192 LYS 192 192 192 LYS LYS A . n 
A 1 193 LYS 193 193 193 LYS LYS A . n 
A 1 194 VAL 194 194 194 VAL VAL A . n 
A 1 195 GLU 195 195 195 GLU GLU A . n 
A 1 196 TYR 196 196 196 TYR TYR A . n 
A 1 197 PRO 197 197 197 PRO PRO A . n 
A 1 198 VAL 198 198 198 VAL VAL A . n 
A 1 199 ALA 199 199 199 ALA ALA A . n 
A 1 200 VAL 200 200 200 VAL VAL A . n 
A 1 201 VAL 201 201 201 VAL VAL A . n 
A 1 202 GLU 202 202 202 GLU GLU A . n 
A 1 203 GLY 203 203 203 GLY GLY A . n 
A 1 204 HIS 204 204 204 HIS HIS A . n 
A 1 205 ASN 205 205 205 ASN ASN A . n 
A 1 206 ASN 206 206 206 ASN ASN A . n 
A 1 207 ALA 207 207 207 ALA ALA A . n 
A 1 208 THR 208 208 208 THR THR A . n 
A 1 209 VAL 209 209 209 VAL VAL A . n 
A 1 210 LYS 210 210 210 LYS LYS A . n 
A 1 211 ALA 211 211 211 ALA ALA A . n 
A 1 212 PHE 212 212 212 PHE PHE A . n 
A 1 213 TYR 213 213 213 TYR TYR A . n 
A 1 214 ASP 214 214 214 ASP ASP A . n 
A 1 215 TYR 215 215 215 TYR TYR A . n 
A 1 216 LEU 216 216 216 LEU LEU A . n 
A 1 217 LYS 217 217 217 LYS LYS A . n 
A 1 218 GLY 218 218 218 GLY GLY A . n 
A 1 219 PRO 219 219 219 PRO PRO A . n 
A 1 220 GLN 220 220 220 GLN GLN A . n 
A 1 221 ALA 221 221 221 ALA ALA A . n 
A 1 222 ALA 222 222 222 ALA ALA A . n 
A 1 223 GLU 223 223 223 GLU GLU A . n 
A 1 224 ILE 224 224 224 ILE ILE A . n 
A 1 225 PHE 225 225 225 PHE PHE A . n 
A 1 226 LYS 226 226 226 LYS LYS A . n 
A 1 227 ARG 227 227 227 ARG ARG A . n 
A 1 228 TYR 228 228 228 TYR TYR A . n 
A 1 229 GLY 229 229 229 GLY GLY A . n 
A 1 230 PHE 230 230 230 PHE PHE A . n 
A 1 231 THR 231 231 231 THR THR A . n 
A 1 232 ILE 232 232 232 ILE ILE A . n 
A 1 233 LYS 233 233 233 LYS LYS A . n 
# 
loop_
_pdbx_nonpoly_scheme.asym_id 
_pdbx_nonpoly_scheme.entity_id 
_pdbx_nonpoly_scheme.mon_id 
_pdbx_nonpoly_scheme.ndb_seq_num 
_pdbx_nonpoly_scheme.pdb_seq_num 
_pdbx_nonpoly_scheme.auth_seq_num 
_pdbx_nonpoly_scheme.pdb_mon_id 
_pdbx_nonpoly_scheme.auth_mon_id 
_pdbx_nonpoly_scheme.pdb_strand_id 
_pdbx_nonpoly_scheme.pdb_ins_code 
B 2 WO4 1  234 1   WO4 WO4 A . 
C 3 HOH 1  301 301 HOH HOH A . 
C 3 HOH 2  302 302 HOH HOH A . 
C 3 HOH 3  303 303 HOH HOH A . 
C 3 HOH 4  304 304 HOH HOH A . 
C 3 HOH 5  305 305 HOH HOH A . 
C 3 HOH 6  306 306 HOH HOH A . 
C 3 HOH 7  307 307 HOH HOH A . 
C 3 HOH 8  308 308 HOH HOH A . 
C 3 HOH 9  309 309 HOH HOH A . 
C 3 HOH 10 310 310 HOH HOH A . 
C 3 HOH 11 311 311 HOH HOH A . 
C 3 HOH 12 312 312 HOH HOH A . 
C 3 HOH 13 313 313 HOH HOH A . 
C 3 HOH 14 314 314 HOH HOH A . 
C 3 HOH 15 315 315 HOH HOH A . 
C 3 HOH 16 316 316 HOH HOH A . 
C 3 HOH 17 317 317 HOH HOH A . 
C 3 HOH 18 318 318 HOH HOH A . 
C 3 HOH 19 319 319 HOH HOH A . 
C 3 HOH 20 320 320 HOH HOH A . 
C 3 HOH 21 321 321 HOH HOH A . 
C 3 HOH 22 322 322 HOH HOH A . 
C 3 HOH 23 323 323 HOH HOH A . 
C 3 HOH 24 324 324 HOH HOH A . 
C 3 HOH 25 325 325 HOH HOH A . 
C 3 HOH 26 326 326 HOH HOH A . 
C 3 HOH 27 327 327 HOH HOH A . 
C 3 HOH 28 328 328 HOH HOH A . 
C 3 HOH 29 329 329 HOH HOH A . 
C 3 HOH 30 330 330 HOH HOH A . 
C 3 HOH 31 331 331 HOH HOH A . 
C 3 HOH 32 332 332 HOH HOH A . 
C 3 HOH 33 333 333 HOH HOH A . 
C 3 HOH 34 334 334 HOH HOH A . 
C 3 HOH 35 335 335 HOH HOH A . 
C 3 HOH 36 336 336 HOH HOH A . 
C 3 HOH 37 337 337 HOH HOH A . 
C 3 HOH 38 338 338 HOH HOH A . 
C 3 HOH 39 339 339 HOH HOH A . 
C 3 HOH 40 340 340 HOH HOH A . 
C 3 HOH 41 341 341 HOH HOH A . 
C 3 HOH 42 342 342 HOH HOH A . 
C 3 HOH 43 343 343 HOH HOH A . 
C 3 HOH 44 344 344 HOH HOH A . 
C 3 HOH 45 345 345 HOH HOH A . 
C 3 HOH 46 346 346 HOH HOH A . 
C 3 HOH 47 347 347 HOH HOH A . 
C 3 HOH 48 348 348 HOH HOH A . 
C 3 HOH 49 349 349 HOH HOH A . 
C 3 HOH 50 350 350 HOH HOH A . 
C 3 HOH 51 351 351 HOH HOH A . 
C 3 HOH 52 352 352 HOH HOH A . 
C 3 HOH 53 353 353 HOH HOH A . 
C 3 HOH 54 354 354 HOH HOH A . 
C 3 HOH 55 355 355 HOH HOH A . 
C 3 HOH 56 356 356 HOH HOH A . 
C 3 HOH 57 357 357 HOH HOH A . 
C 3 HOH 58 358 358 HOH HOH A . 
C 3 HOH 59 359 359 HOH HOH A . 
C 3 HOH 60 360 360 HOH HOH A . 
C 3 HOH 61 361 361 HOH HOH A . 
C 3 HOH 62 362 362 HOH HOH A . 
C 3 HOH 63 363 363 HOH HOH A . 
C 3 HOH 64 364 364 HOH HOH A . 
C 3 HOH 65 365 365 HOH HOH A . 
C 3 HOH 66 366 366 HOH HOH A . 
C 3 HOH 67 367 367 HOH HOH A . 
C 3 HOH 68 368 368 HOH HOH A . 
C 3 HOH 69 369 369 HOH HOH A . 
# 
loop_
_software.name 
_software.classification 
_software.version 
_software.citation_id 
_software.pdbx_ordinal 
SOLOMON   phasing          .     ? 1 
X-PLOR    'model building' 3.851 ? 2 
X-PLOR    refinement       3.851 ? 3 
DENZO     'data reduction' .     ? 4 
SCALEPACK 'data scaling'   .     ? 5 
X-PLOR    phasing          3.851 ? 6 
# 
_cell.entry_id           1WOD 
_cell.length_a           82.590 
_cell.length_b           82.590 
_cell.length_c           81.520 
_cell.angle_alpha        90.00 
_cell.angle_beta         90.00 
_cell.angle_gamma        120.00 
_cell.Z_PDB              6 
_cell.pdbx_unique_axis   ? 
# 
_symmetry.entry_id                         1WOD 
_symmetry.space_group_name_H-M             'P 32 2 1' 
_symmetry.pdbx_full_space_group_name_H-M   ? 
_symmetry.cell_setting                     ? 
_symmetry.Int_Tables_number                154 
# 
_exptl.entry_id          1WOD 
_exptl.method            'X-RAY DIFFRACTION' 
_exptl.crystals_number   1 
# 
_exptl_crystal.id                    1 
_exptl_crystal.density_meas          ? 
_exptl_crystal.density_Matthews      3.1 
_exptl_crystal.density_percent_sol   61.75 
_exptl_crystal.description           ? 
# 
_exptl_crystal_grow.crystal_id      1 
_exptl_crystal_grow.method          ? 
_exptl_crystal_grow.temp            ? 
_exptl_crystal_grow.temp_details    ? 
_exptl_crystal_grow.pH              4.7 
_exptl_crystal_grow.pdbx_pH_range   ? 
_exptl_crystal_grow.pdbx_details    '27.5% PEG 8000, 0.1M SODIUM ACETATE, PH 4.7, AND 2MM SODIUM TUNGSTATE' 
# 
_diffrn.id                     1 
_diffrn.ambient_temp           300 
_diffrn.ambient_temp_details   ? 
_diffrn.crystal_id             1 
# 
_diffrn_detector.diffrn_id              1 
_diffrn_detector.detector               'IMAGE PLATE' 
_diffrn_detector.type                   RIGAKU 
_diffrn_detector.pdbx_collection_date   1996-08 
_diffrn_detector.details                MIRRORS 
# 
_diffrn_radiation.diffrn_id                        1 
_diffrn_radiation.wavelength_id                    1 
_diffrn_radiation.pdbx_monochromatic_or_laue_m_l   M 
_diffrn_radiation.monochromator                    ? 
_diffrn_radiation.pdbx_diffrn_protocol             ? 
_diffrn_radiation.pdbx_scattering_type             x-ray 
# 
_diffrn_radiation_wavelength.id           1 
_diffrn_radiation_wavelength.wavelength   1.5418 
_diffrn_radiation_wavelength.wt           1.0 
# 
_diffrn_source.diffrn_id                   1 
_diffrn_source.source                      ? 
_diffrn_source.type                        ? 
_diffrn_source.pdbx_synchrotron_site       ? 
_diffrn_source.pdbx_synchrotron_beamline   ? 
_diffrn_source.pdbx_wavelength             1.5418 
_diffrn_source.pdbx_wavelength_list        ? 
# 
_reflns.entry_id                     1WOD 
_reflns.observed_criterion_sigma_I   ? 
_reflns.observed_criterion_sigma_F   ? 
_reflns.d_resolution_low             40.0 
_reflns.d_resolution_high            1.75 
_reflns.number_obs                   30630 
_reflns.number_all                   ? 
_reflns.percent_possible_obs         93.8 
_reflns.pdbx_Rmerge_I_obs            ? 
_reflns.pdbx_Rsym_value              0.0650000 
_reflns.pdbx_netI_over_sigmaI        21.0 
_reflns.B_iso_Wilson_estimate        24.7 
_reflns.pdbx_redundancy              4.1 
_reflns.pdbx_diffrn_id               1 
_reflns.pdbx_ordinal                 1 
# 
_reflns_shell.d_res_high             1.75 
_reflns_shell.d_res_low              1.83 
_reflns_shell.percent_possible_all   61.2 
_reflns_shell.Rmerge_I_obs           ? 
_reflns_shell.pdbx_Rsym_value        0.2630000 
_reflns_shell.meanI_over_sigI_obs    2.0 
_reflns_shell.pdbx_redundancy        1.7 
_reflns_shell.pdbx_diffrn_id         ? 
_reflns_shell.pdbx_ordinal           1 
# 
_refine.entry_id                                 1WOD 
_refine.ls_number_reflns_obs                     30630 
_refine.ls_number_reflns_all                     ? 
_refine.pdbx_ls_sigma_I                          ? 
_refine.pdbx_ls_sigma_F                          ? 
_refine.pdbx_data_cutoff_high_absF               ? 
_refine.pdbx_data_cutoff_low_absF                ? 
_refine.pdbx_data_cutoff_high_rms_absF           ? 
_refine.ls_d_res_low                             40.0 
_refine.ls_d_res_high                            1.75 
_refine.ls_percent_reflns_obs                    93.8 
_refine.ls_R_factor_obs                          0.1630000 
_refine.ls_R_factor_all                          ? 
_refine.ls_R_factor_R_work                       0.1630000 
_refine.ls_R_factor_R_free                       0.1870000 
_refine.ls_R_factor_R_free_error                 ? 
_refine.ls_R_factor_R_free_error_details         ? 
_refine.ls_percent_reflns_R_free                 5. 
_refine.ls_number_reflns_R_free                  ? 
_refine.ls_number_parameters                     ? 
_refine.ls_number_restraints                     ? 
_refine.occupancy_min                            ? 
_refine.occupancy_max                            ? 
_refine.B_iso_mean                               28.7 
_refine.aniso_B[1][1]                            ? 
_refine.aniso_B[2][2]                            ? 
_refine.aniso_B[3][3]                            ? 
_refine.aniso_B[1][2]                            ? 
_refine.aniso_B[1][3]                            ? 
_refine.aniso_B[2][3]                            ? 
_refine.solvent_model_details                    ? 
_refine.solvent_model_param_ksol                 ? 
_refine.solvent_model_param_bsol                 ? 
_refine.pdbx_ls_cross_valid_method               ? 
_refine.details                                  ? 
_refine.pdbx_starting_model                      ? 
_refine.pdbx_method_to_determine_struct          SIRAS 
_refine.pdbx_isotropic_thermal_model             ? 
_refine.pdbx_stereochemistry_target_values       ? 
_refine.pdbx_stereochem_target_val_spec_case     ? 
_refine.pdbx_R_Free_selection_details            RANDOM 
_refine.pdbx_overall_ESU_R                       ? 
_refine.pdbx_overall_ESU_R_Free                  ? 
_refine.overall_SU_ML                            ? 
_refine.overall_SU_B                             ? 
_refine.pdbx_refine_id                           'X-RAY DIFFRACTION' 
_refine.pdbx_diffrn_id                           1 
_refine.pdbx_TLS_residual_ADP_flag               ? 
_refine.correlation_coeff_Fo_to_Fc               ? 
_refine.correlation_coeff_Fo_to_Fc_free          ? 
_refine.pdbx_solvent_vdw_probe_radii             ? 
_refine.pdbx_solvent_ion_probe_radii             ? 
_refine.pdbx_solvent_shrinkage_radii             ? 
_refine.pdbx_overall_phase_error                 ? 
_refine.overall_SU_R_Cruickshank_DPI             ? 
_refine.pdbx_overall_SU_R_free_Cruickshank_DPI   ? 
_refine.pdbx_overall_SU_R_Blow_DPI               ? 
_refine.pdbx_overall_SU_R_free_Blow_DPI          ? 
# 
_refine_hist.pdbx_refine_id                   'X-RAY DIFFRACTION' 
_refine_hist.cycle_id                         LAST 
_refine_hist.pdbx_number_atoms_protein        1743 
_refine_hist.pdbx_number_atoms_nucleic_acid   0 
_refine_hist.pdbx_number_atoms_ligand         5 
_refine_hist.number_atoms_solvent             69 
_refine_hist.number_atoms_total               1817 
_refine_hist.d_res_high                       1.75 
_refine_hist.d_res_low                        40.0 
# 
loop_
_refine_ls_restr.type 
_refine_ls_restr.dev_ideal 
_refine_ls_restr.dev_ideal_target 
_refine_ls_restr.weight 
_refine_ls_restr.number 
_refine_ls_restr.pdbx_refine_id 
_refine_ls_restr.pdbx_restraint_function 
x_bond_d                0.010 ? ? ? 'X-RAY DIFFRACTION' ? 
x_bond_d_na             ?     ? ? ? 'X-RAY DIFFRACTION' ? 
x_bond_d_prot           ?     ? ? ? 'X-RAY DIFFRACTION' ? 
x_angle_d               ?     ? ? ? 'X-RAY DIFFRACTION' ? 
x_angle_d_na            ?     ? ? ? 'X-RAY DIFFRACTION' ? 
x_angle_d_prot          ?     ? ? ? 'X-RAY DIFFRACTION' ? 
x_angle_deg             1.57  ? ? ? 'X-RAY DIFFRACTION' ? 
x_angle_deg_na          ?     ? ? ? 'X-RAY DIFFRACTION' ? 
x_angle_deg_prot        ?     ? ? ? 'X-RAY DIFFRACTION' ? 
x_dihedral_angle_d      24.1  ? ? ? 'X-RAY DIFFRACTION' ? 
x_dihedral_angle_d_na   ?     ? ? ? 'X-RAY DIFFRACTION' ? 
x_dihedral_angle_d_prot ?     ? ? ? 'X-RAY DIFFRACTION' ? 
x_improper_angle_d      1.36  ? ? ? 'X-RAY DIFFRACTION' ? 
x_improper_angle_d_na   ?     ? ? ? 'X-RAY DIFFRACTION' ? 
x_improper_angle_d_prot ?     ? ? ? 'X-RAY DIFFRACTION' ? 
x_mcbond_it             ?     ? ? ? 'X-RAY DIFFRACTION' ? 
x_mcangle_it            ?     ? ? ? 'X-RAY DIFFRACTION' ? 
x_scbond_it             ?     ? ? ? 'X-RAY DIFFRACTION' ? 
x_scangle_it            ?     ? ? ? 'X-RAY DIFFRACTION' ? 
# 
_refine_ls_shell.pdbx_total_number_of_bins_used   8 
_refine_ls_shell.d_res_high                       1.75 
_refine_ls_shell.d_res_low                        1.83 
_refine_ls_shell.number_reflns_R_work             2304 
_refine_ls_shell.R_factor_R_work                  0.3830000 
_refine_ls_shell.percent_reflns_obs               ? 
_refine_ls_shell.R_factor_R_free                  0.4040000 
_refine_ls_shell.R_factor_R_free_error            ? 
_refine_ls_shell.percent_reflns_R_free            5. 
_refine_ls_shell.number_reflns_R_free             ? 
_refine_ls_shell.pdbx_refine_id                   'X-RAY DIFFRACTION' 
_refine_ls_shell.number_reflns_all                ? 
_refine_ls_shell.R_factor_all                     ? 
# 
loop_
_pdbx_xplor_file.serial_no 
_pdbx_xplor_file.param_file 
_pdbx_xplor_file.topol_file 
_pdbx_xplor_file.pdbx_refine_id 
1 PARHCSDX.PRO TOPHCSDX.PRO 'X-RAY DIFFRACTION' 
2 ?            ?            'X-RAY DIFFRACTION' 
# 
_struct.entry_id                  1WOD 
_struct.title                     'CRYSTAL STRUCTURE OF MODA, A MOLYBDATE PROTEIN, COMPLEXED WITH TUNGSTATE' 
_struct.pdbx_model_details        ? 
_struct.pdbx_CASP_flag            ? 
_struct.pdbx_model_type_details   ? 
# 
_struct_keywords.entry_id        1WOD 
_struct_keywords.pdbx_keywords   TRANSPORT 
_struct_keywords.text            'MOLYBDATE TRANSPORT PROTEIN, MOLYBDATE, TUNGSTATE, PERIPLASMIC, TRANSPORT' 
# 
loop_
_struct_asym.id 
_struct_asym.pdbx_blank_PDB_chainid_flag 
_struct_asym.pdbx_modified 
_struct_asym.entity_id 
_struct_asym.details 
A N N 1 ? 
B N N 2 ? 
C N N 3 ? 
# 
_struct_ref.id                         1 
_struct_ref.db_name                    UNP 
_struct_ref.db_code                    MODA_ECOLI 
_struct_ref.entity_id                  1 
_struct_ref.pdbx_db_accession          P37329 
_struct_ref.pdbx_align_begin           1 
_struct_ref.pdbx_seq_one_letter_code   
;MARKWLNLFAGAALSFAVAGNALADEGKITVFAAASLTNAMQDIATQFKKEKGVDVVSSFASSSTLARQIEAGAPADLFI
SADQKWMDYAVDKKAIDTATRQTLLGNSLVVVAPKASVQKDFTIDSKTNWTSLLNGGRLAVGDPEHVPAGIYAKEALQKL
GAWDTLSPKLAPAEDVRGALALVERNEAPLGIVYGSDAVASKGVKVVATFPEDSHKKVEYPVAVVEGHNNATVKAFYDYL
KGPQAAEIFKRYGFTIK
;
_struct_ref.pdbx_db_isoform            ? 
# 
_struct_ref_seq.align_id                      1 
_struct_ref_seq.ref_id                        1 
_struct_ref_seq.pdbx_PDB_id_code              1WOD 
_struct_ref_seq.pdbx_strand_id                A 
_struct_ref_seq.seq_align_beg                 1 
_struct_ref_seq.pdbx_seq_align_beg_ins_code   ? 
_struct_ref_seq.seq_align_end                 233 
_struct_ref_seq.pdbx_seq_align_end_ins_code   ? 
_struct_ref_seq.pdbx_db_accession             P37329 
_struct_ref_seq.db_align_beg                  25 
_struct_ref_seq.pdbx_db_align_beg_ins_code    ? 
_struct_ref_seq.db_align_end                  257 
_struct_ref_seq.pdbx_db_align_end_ins_code    ? 
_struct_ref_seq.pdbx_auth_seq_align_beg       1 
_struct_ref_seq.pdbx_auth_seq_align_end       233 
# 
_pdbx_struct_assembly.id                   1 
_pdbx_struct_assembly.details              author_defined_assembly 
_pdbx_struct_assembly.method_details       ? 
_pdbx_struct_assembly.oligomeric_details   monomeric 
_pdbx_struct_assembly.oligomeric_count     1 
# 
_pdbx_struct_assembly_gen.assembly_id       1 
_pdbx_struct_assembly_gen.oper_expression   1 
_pdbx_struct_assembly_gen.asym_id_list      A,B,C 
# 
_pdbx_struct_oper_list.id                   1 
_pdbx_struct_oper_list.type                 'identity operation' 
_pdbx_struct_oper_list.name                 1_555 
_pdbx_struct_oper_list.symmetry_operation   x,y,z 
_pdbx_struct_oper_list.matrix[1][1]         1.0000000000 
_pdbx_struct_oper_list.matrix[1][2]         0.0000000000 
_pdbx_struct_oper_list.matrix[1][3]         0.0000000000 
_pdbx_struct_oper_list.vector[1]            0.0000000000 
_pdbx_struct_oper_list.matrix[2][1]         0.0000000000 
_pdbx_struct_oper_list.matrix[2][2]         1.0000000000 
_pdbx_struct_oper_list.matrix[2][3]         0.0000000000 
_pdbx_struct_oper_list.vector[2]            0.0000000000 
_pdbx_struct_oper_list.matrix[3][1]         0.0000000000 
_pdbx_struct_oper_list.matrix[3][2]         0.0000000000 
_pdbx_struct_oper_list.matrix[3][3]         1.0000000000 
_pdbx_struct_oper_list.vector[3]            0.0000000000 
# 
_struct_biol.id   1 
# 
loop_
_struct_conf.conf_type_id 
_struct_conf.id 
_struct_conf.pdbx_PDB_helix_id 
_struct_conf.beg_label_comp_id 
_struct_conf.beg_label_asym_id 
_struct_conf.beg_label_seq_id 
_struct_conf.pdbx_beg_PDB_ins_code 
_struct_conf.end_label_comp_id 
_struct_conf.end_label_asym_id 
_struct_conf.end_label_seq_id 
_struct_conf.pdbx_end_PDB_ins_code 
_struct_conf.beg_auth_comp_id 
_struct_conf.beg_auth_asym_id 
_struct_conf.beg_auth_seq_id 
_struct_conf.end_auth_comp_id 
_struct_conf.end_auth_asym_id 
_struct_conf.end_auth_seq_id 
_struct_conf.pdbx_PDB_helix_class 
_struct_conf.details 
_struct_conf.pdbx_PDB_helix_length 
HELX_P HELX_P1  1  ALA A 11  ? LYS A 28  ? ALA A 11  LYS A 28  5 ? 18 
HELX_P HELX_P2  2  SER A 39  ? ALA A 48  ? SER A 39  ALA A 48  1 ? 10 
HELX_P HELX_P3  3  GLN A 60  ? ASP A 68  ? GLN A 60  ASP A 68  1 ? 9  
HELX_P HELX_P4  4  THR A 74  ? THR A 76  ? THR A 74  THR A 76  5 ? 3  
HELX_P HELX_P5  5  TRP A 106 ? LEU A 110 ? TRP A 106 LEU A 110 1 ? 5  
HELX_P HELX_P6  6  PRO A 124 ? LYS A 135 ? PRO A 124 LYS A 135 1 ? 12 
HELX_P HELX_P7  7  TRP A 139 ? LYS A 145 ? TRP A 139 LYS A 145 1 ? 7  
HELX_P HELX_P8  8  VAL A 152 ? GLU A 160 ? VAL A 152 GLU A 160 1 ? 9  
HELX_P HELX_P9  9  GLY A 171 ? ALA A 176 ? GLY A 171 ALA A 176 1 ? 6  
HELX_P HELX_P10 10 GLU A 188 ? SER A 190 ? GLU A 188 SER A 190 5 ? 3  
HELX_P HELX_P11 11 ALA A 207 ? LYS A 217 ? ALA A 207 LYS A 217 1 ? 11 
HELX_P HELX_P12 12 PRO A 219 ? ARG A 227 ? PRO A 219 ARG A 227 1 ? 9  
# 
_struct_conf_type.id          HELX_P 
_struct_conf_type.criteria    ? 
_struct_conf_type.reference   ? 
# 
loop_
_struct_sheet.id 
_struct_sheet.type 
_struct_sheet.number_strands 
_struct_sheet.details 
A ? 5 ? 
B ? 3 ? 
C ? 2 ? 
# 
loop_
_struct_sheet_order.sheet_id 
_struct_sheet_order.range_id_1 
_struct_sheet_order.range_id_2 
_struct_sheet_order.offset 
_struct_sheet_order.sense 
A 1 2 ? parallel      
A 2 3 ? parallel      
A 3 4 ? anti-parallel 
A 4 5 ? anti-parallel 
B 1 2 ? anti-parallel 
B 2 3 ? anti-parallel 
C 1 2 ? parallel      
# 
loop_
_struct_sheet_range.sheet_id 
_struct_sheet_range.id 
_struct_sheet_range.beg_label_comp_id 
_struct_sheet_range.beg_label_asym_id 
_struct_sheet_range.beg_label_seq_id 
_struct_sheet_range.pdbx_beg_PDB_ins_code 
_struct_sheet_range.end_label_comp_id 
_struct_sheet_range.end_label_asym_id 
_struct_sheet_range.end_label_seq_id 
_struct_sheet_range.pdbx_end_PDB_ins_code 
_struct_sheet_range.beg_auth_comp_id 
_struct_sheet_range.beg_auth_asym_id 
_struct_sheet_range.beg_auth_seq_id 
_struct_sheet_range.end_auth_comp_id 
_struct_sheet_range.end_auth_asym_id 
_struct_sheet_range.end_auth_seq_id 
A 1 ASP A 31  ? ALA A 37  ? ASP A 31  ALA A 37  
A 2 LYS A 4   ? ALA A 10  ? LYS A 4   ALA A 10  
A 3 LEU A 54  ? ILE A 56  ? LEU A 54  ILE A 56  
A 4 GLU A 195 ? VAL A 200 ? GLU A 195 VAL A 200 
A 5 GLN A 78  ? GLY A 82  ? GLN A 78  GLY A 82  
B 1 GLY A 167 ? TYR A 170 ? GLY A 167 TYR A 170 
B 2 LEU A 85  ? PRO A 90  ? LEU A 85  PRO A 90  
B 3 VAL A 180 ? THR A 185 ? VAL A 180 THR A 185 
C 1 LEU A 115 ? GLY A 118 ? LEU A 115 GLY A 118 
C 2 LEU A 146 ? ALA A 149 ? LEU A 146 ALA A 149 
# 
loop_
_pdbx_struct_sheet_hbond.sheet_id 
_pdbx_struct_sheet_hbond.range_id_1 
_pdbx_struct_sheet_hbond.range_id_2 
_pdbx_struct_sheet_hbond.range_1_label_atom_id 
_pdbx_struct_sheet_hbond.range_1_label_comp_id 
_pdbx_struct_sheet_hbond.range_1_label_asym_id 
_pdbx_struct_sheet_hbond.range_1_label_seq_id 
_pdbx_struct_sheet_hbond.range_1_PDB_ins_code 
_pdbx_struct_sheet_hbond.range_1_auth_atom_id 
_pdbx_struct_sheet_hbond.range_1_auth_comp_id 
_pdbx_struct_sheet_hbond.range_1_auth_asym_id 
_pdbx_struct_sheet_hbond.range_1_auth_seq_id 
_pdbx_struct_sheet_hbond.range_2_label_atom_id 
_pdbx_struct_sheet_hbond.range_2_label_comp_id 
_pdbx_struct_sheet_hbond.range_2_label_asym_id 
_pdbx_struct_sheet_hbond.range_2_label_seq_id 
_pdbx_struct_sheet_hbond.range_2_PDB_ins_code 
_pdbx_struct_sheet_hbond.range_2_auth_atom_id 
_pdbx_struct_sheet_hbond.range_2_auth_comp_id 
_pdbx_struct_sheet_hbond.range_2_auth_asym_id 
_pdbx_struct_sheet_hbond.range_2_auth_seq_id 
A 1 2 O ASP A 31  ? O ASP A 31  N ILE A 5   ? N ILE A 5   
A 2 3 O PHE A 8   ? O PHE A 8   N LEU A 54  ? N LEU A 54  
A 3 4 O PHE A 55  ? O PHE A 55  N ALA A 199 ? N ALA A 199 
A 4 5 O TYR A 196 ? O TYR A 196 N LEU A 81  ? N LEU A 81  
B 1 2 O GLY A 167 ? O GLY A 167 N VAL A 88  ? N VAL A 88  
B 2 3 O VAL A 87  ? O VAL A 87  N ALA A 184 ? N ALA A 184 
C 1 2 O LEU A 115 ? O LEU A 115 N ALA A 147 ? N ALA A 147 
# 
loop_
_struct_site.id 
_struct_site.pdbx_evidence_code 
_struct_site.pdbx_auth_asym_id 
_struct_site.pdbx_auth_comp_id 
_struct_site.pdbx_auth_seq_id 
_struct_site.pdbx_auth_ins_code 
_struct_site.pdbx_num_residues 
_struct_site.details 
TUN Unknown  ? ?   ?   ? 5  'TUNGSTATE BINDING SITE.'            
AC1 Software A WO4 234 ? 11 'BINDING SITE FOR RESIDUE WO4 A 234' 
# 
loop_
_struct_site_gen.id 
_struct_site_gen.site_id 
_struct_site_gen.pdbx_num_res 
_struct_site_gen.label_comp_id 
_struct_site_gen.label_asym_id 
_struct_site_gen.label_seq_id 
_struct_site_gen.pdbx_auth_ins_code 
_struct_site_gen.auth_comp_id 
_struct_site_gen.auth_asym_id 
_struct_site_gen.auth_seq_id 
_struct_site_gen.label_atom_id 
_struct_site_gen.label_alt_id 
_struct_site_gen.symmetry 
_struct_site_gen.details 
1  TUN 5  SER A 12  ? SER A 12  . ? 1_555 ? 
2  TUN 5  SER A 39  ? SER A 39  . ? 1_555 ? 
3  TUN 5  ALA A 125 ? ALA A 125 . ? 1_555 ? 
4  TUN 5  VAL A 152 ? VAL A 152 . ? 1_555 ? 
5  TUN 5  TYR A 170 ? TYR A 170 . ? 1_555 ? 
6  AC1 11 ALA A 10  ? ALA A 10  . ? 1_555 ? 
7  AC1 11 ALA A 11  ? ALA A 11  . ? 1_555 ? 
8  AC1 11 SER A 12  ? SER A 12  . ? 1_555 ? 
9  AC1 11 SER A 39  ? SER A 39  . ? 1_555 ? 
10 AC1 11 ALA A 58  ? ALA A 58  . ? 1_555 ? 
11 AC1 11 VAL A 123 ? VAL A 123 . ? 1_555 ? 
12 AC1 11 PRO A 124 ? PRO A 124 . ? 1_555 ? 
13 AC1 11 ALA A 125 ? ALA A 125 . ? 1_555 ? 
14 AC1 11 ASP A 151 ? ASP A 151 . ? 1_555 ? 
15 AC1 11 VAL A 152 ? VAL A 152 . ? 1_555 ? 
16 AC1 11 TYR A 170 ? TYR A 170 . ? 1_555 ? 
# 
_pdbx_validate_rmsd_angle.id                         1 
_pdbx_validate_rmsd_angle.PDB_model_num              1 
_pdbx_validate_rmsd_angle.auth_atom_id_1             CA 
_pdbx_validate_rmsd_angle.auth_asym_id_1             A 
_pdbx_validate_rmsd_angle.auth_comp_id_1             LEU 
_pdbx_validate_rmsd_angle.auth_seq_id_1              54 
_pdbx_validate_rmsd_angle.PDB_ins_code_1             ? 
_pdbx_validate_rmsd_angle.label_alt_id_1             ? 
_pdbx_validate_rmsd_angle.auth_atom_id_2             CB 
_pdbx_validate_rmsd_angle.auth_asym_id_2             A 
_pdbx_validate_rmsd_angle.auth_comp_id_2             LEU 
_pdbx_validate_rmsd_angle.auth_seq_id_2              54 
_pdbx_validate_rmsd_angle.PDB_ins_code_2             ? 
_pdbx_validate_rmsd_angle.label_alt_id_2             ? 
_pdbx_validate_rmsd_angle.auth_atom_id_3             CG 
_pdbx_validate_rmsd_angle.auth_asym_id_3             A 
_pdbx_validate_rmsd_angle.auth_comp_id_3             LEU 
_pdbx_validate_rmsd_angle.auth_seq_id_3              54 
_pdbx_validate_rmsd_angle.PDB_ins_code_3             ? 
_pdbx_validate_rmsd_angle.label_alt_id_3             ? 
_pdbx_validate_rmsd_angle.angle_value                129.86 
_pdbx_validate_rmsd_angle.angle_target_value         115.30 
_pdbx_validate_rmsd_angle.angle_deviation            14.56 
_pdbx_validate_rmsd_angle.angle_standard_deviation   2.30 
_pdbx_validate_rmsd_angle.linker_flag                N 
# 
loop_
_pdbx_validate_torsion.id 
_pdbx_validate_torsion.PDB_model_num 
_pdbx_validate_torsion.auth_comp_id 
_pdbx_validate_torsion.auth_asym_id 
_pdbx_validate_torsion.auth_seq_id 
_pdbx_validate_torsion.PDB_ins_code 
_pdbx_validate_torsion.label_alt_id 
_pdbx_validate_torsion.phi 
_pdbx_validate_torsion.psi 
1 1 ALA A 37  ? ? -173.47 -178.01 
2 1 LYS A 103 ? ? -116.63 59.49   
3 1 HIS A 122 ? ? -155.38 -19.70  
# 
loop_
_pdbx_unobs_or_zero_occ_residues.id 
_pdbx_unobs_or_zero_occ_residues.PDB_model_num 
_pdbx_unobs_or_zero_occ_residues.polymer_flag 
_pdbx_unobs_or_zero_occ_residues.occupancy_flag 
_pdbx_unobs_or_zero_occ_residues.auth_asym_id 
_pdbx_unobs_or_zero_occ_residues.auth_comp_id 
_pdbx_unobs_or_zero_occ_residues.auth_seq_id 
_pdbx_unobs_or_zero_occ_residues.PDB_ins_code 
_pdbx_unobs_or_zero_occ_residues.label_asym_id 
_pdbx_unobs_or_zero_occ_residues.label_comp_id 
_pdbx_unobs_or_zero_occ_residues.label_seq_id 
1 1 Y 1 A ASP 1 ? A ASP 1 
2 1 Y 1 A GLU 2 ? A GLU 2 
# 
loop_
_chem_comp_atom.comp_id 
_chem_comp_atom.atom_id 
_chem_comp_atom.type_symbol 
_chem_comp_atom.pdbx_aromatic_flag 
_chem_comp_atom.pdbx_stereo_config 
_chem_comp_atom.pdbx_ordinal 
ALA N    N N N 1   
ALA CA   C N S 2   
ALA C    C N N 3   
ALA O    O N N 4   
ALA CB   C N N 5   
ALA OXT  O N N 6   
ALA H    H N N 7   
ALA H2   H N N 8   
ALA HA   H N N 9   
ALA HB1  H N N 10  
ALA HB2  H N N 11  
ALA HB3  H N N 12  
ALA HXT  H N N 13  
ARG N    N N N 14  
ARG CA   C N S 15  
ARG C    C N N 16  
ARG O    O N N 17  
ARG CB   C N N 18  
ARG CG   C N N 19  
ARG CD   C N N 20  
ARG NE   N N N 21  
ARG CZ   C N N 22  
ARG NH1  N N N 23  
ARG NH2  N N N 24  
ARG OXT  O N N 25  
ARG H    H N N 26  
ARG H2   H N N 27  
ARG HA   H N N 28  
ARG HB2  H N N 29  
ARG HB3  H N N 30  
ARG HG2  H N N 31  
ARG HG3  H N N 32  
ARG HD2  H N N 33  
ARG HD3  H N N 34  
ARG HE   H N N 35  
ARG HH11 H N N 36  
ARG HH12 H N N 37  
ARG HH21 H N N 38  
ARG HH22 H N N 39  
ARG HXT  H N N 40  
ASN N    N N N 41  
ASN CA   C N S 42  
ASN C    C N N 43  
ASN O    O N N 44  
ASN CB   C N N 45  
ASN CG   C N N 46  
ASN OD1  O N N 47  
ASN ND2  N N N 48  
ASN OXT  O N N 49  
ASN H    H N N 50  
ASN H2   H N N 51  
ASN HA   H N N 52  
ASN HB2  H N N 53  
ASN HB3  H N N 54  
ASN HD21 H N N 55  
ASN HD22 H N N 56  
ASN HXT  H N N 57  
ASP N    N N N 58  
ASP CA   C N S 59  
ASP C    C N N 60  
ASP O    O N N 61  
ASP CB   C N N 62  
ASP CG   C N N 63  
ASP OD1  O N N 64  
ASP OD2  O N N 65  
ASP OXT  O N N 66  
ASP H    H N N 67  
ASP H2   H N N 68  
ASP HA   H N N 69  
ASP HB2  H N N 70  
ASP HB3  H N N 71  
ASP HD2  H N N 72  
ASP HXT  H N N 73  
GLN N    N N N 74  
GLN CA   C N S 75  
GLN C    C N N 76  
GLN O    O N N 77  
GLN CB   C N N 78  
GLN CG   C N N 79  
GLN CD   C N N 80  
GLN OE1  O N N 81  
GLN NE2  N N N 82  
GLN OXT  O N N 83  
GLN H    H N N 84  
GLN H2   H N N 85  
GLN HA   H N N 86  
GLN HB2  H N N 87  
GLN HB3  H N N 88  
GLN HG2  H N N 89  
GLN HG3  H N N 90  
GLN HE21 H N N 91  
GLN HE22 H N N 92  
GLN HXT  H N N 93  
GLU N    N N N 94  
GLU CA   C N S 95  
GLU C    C N N 96  
GLU O    O N N 97  
GLU CB   C N N 98  
GLU CG   C N N 99  
GLU CD   C N N 100 
GLU OE1  O N N 101 
GLU OE2  O N N 102 
GLU OXT  O N N 103 
GLU H    H N N 104 
GLU H2   H N N 105 
GLU HA   H N N 106 
GLU HB2  H N N 107 
GLU HB3  H N N 108 
GLU HG2  H N N 109 
GLU HG3  H N N 110 
GLU HE2  H N N 111 
GLU HXT  H N N 112 
GLY N    N N N 113 
GLY CA   C N N 114 
GLY C    C N N 115 
GLY O    O N N 116 
GLY OXT  O N N 117 
GLY H    H N N 118 
GLY H2   H N N 119 
GLY HA2  H N N 120 
GLY HA3  H N N 121 
GLY HXT  H N N 122 
HIS N    N N N 123 
HIS CA   C N S 124 
HIS C    C N N 125 
HIS O    O N N 126 
HIS CB   C N N 127 
HIS CG   C Y N 128 
HIS ND1  N Y N 129 
HIS CD2  C Y N 130 
HIS CE1  C Y N 131 
HIS NE2  N Y N 132 
HIS OXT  O N N 133 
HIS H    H N N 134 
HIS H2   H N N 135 
HIS HA   H N N 136 
HIS HB2  H N N 137 
HIS HB3  H N N 138 
HIS HD1  H N N 139 
HIS HD2  H N N 140 
HIS HE1  H N N 141 
HIS HE2  H N N 142 
HIS HXT  H N N 143 
HOH O    O N N 144 
HOH H1   H N N 145 
HOH H2   H N N 146 
ILE N    N N N 147 
ILE CA   C N S 148 
ILE C    C N N 149 
ILE O    O N N 150 
ILE CB   C N S 151 
ILE CG1  C N N 152 
ILE CG2  C N N 153 
ILE CD1  C N N 154 
ILE OXT  O N N 155 
ILE H    H N N 156 
ILE H2   H N N 157 
ILE HA   H N N 158 
ILE HB   H N N 159 
ILE HG12 H N N 160 
ILE HG13 H N N 161 
ILE HG21 H N N 162 
ILE HG22 H N N 163 
ILE HG23 H N N 164 
ILE HD11 H N N 165 
ILE HD12 H N N 166 
ILE HD13 H N N 167 
ILE HXT  H N N 168 
LEU N    N N N 169 
LEU CA   C N S 170 
LEU C    C N N 171 
LEU O    O N N 172 
LEU CB   C N N 173 
LEU CG   C N N 174 
LEU CD1  C N N 175 
LEU CD2  C N N 176 
LEU OXT  O N N 177 
LEU H    H N N 178 
LEU H2   H N N 179 
LEU HA   H N N 180 
LEU HB2  H N N 181 
LEU HB3  H N N 182 
LEU HG   H N N 183 
LEU HD11 H N N 184 
LEU HD12 H N N 185 
LEU HD13 H N N 186 
LEU HD21 H N N 187 
LEU HD22 H N N 188 
LEU HD23 H N N 189 
LEU HXT  H N N 190 
LYS N    N N N 191 
LYS CA   C N S 192 
LYS C    C N N 193 
LYS O    O N N 194 
LYS CB   C N N 195 
LYS CG   C N N 196 
LYS CD   C N N 197 
LYS CE   C N N 198 
LYS NZ   N N N 199 
LYS OXT  O N N 200 
LYS H    H N N 201 
LYS H2   H N N 202 
LYS HA   H N N 203 
LYS HB2  H N N 204 
LYS HB3  H N N 205 
LYS HG2  H N N 206 
LYS HG3  H N N 207 
LYS HD2  H N N 208 
LYS HD3  H N N 209 
LYS HE2  H N N 210 
LYS HE3  H N N 211 
LYS HZ1  H N N 212 
LYS HZ2  H N N 213 
LYS HZ3  H N N 214 
LYS HXT  H N N 215 
MET N    N N N 216 
MET CA   C N S 217 
MET C    C N N 218 
MET O    O N N 219 
MET CB   C N N 220 
MET CG   C N N 221 
MET SD   S N N 222 
MET CE   C N N 223 
MET OXT  O N N 224 
MET H    H N N 225 
MET H2   H N N 226 
MET HA   H N N 227 
MET HB2  H N N 228 
MET HB3  H N N 229 
MET HG2  H N N 230 
MET HG3  H N N 231 
MET HE1  H N N 232 
MET HE2  H N N 233 
MET HE3  H N N 234 
MET HXT  H N N 235 
PHE N    N N N 236 
PHE CA   C N S 237 
PHE C    C N N 238 
PHE O    O N N 239 
PHE CB   C N N 240 
PHE CG   C Y N 241 
PHE CD1  C Y N 242 
PHE CD2  C Y N 243 
PHE CE1  C Y N 244 
PHE CE2  C Y N 245 
PHE CZ   C Y N 246 
PHE OXT  O N N 247 
PHE H    H N N 248 
PHE H2   H N N 249 
PHE HA   H N N 250 
PHE HB2  H N N 251 
PHE HB3  H N N 252 
PHE HD1  H N N 253 
PHE HD2  H N N 254 
PHE HE1  H N N 255 
PHE HE2  H N N 256 
PHE HZ   H N N 257 
PHE HXT  H N N 258 
PRO N    N N N 259 
PRO CA   C N S 260 
PRO C    C N N 261 
PRO O    O N N 262 
PRO CB   C N N 263 
PRO CG   C N N 264 
PRO CD   C N N 265 
PRO OXT  O N N 266 
PRO H    H N N 267 
PRO HA   H N N 268 
PRO HB2  H N N 269 
PRO HB3  H N N 270 
PRO HG2  H N N 271 
PRO HG3  H N N 272 
PRO HD2  H N N 273 
PRO HD3  H N N 274 
PRO HXT  H N N 275 
SER N    N N N 276 
SER CA   C N S 277 
SER C    C N N 278 
SER O    O N N 279 
SER CB   C N N 280 
SER OG   O N N 281 
SER OXT  O N N 282 
SER H    H N N 283 
SER H2   H N N 284 
SER HA   H N N 285 
SER HB2  H N N 286 
SER HB3  H N N 287 
SER HG   H N N 288 
SER HXT  H N N 289 
THR N    N N N 290 
THR CA   C N S 291 
THR C    C N N 292 
THR O    O N N 293 
THR CB   C N R 294 
THR OG1  O N N 295 
THR CG2  C N N 296 
THR OXT  O N N 297 
THR H    H N N 298 
THR H2   H N N 299 
THR HA   H N N 300 
THR HB   H N N 301 
THR HG1  H N N 302 
THR HG21 H N N 303 
THR HG22 H N N 304 
THR HG23 H N N 305 
THR HXT  H N N 306 
TRP N    N N N 307 
TRP CA   C N S 308 
TRP C    C N N 309 
TRP O    O N N 310 
TRP CB   C N N 311 
TRP CG   C Y N 312 
TRP CD1  C Y N 313 
TRP CD2  C Y N 314 
TRP NE1  N Y N 315 
TRP CE2  C Y N 316 
TRP CE3  C Y N 317 
TRP CZ2  C Y N 318 
TRP CZ3  C Y N 319 
TRP CH2  C Y N 320 
TRP OXT  O N N 321 
TRP H    H N N 322 
TRP H2   H N N 323 
TRP HA   H N N 324 
TRP HB2  H N N 325 
TRP HB3  H N N 326 
TRP HD1  H N N 327 
TRP HE1  H N N 328 
TRP HE3  H N N 329 
TRP HZ2  H N N 330 
TRP HZ3  H N N 331 
TRP HH2  H N N 332 
TRP HXT  H N N 333 
TYR N    N N N 334 
TYR CA   C N S 335 
TYR C    C N N 336 
TYR O    O N N 337 
TYR CB   C N N 338 
TYR CG   C Y N 339 
TYR CD1  C Y N 340 
TYR CD2  C Y N 341 
TYR CE1  C Y N 342 
TYR CE2  C Y N 343 
TYR CZ   C Y N 344 
TYR OH   O N N 345 
TYR OXT  O N N 346 
TYR H    H N N 347 
TYR H2   H N N 348 
TYR HA   H N N 349 
TYR HB2  H N N 350 
TYR HB3  H N N 351 
TYR HD1  H N N 352 
TYR HD2  H N N 353 
TYR HE1  H N N 354 
TYR HE2  H N N 355 
TYR HH   H N N 356 
TYR HXT  H N N 357 
VAL N    N N N 358 
VAL CA   C N S 359 
VAL C    C N N 360 
VAL O    O N N 361 
VAL CB   C N N 362 
VAL CG1  C N N 363 
VAL CG2  C N N 364 
VAL OXT  O N N 365 
VAL H    H N N 366 
VAL H2   H N N 367 
VAL HA   H N N 368 
VAL HB   H N N 369 
VAL HG11 H N N 370 
VAL HG12 H N N 371 
VAL HG13 H N N 372 
VAL HG21 H N N 373 
VAL HG22 H N N 374 
VAL HG23 H N N 375 
VAL HXT  H N N 376 
WO4 W    W N N 377 
WO4 O1   O N N 378 
WO4 O2   O N N 379 
WO4 O3   O N N 380 
WO4 O4   O N N 381 
# 
loop_
_chem_comp_bond.comp_id 
_chem_comp_bond.atom_id_1 
_chem_comp_bond.atom_id_2 
_chem_comp_bond.value_order 
_chem_comp_bond.pdbx_aromatic_flag 
_chem_comp_bond.pdbx_stereo_config 
_chem_comp_bond.pdbx_ordinal 
ALA N   CA   sing N N 1   
ALA N   H    sing N N 2   
ALA N   H2   sing N N 3   
ALA CA  C    sing N N 4   
ALA CA  CB   sing N N 5   
ALA CA  HA   sing N N 6   
ALA C   O    doub N N 7   
ALA C   OXT  sing N N 8   
ALA CB  HB1  sing N N 9   
ALA CB  HB2  sing N N 10  
ALA CB  HB3  sing N N 11  
ALA OXT HXT  sing N N 12  
ARG N   CA   sing N N 13  
ARG N   H    sing N N 14  
ARG N   H2   sing N N 15  
ARG CA  C    sing N N 16  
ARG CA  CB   sing N N 17  
ARG CA  HA   sing N N 18  
ARG C   O    doub N N 19  
ARG C   OXT  sing N N 20  
ARG CB  CG   sing N N 21  
ARG CB  HB2  sing N N 22  
ARG CB  HB3  sing N N 23  
ARG CG  CD   sing N N 24  
ARG CG  HG2  sing N N 25  
ARG CG  HG3  sing N N 26  
ARG CD  NE   sing N N 27  
ARG CD  HD2  sing N N 28  
ARG CD  HD3  sing N N 29  
ARG NE  CZ   sing N N 30  
ARG NE  HE   sing N N 31  
ARG CZ  NH1  sing N N 32  
ARG CZ  NH2  doub N N 33  
ARG NH1 HH11 sing N N 34  
ARG NH1 HH12 sing N N 35  
ARG NH2 HH21 sing N N 36  
ARG NH2 HH22 sing N N 37  
ARG OXT HXT  sing N N 38  
ASN N   CA   sing N N 39  
ASN N   H    sing N N 40  
ASN N   H2   sing N N 41  
ASN CA  C    sing N N 42  
ASN CA  CB   sing N N 43  
ASN CA  HA   sing N N 44  
ASN C   O    doub N N 45  
ASN C   OXT  sing N N 46  
ASN CB  CG   sing N N 47  
ASN CB  HB2  sing N N 48  
ASN CB  HB3  sing N N 49  
ASN CG  OD1  doub N N 50  
ASN CG  ND2  sing N N 51  
ASN ND2 HD21 sing N N 52  
ASN ND2 HD22 sing N N 53  
ASN OXT HXT  sing N N 54  
ASP N   CA   sing N N 55  
ASP N   H    sing N N 56  
ASP N   H2   sing N N 57  
ASP CA  C    sing N N 58  
ASP CA  CB   sing N N 59  
ASP CA  HA   sing N N 60  
ASP C   O    doub N N 61  
ASP C   OXT  sing N N 62  
ASP CB  CG   sing N N 63  
ASP CB  HB2  sing N N 64  
ASP CB  HB3  sing N N 65  
ASP CG  OD1  doub N N 66  
ASP CG  OD2  sing N N 67  
ASP OD2 HD2  sing N N 68  
ASP OXT HXT  sing N N 69  
GLN N   CA   sing N N 70  
GLN N   H    sing N N 71  
GLN N   H2   sing N N 72  
GLN CA  C    sing N N 73  
GLN CA  CB   sing N N 74  
GLN CA  HA   sing N N 75  
GLN C   O    doub N N 76  
GLN C   OXT  sing N N 77  
GLN CB  CG   sing N N 78  
GLN CB  HB2  sing N N 79  
GLN CB  HB3  sing N N 80  
GLN CG  CD   sing N N 81  
GLN CG  HG2  sing N N 82  
GLN CG  HG3  sing N N 83  
GLN CD  OE1  doub N N 84  
GLN CD  NE2  sing N N 85  
GLN NE2 HE21 sing N N 86  
GLN NE2 HE22 sing N N 87  
GLN OXT HXT  sing N N 88  
GLU N   CA   sing N N 89  
GLU N   H    sing N N 90  
GLU N   H2   sing N N 91  
GLU CA  C    sing N N 92  
GLU CA  CB   sing N N 93  
GLU CA  HA   sing N N 94  
GLU C   O    doub N N 95  
GLU C   OXT  sing N N 96  
GLU CB  CG   sing N N 97  
GLU CB  HB2  sing N N 98  
GLU CB  HB3  sing N N 99  
GLU CG  CD   sing N N 100 
GLU CG  HG2  sing N N 101 
GLU CG  HG3  sing N N 102 
GLU CD  OE1  doub N N 103 
GLU CD  OE2  sing N N 104 
GLU OE2 HE2  sing N N 105 
GLU OXT HXT  sing N N 106 
GLY N   CA   sing N N 107 
GLY N   H    sing N N 108 
GLY N   H2   sing N N 109 
GLY CA  C    sing N N 110 
GLY CA  HA2  sing N N 111 
GLY CA  HA3  sing N N 112 
GLY C   O    doub N N 113 
GLY C   OXT  sing N N 114 
GLY OXT HXT  sing N N 115 
HIS N   CA   sing N N 116 
HIS N   H    sing N N 117 
HIS N   H2   sing N N 118 
HIS CA  C    sing N N 119 
HIS CA  CB   sing N N 120 
HIS CA  HA   sing N N 121 
HIS C   O    doub N N 122 
HIS C   OXT  sing N N 123 
HIS CB  CG   sing N N 124 
HIS CB  HB2  sing N N 125 
HIS CB  HB3  sing N N 126 
HIS CG  ND1  sing Y N 127 
HIS CG  CD2  doub Y N 128 
HIS ND1 CE1  doub Y N 129 
HIS ND1 HD1  sing N N 130 
HIS CD2 NE2  sing Y N 131 
HIS CD2 HD2  sing N N 132 
HIS CE1 NE2  sing Y N 133 
HIS CE1 HE1  sing N N 134 
HIS NE2 HE2  sing N N 135 
HIS OXT HXT  sing N N 136 
HOH O   H1   sing N N 137 
HOH O   H2   sing N N 138 
ILE N   CA   sing N N 139 
ILE N   H    sing N N 140 
ILE N   H2   sing N N 141 
ILE CA  C    sing N N 142 
ILE CA  CB   sing N N 143 
ILE CA  HA   sing N N 144 
ILE C   O    doub N N 145 
ILE C   OXT  sing N N 146 
ILE CB  CG1  sing N N 147 
ILE CB  CG2  sing N N 148 
ILE CB  HB   sing N N 149 
ILE CG1 CD1  sing N N 150 
ILE CG1 HG12 sing N N 151 
ILE CG1 HG13 sing N N 152 
ILE CG2 HG21 sing N N 153 
ILE CG2 HG22 sing N N 154 
ILE CG2 HG23 sing N N 155 
ILE CD1 HD11 sing N N 156 
ILE CD1 HD12 sing N N 157 
ILE CD1 HD13 sing N N 158 
ILE OXT HXT  sing N N 159 
LEU N   CA   sing N N 160 
LEU N   H    sing N N 161 
LEU N   H2   sing N N 162 
LEU CA  C    sing N N 163 
LEU CA  CB   sing N N 164 
LEU CA  HA   sing N N 165 
LEU C   O    doub N N 166 
LEU C   OXT  sing N N 167 
LEU CB  CG   sing N N 168 
LEU CB  HB2  sing N N 169 
LEU CB  HB3  sing N N 170 
LEU CG  CD1  sing N N 171 
LEU CG  CD2  sing N N 172 
LEU CG  HG   sing N N 173 
LEU CD1 HD11 sing N N 174 
LEU CD1 HD12 sing N N 175 
LEU CD1 HD13 sing N N 176 
LEU CD2 HD21 sing N N 177 
LEU CD2 HD22 sing N N 178 
LEU CD2 HD23 sing N N 179 
LEU OXT HXT  sing N N 180 
LYS N   CA   sing N N 181 
LYS N   H    sing N N 182 
LYS N   H2   sing N N 183 
LYS CA  C    sing N N 184 
LYS CA  CB   sing N N 185 
LYS CA  HA   sing N N 186 
LYS C   O    doub N N 187 
LYS C   OXT  sing N N 188 
LYS CB  CG   sing N N 189 
LYS CB  HB2  sing N N 190 
LYS CB  HB3  sing N N 191 
LYS CG  CD   sing N N 192 
LYS CG  HG2  sing N N 193 
LYS CG  HG3  sing N N 194 
LYS CD  CE   sing N N 195 
LYS CD  HD2  sing N N 196 
LYS CD  HD3  sing N N 197 
LYS CE  NZ   sing N N 198 
LYS CE  HE2  sing N N 199 
LYS CE  HE3  sing N N 200 
LYS NZ  HZ1  sing N N 201 
LYS NZ  HZ2  sing N N 202 
LYS NZ  HZ3  sing N N 203 
LYS OXT HXT  sing N N 204 
MET N   CA   sing N N 205 
MET N   H    sing N N 206 
MET N   H2   sing N N 207 
MET CA  C    sing N N 208 
MET CA  CB   sing N N 209 
MET CA  HA   sing N N 210 
MET C   O    doub N N 211 
MET C   OXT  sing N N 212 
MET CB  CG   sing N N 213 
MET CB  HB2  sing N N 214 
MET CB  HB3  sing N N 215 
MET CG  SD   sing N N 216 
MET CG  HG2  sing N N 217 
MET CG  HG3  sing N N 218 
MET SD  CE   sing N N 219 
MET CE  HE1  sing N N 220 
MET CE  HE2  sing N N 221 
MET CE  HE3  sing N N 222 
MET OXT HXT  sing N N 223 
PHE N   CA   sing N N 224 
PHE N   H    sing N N 225 
PHE N   H2   sing N N 226 
PHE CA  C    sing N N 227 
PHE CA  CB   sing N N 228 
PHE CA  HA   sing N N 229 
PHE C   O    doub N N 230 
PHE C   OXT  sing N N 231 
PHE CB  CG   sing N N 232 
PHE CB  HB2  sing N N 233 
PHE CB  HB3  sing N N 234 
PHE CG  CD1  doub Y N 235 
PHE CG  CD2  sing Y N 236 
PHE CD1 CE1  sing Y N 237 
PHE CD1 HD1  sing N N 238 
PHE CD2 CE2  doub Y N 239 
PHE CD2 HD2  sing N N 240 
PHE CE1 CZ   doub Y N 241 
PHE CE1 HE1  sing N N 242 
PHE CE2 CZ   sing Y N 243 
PHE CE2 HE2  sing N N 244 
PHE CZ  HZ   sing N N 245 
PHE OXT HXT  sing N N 246 
PRO N   CA   sing N N 247 
PRO N   CD   sing N N 248 
PRO N   H    sing N N 249 
PRO CA  C    sing N N 250 
PRO CA  CB   sing N N 251 
PRO CA  HA   sing N N 252 
PRO C   O    doub N N 253 
PRO C   OXT  sing N N 254 
PRO CB  CG   sing N N 255 
PRO CB  HB2  sing N N 256 
PRO CB  HB3  sing N N 257 
PRO CG  CD   sing N N 258 
PRO CG  HG2  sing N N 259 
PRO CG  HG3  sing N N 260 
PRO CD  HD2  sing N N 261 
PRO CD  HD3  sing N N 262 
PRO OXT HXT  sing N N 263 
SER N   CA   sing N N 264 
SER N   H    sing N N 265 
SER N   H2   sing N N 266 
SER CA  C    sing N N 267 
SER CA  CB   sing N N 268 
SER CA  HA   sing N N 269 
SER C   O    doub N N 270 
SER C   OXT  sing N N 271 
SER CB  OG   sing N N 272 
SER CB  HB2  sing N N 273 
SER CB  HB3  sing N N 274 
SER OG  HG   sing N N 275 
SER OXT HXT  sing N N 276 
THR N   CA   sing N N 277 
THR N   H    sing N N 278 
THR N   H2   sing N N 279 
THR CA  C    sing N N 280 
THR CA  CB   sing N N 281 
THR CA  HA   sing N N 282 
THR C   O    doub N N 283 
THR C   OXT  sing N N 284 
THR CB  OG1  sing N N 285 
THR CB  CG2  sing N N 286 
THR CB  HB   sing N N 287 
THR OG1 HG1  sing N N 288 
THR CG2 HG21 sing N N 289 
THR CG2 HG22 sing N N 290 
THR CG2 HG23 sing N N 291 
THR OXT HXT  sing N N 292 
TRP N   CA   sing N N 293 
TRP N   H    sing N N 294 
TRP N   H2   sing N N 295 
TRP CA  C    sing N N 296 
TRP CA  CB   sing N N 297 
TRP CA  HA   sing N N 298 
TRP C   O    doub N N 299 
TRP C   OXT  sing N N 300 
TRP CB  CG   sing N N 301 
TRP CB  HB2  sing N N 302 
TRP CB  HB3  sing N N 303 
TRP CG  CD1  doub Y N 304 
TRP CG  CD2  sing Y N 305 
TRP CD1 NE1  sing Y N 306 
TRP CD1 HD1  sing N N 307 
TRP CD2 CE2  doub Y N 308 
TRP CD2 CE3  sing Y N 309 
TRP NE1 CE2  sing Y N 310 
TRP NE1 HE1  sing N N 311 
TRP CE2 CZ2  sing Y N 312 
TRP CE3 CZ3  doub Y N 313 
TRP CE3 HE3  sing N N 314 
TRP CZ2 CH2  doub Y N 315 
TRP CZ2 HZ2  sing N N 316 
TRP CZ3 CH2  sing Y N 317 
TRP CZ3 HZ3  sing N N 318 
TRP CH2 HH2  sing N N 319 
TRP OXT HXT  sing N N 320 
TYR N   CA   sing N N 321 
TYR N   H    sing N N 322 
TYR N   H2   sing N N 323 
TYR CA  C    sing N N 324 
TYR CA  CB   sing N N 325 
TYR CA  HA   sing N N 326 
TYR C   O    doub N N 327 
TYR C   OXT  sing N N 328 
TYR CB  CG   sing N N 329 
TYR CB  HB2  sing N N 330 
TYR CB  HB3  sing N N 331 
TYR CG  CD1  doub Y N 332 
TYR CG  CD2  sing Y N 333 
TYR CD1 CE1  sing Y N 334 
TYR CD1 HD1  sing N N 335 
TYR CD2 CE2  doub Y N 336 
TYR CD2 HD2  sing N N 337 
TYR CE1 CZ   doub Y N 338 
TYR CE1 HE1  sing N N 339 
TYR CE2 CZ   sing Y N 340 
TYR CE2 HE2  sing N N 341 
TYR CZ  OH   sing N N 342 
TYR OH  HH   sing N N 343 
TYR OXT HXT  sing N N 344 
VAL N   CA   sing N N 345 
VAL N   H    sing N N 346 
VAL N   H2   sing N N 347 
VAL CA  C    sing N N 348 
VAL CA  CB   sing N N 349 
VAL CA  HA   sing N N 350 
VAL C   O    doub N N 351 
VAL C   OXT  sing N N 352 
VAL CB  CG1  sing N N 353 
VAL CB  CG2  sing N N 354 
VAL CB  HB   sing N N 355 
VAL CG1 HG11 sing N N 356 
VAL CG1 HG12 sing N N 357 
VAL CG1 HG13 sing N N 358 
VAL CG2 HG21 sing N N 359 
VAL CG2 HG22 sing N N 360 
VAL CG2 HG23 sing N N 361 
VAL OXT HXT  sing N N 362 
WO4 W   O1   doub N N 363 
WO4 W   O2   doub N N 364 
WO4 W   O3   sing N N 365 
WO4 W   O4   sing N N 366 
# 
_atom_sites.entry_id                    1WOD 
_atom_sites.fract_transf_matrix[1][1]   -0.00328758 
_atom_sites.fract_transf_matrix[1][2]   -0.00681489 
_atom_sites.fract_transf_matrix[1][3]   -0.01175699 
_atom_sites.fract_transf_matrix[2][1]   0.01008972 
_atom_sites.fract_transf_matrix[2][2]   -0.00563455 
_atom_sites.fract_transf_matrix[2][3]   -0.00786878 
_atom_sites.fract_transf_matrix[3][1]   -0.00091455 
_atom_sites.fract_transf_matrix[3][2]   -0.01047075 
_atom_sites.fract_transf_matrix[3][3]   0.00632506 
_atom_sites.fract_transf_vector[1]      0.658322 
_atom_sites.fract_transf_vector[2]      0.490926 
_atom_sites.fract_transf_vector[3]      0.321579 
# 
loop_
_atom_type.symbol 
C 
N 
O 
S 
W 
# 
loop_
_atom_site.group_PDB 
_atom_site.id 
_atom_site.type_symbol 
_atom_site.label_atom_id 
_atom_site.label_alt_id 
_atom_site.label_comp_id 
_atom_site.label_asym_id 
_atom_site.label_entity_id 
_atom_site.label_seq_id 
_atom_site.pdbx_PDB_ins_code 
_atom_site.Cartn_x 
_atom_site.Cartn_y 
_atom_site.Cartn_z 
_atom_site.occupancy 
_atom_site.B_iso_or_equiv 
_atom_site.pdbx_formal_charge 
_atom_site.auth_seq_id 
_atom_site.auth_comp_id 
_atom_site.auth_asym_id 
_atom_site.auth_atom_id 
_atom_site.pdbx_PDB_model_num 
ATOM   1    N N   . GLY A 1 3   ? -26.923 -1.639  -8.664  1.00 62.74 ? 3   GLY A N   1 
ATOM   2    C CA  . GLY A 1 3   ? -26.495 -2.798  -7.835  1.00 64.05 ? 3   GLY A CA  1 
ATOM   3    C C   . GLY A 1 3   ? -25.486 -2.340  -6.792  1.00 62.92 ? 3   GLY A C   1 
ATOM   4    O O   . GLY A 1 3   ? -25.503 -1.180  -6.350  1.00 62.97 ? 3   GLY A O   1 
ATOM   5    N N   . LYS A 1 4   ? -24.547 -3.227  -6.486  1.00 58.69 ? 4   LYS A N   1 
ATOM   6    C CA  . LYS A 1 4   ? -23.510 -2.986  -5.496  1.00 49.43 ? 4   LYS A CA  1 
ATOM   7    C C   . LYS A 1 4   ? -22.162 -3.520  -6.045  1.00 46.40 ? 4   LYS A C   1 
ATOM   8    O O   . LYS A 1 4   ? -22.122 -4.589  -6.657  1.00 49.62 ? 4   LYS A O   1 
ATOM   9    C CB  . LYS A 1 4   ? -23.918 -3.733  -4.225  1.00 45.03 ? 4   LYS A CB  1 
ATOM   10   C CG  . LYS A 1 4   ? -23.213 -3.313  -2.976  1.00 52.67 ? 4   LYS A CG  1 
ATOM   11   C CD  . LYS A 1 4   ? -23.621 -4.210  -1.809  1.00 66.55 ? 4   LYS A CD  1 
ATOM   12   C CE  . LYS A 1 4   ? -25.108 -4.091  -1.464  1.00 69.67 ? 4   LYS A CE  1 
ATOM   13   N NZ  . LYS A 1 4   ? -25.461 -2.738  -0.937  1.00 69.78 ? 4   LYS A NZ  1 
ATOM   14   N N   . ILE A 1 5   ? -21.078 -2.763  -5.867  1.00 39.56 ? 5   ILE A N   1 
ATOM   15   C CA  . ILE A 1 5   ? -19.737 -3.162  -6.330  1.00 33.87 ? 5   ILE A CA  1 
ATOM   16   C C   . ILE A 1 5   ? -18.859 -3.473  -5.117  1.00 30.52 ? 5   ILE A C   1 
ATOM   17   O O   . ILE A 1 5   ? -18.909 -2.749  -4.139  1.00 31.01 ? 5   ILE A O   1 
ATOM   18   C CB  . ILE A 1 5   ? -19.066 -2.026  -7.132  1.00 31.57 ? 5   ILE A CB  1 
ATOM   19   C CG1 . ILE A 1 5   ? -19.855 -1.757  -8.400  1.00 32.99 ? 5   ILE A CG1 1 
ATOM   20   C CG2 . ILE A 1 5   ? -17.659 -2.384  -7.520  1.00 31.95 ? 5   ILE A CG2 1 
ATOM   21   C CD1 . ILE A 1 5   ? -19.359 -0.566  -9.156  1.00 37.63 ? 5   ILE A CD1 1 
ATOM   22   N N   . THR A 1 6   ? -18.098 -4.564  -5.171  1.00 26.88 ? 6   THR A N   1 
ATOM   23   C CA  . THR A 1 6   ? -17.202 -4.963  -4.092  1.00 26.37 ? 6   THR A CA  1 
ATOM   24   C C   . THR A 1 6   ? -15.757 -4.813  -4.590  1.00 27.65 ? 6   THR A C   1 
ATOM   25   O O   . THR A 1 6   ? -15.370 -5.422  -5.587  1.00 27.08 ? 6   THR A O   1 
ATOM   26   C CB  . THR A 1 6   ? -17.459 -6.419  -3.674  1.00 28.14 ? 6   THR A CB  1 
ATOM   27   O OG1 . THR A 1 6   ? -18.829 -6.559  -3.306  1.00 31.79 ? 6   THR A OG1 1 
ATOM   28   C CG2 . THR A 1 6   ? -16.600 -6.809  -2.484  1.00 26.84 ? 6   THR A CG2 1 
ATOM   29   N N   . VAL A 1 7   ? -14.979 -3.973  -3.914  1.00 22.57 ? 7   VAL A N   1 
ATOM   30   C CA  . VAL A 1 7   ? -13.594 -3.722  -4.278  1.00 19.72 ? 7   VAL A CA  1 
ATOM   31   C C   . VAL A 1 7   ? -12.678 -4.288  -3.206  1.00 23.69 ? 7   VAL A C   1 
ATOM   32   O O   . VAL A 1 7   ? -12.932 -4.089  -2.020  1.00 28.07 ? 7   VAL A O   1 
ATOM   33   C CB  . VAL A 1 7   ? -13.320 -2.204  -4.361  1.00 23.98 ? 7   VAL A CB  1 
ATOM   34   C CG1 . VAL A 1 7   ? -11.844 -1.928  -4.674  1.00 26.47 ? 7   VAL A CG1 1 
ATOM   35   C CG2 . VAL A 1 7   ? -14.197 -1.578  -5.405  1.00 28.28 ? 7   VAL A CG2 1 
ATOM   36   N N   . PHE A 1 8   ? -11.659 -5.046  -3.608  1.00 25.17 ? 8   PHE A N   1 
ATOM   37   C CA  . PHE A 1 8   ? -10.663 -5.584  -2.673  1.00 21.27 ? 8   PHE A CA  1 
ATOM   38   C C   . PHE A 1 8   ? -9.467  -4.712  -2.986  1.00 20.99 ? 8   PHE A C   1 
ATOM   39   O O   . PHE A 1 8   ? -8.925  -4.764  -4.112  1.00 21.39 ? 8   PHE A O   1 
ATOM   40   C CB  . PHE A 1 8   ? -10.313 -7.055  -2.966  1.00 18.30 ? 8   PHE A CB  1 
ATOM   41   C CG  . PHE A 1 8   ? -11.224 -8.053  -2.306  1.00 18.56 ? 8   PHE A CG  1 
ATOM   42   C CD1 . PHE A 1 8   ? -12.489 -7.680  -1.836  1.00 21.36 ? 8   PHE A CD1 1 
ATOM   43   C CD2 . PHE A 1 8   ? -10.806 -9.372  -2.132  1.00 27.32 ? 8   PHE A CD2 1 
ATOM   44   C CE1 . PHE A 1 8   ? -13.330 -8.600  -1.200  1.00 22.23 ? 8   PHE A CE1 1 
ATOM   45   C CE2 . PHE A 1 8   ? -11.634 -10.311 -1.497  1.00 25.16 ? 8   PHE A CE2 1 
ATOM   46   C CZ  . PHE A 1 8   ? -12.899 -9.922  -1.027  1.00 28.52 ? 8   PHE A CZ  1 
ATOM   47   N N   . ALA A 1 9   ? -9.051  -3.909  -2.010  1.00 21.59 ? 9   ALA A N   1 
ATOM   48   C CA  . ALA A 1 9   ? -7.935  -3.001  -2.223  1.00 20.95 ? 9   ALA A CA  1 
ATOM   49   C C   . ALA A 1 9   ? -6.858  -3.060  -1.145  1.00 22.88 ? 9   ALA A C   1 
ATOM   50   O O   . ALA A 1 9   ? -7.166  -3.261  0.036   1.00 21.95 ? 9   ALA A O   1 
ATOM   51   C CB  . ALA A 1 9   ? -8.465  -1.579  -2.343  1.00 21.01 ? 9   ALA A CB  1 
ATOM   52   N N   . ALA A 1 10  ? -5.602  -2.871  -1.564  1.00 19.72 ? 10  ALA A N   1 
ATOM   53   C CA  . ALA A 1 10  ? -4.437  -2.844  -0.666  1.00 18.20 ? 10  ALA A CA  1 
ATOM   54   C C   . ALA A 1 10  ? -4.744  -1.898  0.484   1.00 16.87 ? 10  ALA A C   1 
ATOM   55   O O   . ALA A 1 10  ? -5.344  -0.842  0.279   1.00 24.00 ? 10  ALA A O   1 
ATOM   56   C CB  . ALA A 1 10  ? -3.227  -2.345  -1.426  1.00 19.42 ? 10  ALA A CB  1 
ATOM   57   N N   . ALA A 1 11  ? -4.293  -2.246  1.683   1.00 21.43 ? 11  ALA A N   1 
ATOM   58   C CA  . ALA A 1 11  ? -4.565  -1.431  2.863   1.00 20.42 ? 11  ALA A CA  1 
ATOM   59   C C   . ALA A 1 11  ? -4.147  0.037   2.711   1.00 20.55 ? 11  ALA A C   1 
ATOM   60   O O   . ALA A 1 11  ? -4.840  0.922   3.209   1.00 22.69 ? 11  ALA A O   1 
ATOM   61   C CB  . ALA A 1 11  ? -3.951  -2.057  4.092   1.00 18.14 ? 11  ALA A CB  1 
ATOM   62   N N   . SER A 1 12  ? -3.057  0.300   1.996   1.00 20.85 ? 12  SER A N   1 
ATOM   63   C CA  . SER A 1 12  ? -2.605  1.665   1.782   1.00 18.62 ? 12  SER A CA  1 
ATOM   64   C C   . SER A 1 12  ? -3.626  2.545   1.022   1.00 24.32 ? 12  SER A C   1 
ATOM   65   O O   . SER A 1 12  ? -3.522  3.770   1.050   1.00 24.43 ? 12  SER A O   1 
ATOM   66   C CB  . SER A 1 12  ? -1.256  1.683   1.075   1.00 16.84 ? 12  SER A CB  1 
ATOM   67   O OG  . SER A 1 12  ? -1.244  0.912   -0.113  1.00 22.45 ? 12  SER A OG  1 
ATOM   68   N N   . LEU A 1 13  ? -4.633  1.935   0.397   1.00 21.94 ? 13  LEU A N   1 
ATOM   69   C CA  . LEU A 1 13  ? -5.656  2.689   -0.341  1.00 22.32 ? 13  LEU A CA  1 
ATOM   70   C C   . LEU A 1 13  ? -6.888  3.027   0.496   1.00 22.28 ? 13  LEU A C   1 
ATOM   71   O O   . LEU A 1 13  ? -7.828  3.635   -0.006  1.00 21.82 ? 13  LEU A O   1 
ATOM   72   C CB  . LEU A 1 13  ? -6.108  1.904   -1.579  1.00 22.77 ? 13  LEU A CB  1 
ATOM   73   C CG  . LEU A 1 13  ? -5.057  1.808   -2.680  1.00 27.55 ? 13  LEU A CG  1 
ATOM   74   C CD1 . LEU A 1 13  ? -5.432  0.727   -3.673  1.00 28.11 ? 13  LEU A CD1 1 
ATOM   75   C CD2 . LEU A 1 13  ? -4.932  3.155   -3.360  1.00 26.40 ? 13  LEU A CD2 1 
ATOM   76   N N   . THR A 1 14  ? -6.883  2.663   1.774   1.00 26.35 ? 14  THR A N   1 
ATOM   77   C CA  . THR A 1 14  ? -8.032  2.886   2.657   1.00 23.39 ? 14  THR A CA  1 
ATOM   78   C C   . THR A 1 14  ? -8.757  4.226   2.552   1.00 25.57 ? 14  THR A C   1 
ATOM   79   O O   . THR A 1 14  ? -9.950  4.268   2.274   1.00 28.76 ? 14  THR A O   1 
ATOM   80   C CB  . THR A 1 14  ? -7.669  2.658   4.137   1.00 22.93 ? 14  THR A CB  1 
ATOM   81   O OG1 . THR A 1 14  ? -7.160  1.333   4.304   1.00 22.79 ? 14  THR A OG1 1 
ATOM   82   C CG2 . THR A 1 14  ? -8.881  2.813   5.006   1.00 22.37 ? 14  THR A CG2 1 
ATOM   83   N N   . ASN A 1 15  ? -8.034  5.320   2.746   1.00 27.14 ? 15  ASN A N   1 
ATOM   84   C CA  . ASN A 1 15  ? -8.649  6.645   2.740   1.00 25.86 ? 15  ASN A CA  1 
ATOM   85   C C   . ASN A 1 15  ? -9.074  7.105   1.362   1.00 24.95 ? 15  ASN A C   1 
ATOM   86   O O   . ASN A 1 15  ? -10.197 7.574   1.176   1.00 27.28 ? 15  ASN A O   1 
ATOM   87   C CB  . ASN A 1 15  ? -7.693  7.647   3.374   1.00 27.54 ? 15  ASN A CB  1 
ATOM   88   C CG  . ASN A 1 15  ? -7.215  7.195   4.745   1.00 32.64 ? 15  ASN A CG  1 
ATOM   89   O OD1 . ASN A 1 15  ? -6.208  6.504   4.862   1.00 33.90 ? 15  ASN A OD1 1 
ATOM   90   N ND2 . ASN A 1 15  ? -7.966  7.542   5.779   1.00 29.32 ? 15  ASN A ND2 1 
ATOM   91   N N   . ALA A 1 16  ? -8.189  6.958   0.389   1.00 22.80 ? 16  ALA A N   1 
ATOM   92   C CA  . ALA A 1 16  ? -8.512  7.369   -0.961  1.00 25.57 ? 16  ALA A CA  1 
ATOM   93   C C   . ALA A 1 16  ? -9.738  6.612   -1.474  1.00 28.03 ? 16  ALA A C   1 
ATOM   94   O O   . ALA A 1 16  ? -10.683 7.227   -1.954  1.00 28.06 ? 16  ALA A O   1 
ATOM   95   C CB  . ALA A 1 16  ? -7.311  7.164   -1.883  1.00 24.64 ? 16  ALA A CB  1 
ATOM   96   N N   . MET A 1 17  ? -9.755  5.293   -1.305  1.00 26.64 ? 17  MET A N   1 
ATOM   97   C CA  . MET A 1 17  ? -10.870 4.495   -1.787  1.00 27.10 ? 17  MET A CA  1 
ATOM   98   C C   . MET A 1 17  ? -12.175 4.839   -1.127  1.00 29.89 ? 17  MET A C   1 
ATOM   99   O O   . MET A 1 17  ? -13.213 4.836   -1.787  1.00 30.55 ? 17  MET A O   1 
ATOM   100  C CB  . MET A 1 17  ? -10.598 2.990   -1.681  1.00 26.61 ? 17  MET A CB  1 
ATOM   101  C CG  . MET A 1 17  ? -9.794  2.440   -2.844  1.00 33.68 ? 17  MET A CG  1 
ATOM   102  S SD  . MET A 1 17  ? -10.661 2.613   -4.436  1.00 41.41 ? 17  MET A SD  1 
ATOM   103  C CE  . MET A 1 17  ? -12.283 2.165   -3.952  1.00 35.09 ? 17  MET A CE  1 
ATOM   104  N N   . GLN A 1 18  ? -12.147 5.140   0.164   1.00 26.33 ? 18  GLN A N   1 
ATOM   105  C CA  . GLN A 1 18  ? -13.380 5.509   0.839   1.00 28.95 ? 18  GLN A CA  1 
ATOM   106  C C   . GLN A 1 18  ? -13.943 6.808   0.267   1.00 29.68 ? 18  GLN A C   1 
ATOM   107  O O   . GLN A 1 18  ? -15.153 6.903   0.028   1.00 30.99 ? 18  GLN A O   1 
ATOM   108  C CB  . GLN A 1 18  ? -13.169 5.622   2.339   1.00 31.73 ? 18  GLN A CB  1 
ATOM   109  C CG  . GLN A 1 18  ? -13.341 4.300   3.029   1.00 46.74 ? 18  GLN A CG  1 
ATOM   110  C CD  . GLN A 1 18  ? -12.772 4.305   4.423   1.00 56.66 ? 18  GLN A CD  1 
ATOM   111  O OE1 . GLN A 1 18  ? -12.302 5.338   4.923   1.00 61.90 ? 18  GLN A OE1 1 
ATOM   112  N NE2 . GLN A 1 18  ? -12.794 3.145   5.064   1.00 59.60 ? 18  GLN A NE2 1 
ATOM   113  N N   . ASP A 1 19  ? -13.073 7.785   0.013   1.00 26.55 ? 19  ASP A N   1 
ATOM   114  C CA  . ASP A 1 19  ? -13.519 9.055   -0.547  1.00 29.04 ? 19  ASP A CA  1 
ATOM   115  C C   . ASP A 1 19  ? -14.065 8.857   -1.964  1.00 30.35 ? 19  ASP A C   1 
ATOM   116  O O   . ASP A 1 19  ? -15.117 9.389   -2.313  1.00 31.96 ? 19  ASP A O   1 
ATOM   117  C CB  . ASP A 1 19  ? -12.389 10.089  -0.529  1.00 29.69 ? 19  ASP A CB  1 
ATOM   118  C CG  . ASP A 1 19  ? -12.141 10.672  0.880   1.00 33.57 ? 19  ASP A CG  1 
ATOM   119  O OD1 . ASP A 1 19  ? -12.869 10.317  1.836   1.00 34.52 ? 19  ASP A OD1 1 
ATOM   120  O OD2 . ASP A 1 19  ? -11.229 11.506  1.022   1.00 37.07 ? 19  ASP A OD2 1 
ATOM   121  N N   . ILE A 1 20  ? -13.373 8.057   -2.766  1.00 28.06 ? 20  ILE A N   1 
ATOM   122  C CA  . ILE A 1 20  ? -13.809 7.777   -4.126  1.00 28.31 ? 20  ILE A CA  1 
ATOM   123  C C   . ILE A 1 20  ? -15.190 7.097   -4.128  1.00 31.01 ? 20  ILE A C   1 
ATOM   124  O O   . ILE A 1 20  ? -16.083 7.506   -4.876  1.00 33.35 ? 20  ILE A O   1 
ATOM   125  C CB  . ILE A 1 20  ? -12.750 6.945   -4.871  1.00 24.34 ? 20  ILE A CB  1 
ATOM   126  C CG1 . ILE A 1 20  ? -11.556 7.838   -5.180  1.00 24.35 ? 20  ILE A CG1 1 
ATOM   127  C CG2 . ILE A 1 20  ? -13.296 6.416   -6.167  1.00 27.02 ? 20  ILE A CG2 1 
ATOM   128  C CD1 . ILE A 1 20  ? -10.320 7.104   -5.551  1.00 27.63 ? 20  ILE A CD1 1 
ATOM   129  N N   . ALA A 1 21  ? -15.390 6.127   -3.239  1.00 29.83 ? 21  ALA A N   1 
ATOM   130  C CA  . ALA A 1 21  ? -16.656 5.417   -3.155  1.00 31.01 ? 21  ALA A CA  1 
ATOM   131  C C   . ALA A 1 21  ? -17.797 6.373   -2.794  1.00 36.35 ? 21  ALA A C   1 
ATOM   132  O O   . ALA A 1 21  ? -18.912 6.267   -3.316  1.00 35.51 ? 21  ALA A O   1 
ATOM   133  C CB  . ALA A 1 21  ? -16.558 4.278   -2.119  1.00 30.94 ? 21  ALA A CB  1 
ATOM   134  N N   . THR A 1 22  ? -17.515 7.308   -1.897  1.00 36.97 ? 22  THR A N   1 
ATOM   135  C CA  . THR A 1 22  ? -18.514 8.277   -1.464  1.00 37.40 ? 22  THR A CA  1 
ATOM   136  C C   . THR A 1 22  ? -18.932 9.173   -2.628  1.00 38.05 ? 22  THR A C   1 
ATOM   137  O O   . THR A 1 22  ? -20.123 9.366   -2.882  1.00 40.47 ? 22  THR A O   1 
ATOM   138  C CB  . THR A 1 22  ? -17.961 9.115   -0.303  1.00 34.42 ? 22  THR A CB  1 
ATOM   139  O OG1 . THR A 1 22  ? -17.779 8.255   0.826   1.00 41.66 ? 22  THR A OG1 1 
ATOM   140  C CG2 . THR A 1 22  ? -18.909 10.241  0.060   1.00 37.46 ? 22  THR A CG2 1 
ATOM   141  N N   . GLN A 1 23  ? -17.939 9.661   -3.363  1.00 34.82 ? 23  GLN A N   1 
ATOM   142  C CA  . GLN A 1 23  ? -18.145 10.531  -4.503  1.00 36.20 ? 23  GLN A CA  1 
ATOM   143  C C   . GLN A 1 23  ? -18.936 9.813   -5.601  1.00 41.42 ? 23  GLN A C   1 
ATOM   144  O O   . GLN A 1 23  ? -19.851 10.383  -6.184  1.00 42.22 ? 23  GLN A O   1 
ATOM   145  C CB  . GLN A 1 23  ? -16.792 10.954  -5.044  1.00 36.92 ? 23  GLN A CB  1 
ATOM   146  C CG  . GLN A 1 23  ? -16.843 12.144  -5.921  1.00 53.25 ? 23  GLN A CG  1 
ATOM   147  C CD  . GLN A 1 23  ? -16.810 13.411  -5.124  1.00 62.54 ? 23  GLN A CD  1 
ATOM   148  O OE1 . GLN A 1 23  ? -15.884 14.209  -5.271  1.00 71.06 ? 23  GLN A OE1 1 
ATOM   149  N NE2 . GLN A 1 23  ? -17.806 13.607  -4.251  1.00 63.37 ? 23  GLN A NE2 1 
ATOM   150  N N   . PHE A 1 24  ? -18.576 8.559   -5.871  1.00 39.59 ? 24  PHE A N   1 
ATOM   151  C CA  . PHE A 1 24  ? -19.238 7.748   -6.892  1.00 38.03 ? 24  PHE A CA  1 
ATOM   152  C C   . PHE A 1 24  ? -20.698 7.526   -6.548  1.00 36.08 ? 24  PHE A C   1 
ATOM   153  O O   . PHE A 1 24  ? -21.540 7.528   -7.436  1.00 36.71 ? 24  PHE A O   1 
ATOM   154  C CB  . PHE A 1 24  ? -18.529 6.397   -7.054  1.00 37.37 ? 24  PHE A CB  1 
ATOM   155  C CG  . PHE A 1 24  ? -18.978 5.603   -8.259  1.00 36.64 ? 24  PHE A CG  1 
ATOM   156  C CD1 . PHE A 1 24  ? -18.578 5.976   -9.542  1.00 34.12 ? 24  PHE A CD1 1 
ATOM   157  C CD2 . PHE A 1 24  ? -19.761 4.454   -8.105  1.00 37.65 ? 24  PHE A CD2 1 
ATOM   158  C CE1 . PHE A 1 24  ? -18.946 5.212   -10.655 1.00 30.52 ? 24  PHE A CE1 1 
ATOM   159  C CE2 . PHE A 1 24  ? -20.135 3.681   -9.211  1.00 33.22 ? 24  PHE A CE2 1 
ATOM   160  C CZ  . PHE A 1 24  ? -19.725 4.063   -10.482 1.00 30.28 ? 24  PHE A CZ  1 
ATOM   161  N N   . LYS A 1 25  ? -20.990 7.289   -5.273  1.00 34.65 ? 25  LYS A N   1 
ATOM   162  C CA  . LYS A 1 25  ? -22.362 7.094   -4.835  1.00 36.80 ? 25  LYS A CA  1 
ATOM   163  C C   . LYS A 1 25  ? -23.133 8.385   -5.095  1.00 43.57 ? 25  LYS A C   1 
ATOM   164  O O   . LYS A 1 25  ? -24.248 8.352   -5.590  1.00 45.22 ? 25  LYS A O   1 
ATOM   165  C CB  . LYS A 1 25  ? -22.407 6.765   -3.355  1.00 38.15 ? 25  LYS A CB  1 
ATOM   166  C CG  . LYS A 1 25  ? -23.808 6.666   -2.784  1.00 45.84 ? 25  LYS A CG  1 
ATOM   167  C CD  . LYS A 1 25  ? -24.554 5.516   -3.401  1.00 52.06 ? 25  LYS A CD  1 
ATOM   168  C CE  . LYS A 1 25  ? -25.968 5.381   -2.859  1.00 54.37 ? 25  LYS A CE  1 
ATOM   169  N NZ  . LYS A 1 25  ? -25.947 4.855   -1.473  1.00 57.78 ? 25  LYS A NZ  1 
ATOM   170  N N   . LYS A 1 26  ? -22.522 9.523   -4.784  1.00 45.59 ? 26  LYS A N   1 
ATOM   171  C CA  . LYS A 1 26  ? -23.159 10.820  -5.003  1.00 51.53 ? 26  LYS A CA  1 
ATOM   172  C C   . LYS A 1 26  ? -23.471 10.995  -6.495  1.00 49.63 ? 26  LYS A C   1 
ATOM   173  O O   . LYS A 1 26  ? -24.622 11.182  -6.881  1.00 52.54 ? 26  LYS A O   1 
ATOM   174  C CB  . LYS A 1 26  ? -22.238 11.972  -4.535  1.00 50.49 ? 26  LYS A CB  1 
ATOM   175  C CG  . LYS A 1 26  ? -22.617 12.664  -3.221  1.00 61.85 ? 26  LYS A CG  1 
ATOM   176  C CD  . LYS A 1 26  ? -22.540 11.727  -1.974  1.00 73.08 ? 26  LYS A CD  1 
ATOM   177  C CE  . LYS A 1 26  ? -22.702 12.504  -0.629  1.00 70.91 ? 26  LYS A CE  1 
ATOM   178  N NZ  . LYS A 1 26  ? -22.623 11.638  0.599   1.00 72.09 ? 26  LYS A NZ  1 
ATOM   179  N N   . GLU A 1 27  ? -22.438 10.873  -7.320  1.00 45.45 ? 27  GLU A N   1 
ATOM   180  C CA  . GLU A 1 27  ? -22.547 11.056  -8.755  1.00 46.17 ? 27  GLU A CA  1 
ATOM   181  C C   . GLU A 1 27  ? -23.346 10.038  -9.557  1.00 47.66 ? 27  GLU A C   1 
ATOM   182  O O   . GLU A 1 27  ? -24.107 10.422  -10.435 1.00 53.26 ? 27  GLU A O   1 
ATOM   183  C CB  . GLU A 1 27  ? -21.155 11.184  -9.379  1.00 49.58 ? 27  GLU A CB  1 
ATOM   184  C CG  . GLU A 1 27  ? -20.368 12.430  -8.958  1.00 58.73 ? 27  GLU A CG  1 
ATOM   185  C CD  . GLU A 1 27  ? -19.050 12.582  -9.724  1.00 63.75 ? 27  GLU A CD  1 
ATOM   186  O OE1 . GLU A 1 27  ? -18.988 12.156  -10.905 1.00 69.04 ? 27  GLU A OE1 1 
ATOM   187  O OE2 . GLU A 1 27  ? -18.081 13.137  -9.150  1.00 62.77 ? 27  GLU A OE2 1 
ATOM   188  N N   . LYS A 1 28  ? -23.169 8.748   -9.294  1.00 46.03 ? 28  LYS A N   1 
ATOM   189  C CA  . LYS A 1 28  ? -23.871 7.738   -10.078 1.00 43.55 ? 28  LYS A CA  1 
ATOM   190  C C   . LYS A 1 28  ? -24.922 6.907   -9.350  1.00 41.98 ? 28  LYS A C   1 
ATOM   191  O O   . LYS A 1 28  ? -25.582 6.081   -9.972  1.00 47.03 ? 28  LYS A O   1 
ATOM   192  C CB  . LYS A 1 28  ? -22.871 6.798   -10.765 1.00 44.05 ? 28  LYS A CB  1 
ATOM   193  C CG  . LYS A 1 28  ? -21.627 7.460   -11.368 1.00 50.07 ? 28  LYS A CG  1 
ATOM   194  C CD  . LYS A 1 28  ? -21.907 8.381   -12.552 1.00 57.01 ? 28  LYS A CD  1 
ATOM   195  C CE  . LYS A 1 28  ? -20.603 9.020   -13.068 1.00 63.18 ? 28  LYS A CE  1 
ATOM   196  N NZ  . LYS A 1 28  ? -20.846 10.151  -14.020 1.00 65.47 ? 28  LYS A NZ  1 
ATOM   197  N N   . GLY A 1 29  ? -25.041 7.058   -8.037  1.00 38.51 ? 29  GLY A N   1 
ATOM   198  C CA  . GLY A 1 29  ? -26.048 6.301   -7.307  1.00 33.69 ? 29  GLY A CA  1 
ATOM   199  C C   . GLY A 1 29  ? -25.766 4.847   -6.956  1.00 41.42 ? 29  GLY A C   1 
ATOM   200  O O   . GLY A 1 29  ? -26.622 4.192   -6.354  1.00 42.53 ? 29  GLY A O   1 
ATOM   201  N N   . VAL A 1 30  ? -24.570 4.346   -7.271  1.00 42.50 ? 30  VAL A N   1 
ATOM   202  C CA  . VAL A 1 30  ? -24.217 2.953   -6.978  1.00 38.06 ? 30  VAL A CA  1 
ATOM   203  C C   . VAL A 1 30  ? -23.396 2.815   -5.707  1.00 37.09 ? 30  VAL A C   1 
ATOM   204  O O   . VAL A 1 30  ? -22.493 3.605   -5.438  1.00 34.69 ? 30  VAL A O   1 
ATOM   205  C CB  . VAL A 1 30  ? -23.423 2.289   -8.140  1.00 41.56 ? 30  VAL A CB  1 
ATOM   206  C CG1 . VAL A 1 30  ? -23.054 0.857   -7.768  1.00 41.61 ? 30  VAL A CG1 1 
ATOM   207  C CG2 . VAL A 1 30  ? -24.245 2.293   -9.426  1.00 40.19 ? 30  VAL A CG2 1 
ATOM   208  N N   . ASP A 1 31  ? -23.704 1.779   -4.945  1.00 41.03 ? 31  ASP A N   1 
ATOM   209  C CA  . ASP A 1 31  ? -23.011 1.481   -3.703  1.00 43.02 ? 31  ASP A CA  1 
ATOM   210  C C   . ASP A 1 31  ? -21.671 0.781   -3.954  1.00 40.01 ? 31  ASP A C   1 
ATOM   211  O O   . ASP A 1 31  ? -21.614 -0.207  -4.689  1.00 36.04 ? 31  ASP A O   1 
ATOM   212  C CB  . ASP A 1 31  ? -23.883 0.543   -2.882  1.00 53.56 ? 31  ASP A CB  1 
ATOM   213  C CG  . ASP A 1 31  ? -24.419 1.189   -1.637  1.00 65.42 ? 31  ASP A CG  1 
ATOM   214  O OD1 . ASP A 1 31  ? -24.689 2.413   -1.661  1.00 62.44 ? 31  ASP A OD1 1 
ATOM   215  O OD2 . ASP A 1 31  ? -24.566 0.455   -0.631  1.00 71.64 ? 31  ASP A OD2 1 
ATOM   216  N N   . VAL A 1 32  ? -20.600 1.271   -3.337  1.00 35.34 ? 32  VAL A N   1 
ATOM   217  C CA  . VAL A 1 32  ? -19.301 0.634   -3.493  1.00 31.90 ? 32  VAL A CA  1 
ATOM   218  C C   . VAL A 1 32  ? -18.820 0.208   -2.119  1.00 31.85 ? 32  VAL A C   1 
ATOM   219  O O   . VAL A 1 32  ? -18.630 1.040   -1.242  1.00 36.98 ? 32  VAL A O   1 
ATOM   220  C CB  . VAL A 1 32  ? -18.269 1.576   -4.120  1.00 29.15 ? 32  VAL A CB  1 
ATOM   221  C CG1 . VAL A 1 32  ? -16.942 0.856   -4.269  1.00 29.26 ? 32  VAL A CG1 1 
ATOM   222  C CG2 . VAL A 1 32  ? -18.745 2.047   -5.484  1.00 31.17 ? 32  VAL A CG2 1 
ATOM   223  N N   . VAL A 1 33  ? -18.665 -1.092  -1.921  1.00 29.82 ? 33  VAL A N   1 
ATOM   224  C CA  . VAL A 1 33  ? -18.199 -1.659  -0.658  1.00 31.02 ? 33  VAL A CA  1 
ATOM   225  C C   . VAL A 1 33  ? -16.734 -2.115  -0.825  1.00 34.51 ? 33  VAL A C   1 
ATOM   226  O O   . VAL A 1 33  ? -16.419 -2.916  -1.707  1.00 34.56 ? 33  VAL A O   1 
ATOM   227  C CB  . VAL A 1 33  ? -19.070 -2.875  -0.267  1.00 31.84 ? 33  VAL A CB  1 
ATOM   228  C CG1 . VAL A 1 33  ? -18.622 -3.451  1.042   1.00 35.52 ? 33  VAL A CG1 1 
ATOM   229  C CG2 . VAL A 1 33  ? -20.523 -2.468  -0.196  1.00 38.54 ? 33  VAL A CG2 1 
ATOM   230  N N   . SER A 1 34  ? -15.838 -1.600  0.014   1.00 33.31 ? 34  SER A N   1 
ATOM   231  C CA  . SER A 1 34  ? -14.426 -1.943  -0.074  1.00 26.35 ? 34  SER A CA  1 
ATOM   232  C C   . SER A 1 34  ? -13.959 -2.783  1.092   1.00 29.49 ? 34  SER A C   1 
ATOM   233  O O   . SER A 1 34  ? -14.419 -2.630  2.219   1.00 31.02 ? 34  SER A O   1 
ATOM   234  C CB  . SER A 1 34  ? -13.565 -0.683  -0.115  1.00 28.90 ? 34  SER A CB  1 
ATOM   235  O OG  . SER A 1 34  ? -13.902 0.185   -1.179  1.00 38.32 ? 34  SER A OG  1 
ATOM   236  N N   . SER A 1 35  ? -13.032 -3.680  0.808   1.00 27.75 ? 35  SER A N   1 
ATOM   237  C CA  . SER A 1 35  ? -12.448 -4.514  1.819   1.00 24.18 ? 35  SER A CA  1 
ATOM   238  C C   . SER A 1 35  ? -10.942 -4.202  1.698   1.00 26.16 ? 35  SER A C   1 
ATOM   239  O O   . SER A 1 35  ? -10.385 -4.214  0.591   1.00 26.83 ? 35  SER A O   1 
ATOM   240  C CB  . SER A 1 35  ? -12.788 -5.965  1.523   1.00 26.47 ? 35  SER A CB  1 
ATOM   241  O OG  . SER A 1 35  ? -12.176 -6.808  2.471   1.00 39.74 ? 35  SER A OG  1 
ATOM   242  N N   . PHE A 1 36  ? -10.322 -3.812  2.813   1.00 22.18 ? 36  PHE A N   1 
ATOM   243  C CA  . PHE A 1 36  ? -8.900  -3.450  2.851   1.00 20.53 ? 36  PHE A CA  1 
ATOM   244  C C   . PHE A 1 36  ? -8.084  -4.439  3.665   1.00 23.11 ? 36  PHE A C   1 
ATOM   245  O O   . PHE A 1 36  ? -8.511  -4.846  4.736   1.00 29.43 ? 36  PHE A O   1 
ATOM   246  C CB  . PHE A 1 36  ? -8.736  -2.060  3.472   1.00 21.10 ? 36  PHE A CB  1 
ATOM   247  C CG  . PHE A 1 36  ? -9.538  -0.991  2.780   1.00 23.16 ? 36  PHE A CG  1 
ATOM   248  C CD1 . PHE A 1 36  ? -9.179  -0.545  1.511   1.00 22.40 ? 36  PHE A CD1 1 
ATOM   249  C CD2 . PHE A 1 36  ? -10.679 -0.464  3.376   1.00 22.57 ? 36  PHE A CD2 1 
ATOM   250  C CE1 . PHE A 1 36  ? -9.947  0.408   0.843   1.00 22.24 ? 36  PHE A CE1 1 
ATOM   251  C CE2 . PHE A 1 36  ? -11.449 0.487   2.713   1.00 21.48 ? 36  PHE A CE2 1 
ATOM   252  C CZ  . PHE A 1 36  ? -11.078 0.922   1.439   1.00 20.63 ? 36  PHE A CZ  1 
ATOM   253  N N   . ALA A 1 37  ? -6.913  -4.810  3.163   1.00 21.99 ? 37  ALA A N   1 
ATOM   254  C CA  . ALA A 1 37  ? -6.011  -5.737  3.846   1.00 23.28 ? 37  ALA A CA  1 
ATOM   255  C C   . ALA A 1 37  ? -4.732  -5.775  3.041   1.00 22.15 ? 37  ALA A C   1 
ATOM   256  O O   . ALA A 1 37  ? -4.606  -5.067  2.059   1.00 22.78 ? 37  ALA A O   1 
ATOM   257  C CB  . ALA A 1 37  ? -6.628  -7.140  3.911   1.00 21.65 ? 37  ALA A CB  1 
ATOM   258  N N   . SER A 1 38  ? -3.778  -6.589  3.458   1.00 21.70 ? 38  SER A N   1 
ATOM   259  C CA  . SER A 1 38  ? -2.541  -6.742  2.705   1.00 21.98 ? 38  SER A CA  1 
ATOM   260  C C   . SER A 1 38  ? -2.943  -7.278  1.323   1.00 21.26 ? 38  SER A C   1 
ATOM   261  O O   . SER A 1 38  ? -3.867  -8.086  1.216   1.00 20.42 ? 38  SER A O   1 
ATOM   262  C CB  . SER A 1 38  ? -1.658  -7.775  3.402   1.00 19.42 ? 38  SER A CB  1 
ATOM   263  O OG  . SER A 1 38  ? -0.675  -8.289  2.530   1.00 29.91 ? 38  SER A OG  1 
ATOM   264  N N   . SER A 1 39  ? -2.239  -6.868  0.277   1.00 24.13 ? 39  SER A N   1 
ATOM   265  C CA  . SER A 1 39  ? -2.537  -7.332  -1.071  1.00 22.33 ? 39  SER A CA  1 
ATOM   266  C C   . SER A 1 39  ? -2.418  -8.861  -1.183  1.00 25.40 ? 39  SER A C   1 
ATOM   267  O O   . SER A 1 39  ? -3.140  -9.487  -1.965  1.00 21.08 ? 39  SER A O   1 
ATOM   268  C CB  . SER A 1 39  ? -1.597  -6.676  -2.079  1.00 19.81 ? 39  SER A CB  1 
ATOM   269  O OG  . SER A 1 39  ? -1.744  -5.267  -2.072  1.00 22.41 ? 39  SER A OG  1 
ATOM   270  N N   . SER A 1 40  ? -1.528  -9.456  -0.390  1.00 24.04 ? 40  SER A N   1 
ATOM   271  C CA  . SER A 1 40  ? -1.329  -10.898 -0.415  1.00 26.11 ? 40  SER A CA  1 
ATOM   272  C C   . SER A 1 40  ? -2.582  -11.606 0.090   1.00 23.92 ? 40  SER A C   1 
ATOM   273  O O   . SER A 1 40  ? -3.063  -12.563 -0.518  1.00 24.37 ? 40  SER A O   1 
ATOM   274  C CB  . SER A 1 40  ? -0.109  -11.278 0.429   1.00 23.18 ? 40  SER A CB  1 
ATOM   275  O OG  . SER A 1 40  ? -0.227  -10.814 1.764   1.00 31.39 ? 40  SER A OG  1 
ATOM   276  N N   . THR A 1 41  ? -3.128  -11.110 1.190   1.00 22.49 ? 41  THR A N   1 
ATOM   277  C CA  . THR A 1 41  ? -4.341  -11.672 1.777   1.00 23.91 ? 41  THR A CA  1 
ATOM   278  C C   . THR A 1 41  ? -5.509  -11.594 0.806   1.00 25.16 ? 41  THR A C   1 
ATOM   279  O O   . THR A 1 41  ? -6.237  -12.575 0.627   1.00 24.02 ? 41  THR A O   1 
ATOM   280  C CB  . THR A 1 41  ? -4.721  -10.932 3.073   1.00 21.21 ? 41  THR A CB  1 
ATOM   281  O OG1 . THR A 1 41  ? -3.668  -11.108 4.027   1.00 27.86 ? 41  THR A OG1 1 
ATOM   282  C CG2 . THR A 1 41  ? -6.026  -11.456 3.645   1.00 23.39 ? 41  THR A CG2 1 
ATOM   283  N N   . LEU A 1 42  ? -5.665  -10.445 0.153   1.00 20.57 ? 42  LEU A N   1 
ATOM   284  C CA  . LEU A 1 42  ? -6.763  -10.247 -0.786  1.00 22.32 ? 42  LEU A CA  1 
ATOM   285  C C   . LEU A 1 42  ? -6.629  -11.155 -2.001  1.00 22.64 ? 42  LEU A C   1 
ATOM   286  O O   . LEU A 1 42  ? -7.613  -11.740 -2.450  1.00 21.71 ? 42  LEU A O   1 
ATOM   287  C CB  . LEU A 1 42  ? -6.876  -8.768  -1.204  1.00 21.34 ? 42  LEU A CB  1 
ATOM   288  C CG  . LEU A 1 42  ? -7.161  -7.785  -0.058  1.00 21.38 ? 42  LEU A CG  1 
ATOM   289  C CD1 . LEU A 1 42  ? -6.978  -6.389  -0.554  1.00 21.34 ? 42  LEU A CD1 1 
ATOM   290  C CD2 . LEU A 1 42  ? -8.552  -7.975  0.483   1.00 20.44 ? 42  LEU A CD2 1 
ATOM   291  N N   . ALA A 1 43  ? -5.418  -11.299 -2.528  1.00 21.08 ? 43  ALA A N   1 
ATOM   292  C CA  . ALA A 1 43  ? -5.229  -12.151 -3.700  1.00 20.81 ? 43  ALA A CA  1 
ATOM   293  C C   . ALA A 1 43  ? -5.590  -13.605 -3.376  1.00 25.15 ? 43  ALA A C   1 
ATOM   294  O O   . ALA A 1 43  ? -6.217  -14.274 -4.195  1.00 25.98 ? 43  ALA A O   1 
ATOM   295  C CB  . ALA A 1 43  ? -3.813  -12.047 -4.212  1.00 17.92 ? 43  ALA A CB  1 
ATOM   296  N N   . ARG A 1 44  ? -5.232  -14.084 -2.180  1.00 22.44 ? 44  ARG A N   1 
ATOM   297  C CA  . ARG A 1 44  ? -5.544  -15.458 -1.779  1.00 22.67 ? 44  ARG A CA  1 
ATOM   298  C C   . ARG A 1 44  ? -7.041  -15.643 -1.556  1.00 24.68 ? 44  ARG A C   1 
ATOM   299  O O   . ARG A 1 44  ? -7.587  -16.703 -1.839  1.00 23.73 ? 44  ARG A O   1 
ATOM   300  C CB  . ARG A 1 44  ? -4.742  -15.882 -0.558  1.00 25.07 ? 44  ARG A CB  1 
ATOM   301  C CG  . ARG A 1 44  ? -3.223  -15.925 -0.796  1.00 37.52 ? 44  ARG A CG  1 
ATOM   302  C CD  . ARG A 1 44  ? -2.568  -16.902 0.162   1.00 51.01 ? 44  ARG A CD  1 
ATOM   303  N NE  . ARG A 1 44  ? -1.124  -16.713 0.297   1.00 63.23 ? 44  ARG A NE  1 
ATOM   304  C CZ  . ARG A 1 44  ? -0.554  -15.987 1.260   1.00 71.59 ? 44  ARG A CZ  1 
ATOM   305  N NH1 . ARG A 1 44  ? -1.307  -15.371 2.163   1.00 75.30 ? 44  ARG A NH1 1 
ATOM   306  N NH2 . ARG A 1 44  ? 0.770   -15.917 1.355   1.00 71.95 ? 44  ARG A NH2 1 
ATOM   307  N N   . GLN A 1 45  ? -7.718  -14.598 -1.092  1.00 23.64 ? 45  GLN A N   1 
ATOM   308  C CA  . GLN A 1 45  ? -9.165  -14.663 -0.909  1.00 22.04 ? 45  GLN A CA  1 
ATOM   309  C C   . GLN A 1 45  ? -9.846  -14.759 -2.272  1.00 23.29 ? 45  GLN A C   1 
ATOM   310  O O   . GLN A 1 45  ? -10.804 -15.507 -2.445  1.00 24.97 ? 45  GLN A O   1 
ATOM   311  C CB  . GLN A 1 45  ? -9.685  -13.450 -0.134  1.00 19.40 ? 45  GLN A CB  1 
ATOM   312  C CG  . GLN A 1 45  ? -9.282  -13.514 1.336   1.00 25.45 ? 45  GLN A CG  1 
ATOM   313  C CD  . GLN A 1 45  ? -9.661  -12.278 2.123   1.00 26.73 ? 45  GLN A CD  1 
ATOM   314  O OE1 . GLN A 1 45  ? -10.380 -11.408 1.640   1.00 31.16 ? 45  GLN A OE1 1 
ATOM   315  N NE2 . GLN A 1 45  ? -9.181  -12.199 3.352   1.00 32.52 ? 45  GLN A NE2 1 
ATOM   316  N N   . ILE A 1 46  ? -9.330  -14.024 -3.247  1.00 23.10 ? 46  ILE A N   1 
ATOM   317  C CA  . ILE A 1 46  ? -9.884  -14.037 -4.594  1.00 26.17 ? 46  ILE A CA  1 
ATOM   318  C C   . ILE A 1 46  ? -9.687  -15.417 -5.219  1.00 23.66 ? 46  ILE A C   1 
ATOM   319  O O   . ILE A 1 46  ? -10.605 -15.956 -5.825  1.00 25.21 ? 46  ILE A O   1 
ATOM   320  C CB  . ILE A 1 46  ? -9.269  -12.911 -5.455  1.00 24.74 ? 46  ILE A CB  1 
ATOM   321  C CG1 . ILE A 1 46  ? -9.781  -11.557 -4.922  1.00 24.17 ? 46  ILE A CG1 1 
ATOM   322  C CG2 . ILE A 1 46  ? -9.598  -13.131 -6.945  1.00 25.33 ? 46  ILE A CG2 1 
ATOM   323  C CD1 . ILE A 1 46  ? -9.121  -10.339 -5.529  1.00 23.05 ? 46  ILE A CD1 1 
ATOM   324  N N   . GLU A 1 47  ? -8.515  -16.004 -5.006  1.00 24.70 ? 47  GLU A N   1 
ATOM   325  C CA  . GLU A 1 47  ? -8.205  -17.334 -5.504  1.00 27.05 ? 47  GLU A CA  1 
ATOM   326  C C   . GLU A 1 47  ? -9.174  -18.359 -4.917  1.00 31.15 ? 47  GLU A C   1 
ATOM   327  O O   . GLU A 1 47  ? -9.642  -19.252 -5.631  1.00 32.32 ? 47  GLU A O   1 
ATOM   328  C CB  . GLU A 1 47  ? -6.790  -17.722 -5.099  1.00 23.81 ? 47  GLU A CB  1 
ATOM   329  C CG  . GLU A 1 47  ? -6.463  -19.193 -5.272  1.00 30.32 ? 47  GLU A CG  1 
ATOM   330  C CD  . GLU A 1 47  ? -5.081  -19.552 -4.747  1.00 37.34 ? 47  GLU A CD  1 
ATOM   331  O OE1 . GLU A 1 47  ? -4.574  -18.850 -3.844  1.00 35.73 ? 47  GLU A OE1 1 
ATOM   332  O OE2 . GLU A 1 47  ? -4.502  -20.545 -5.233  1.00 44.88 ? 47  GLU A OE2 1 
ATOM   333  N N   . ALA A 1 48  ? -9.466  -18.233 -3.623  1.00 29.15 ? 48  ALA A N   1 
ATOM   334  C CA  . ALA A 1 48  ? -10.361 -19.167 -2.938  1.00 25.94 ? 48  ALA A CA  1 
ATOM   335  C C   . ALA A 1 48  ? -11.800 -19.076 -3.417  1.00 29.43 ? 48  ALA A C   1 
ATOM   336  O O   . ALA A 1 48  ? -12.570 -20.024 -3.264  1.00 30.77 ? 48  ALA A O   1 
ATOM   337  C CB  . ALA A 1 48  ? -10.296 -18.950 -1.441  1.00 25.56 ? 48  ALA A CB  1 
ATOM   338  N N   . GLY A 1 49  ? -12.170 -17.940 -3.998  1.00 24.96 ? 49  GLY A N   1 
ATOM   339  C CA  . GLY A 1 49  ? -13.526 -17.785 -4.470  1.00 25.98 ? 49  GLY A CA  1 
ATOM   340  C C   . GLY A 1 49  ? -14.305 -16.648 -3.841  1.00 28.29 ? 49  GLY A C   1 
ATOM   341  O O   . GLY A 1 49  ? -15.518 -16.572 -4.023  1.00 31.10 ? 49  GLY A O   1 
ATOM   342  N N   . ALA A 1 50  ? -13.638 -15.773 -3.090  1.00 28.36 ? 50  ALA A N   1 
ATOM   343  C CA  . ALA A 1 50  ? -14.313 -14.626 -2.485  1.00 25.49 ? 50  ALA A CA  1 
ATOM   344  C C   . ALA A 1 50  ? -14.855 -13.783 -3.642  1.00 29.08 ? 50  ALA A C   1 
ATOM   345  O O   . ALA A 1 50  ? -14.165 -13.541 -4.630  1.00 30.25 ? 50  ALA A O   1 
ATOM   346  C CB  . ALA A 1 50  ? -13.339 -13.827 -1.655  1.00 27.42 ? 50  ALA A CB  1 
ATOM   347  N N   . PRO A 1 51  ? -16.113 -13.343 -3.550  1.00 31.87 ? 51  PRO A N   1 
ATOM   348  C CA  . PRO A 1 51  ? -16.700 -12.540 -4.629  1.00 32.89 ? 51  PRO A CA  1 
ATOM   349  C C   . PRO A 1 51  ? -16.342 -11.053 -4.728  1.00 32.43 ? 51  PRO A C   1 
ATOM   350  O O   . PRO A 1 51  ? -17.168 -10.200 -4.451  1.00 45.64 ? 51  PRO A O   1 
ATOM   351  C CB  . PRO A 1 51  ? -18.200 -12.749 -4.410  1.00 31.49 ? 51  PRO A CB  1 
ATOM   352  C CG  . PRO A 1 51  ? -18.288 -12.798 -2.895  1.00 34.73 ? 51  PRO A CG  1 
ATOM   353  C CD  . PRO A 1 51  ? -17.137 -13.728 -2.558  1.00 34.24 ? 51  PRO A CD  1 
ATOM   354  N N   . ALA A 1 52  ? -15.138 -10.736 -5.169  1.00 30.51 ? 52  ALA A N   1 
ATOM   355  C CA  . ALA A 1 52  ? -14.756 -9.335  -5.336  1.00 26.68 ? 52  ALA A CA  1 
ATOM   356  C C   . ALA A 1 52  ? -14.993 -9.003  -6.803  1.00 26.85 ? 52  ALA A C   1 
ATOM   357  O O   . ALA A 1 52  ? -14.978 -9.910  -7.640  1.00 24.21 ? 52  ALA A O   1 
ATOM   358  C CB  . ALA A 1 52  ? -13.290 -9.145  -4.998  1.00 25.51 ? 52  ALA A CB  1 
ATOM   359  N N   . ASP A 1 53  ? -15.283 -7.741  -7.110  1.00 23.96 ? 53  ASP A N   1 
ATOM   360  C CA  . ASP A 1 53  ? -15.475 -7.314  -8.502  1.00 20.60 ? 53  ASP A CA  1 
ATOM   361  C C   . ASP A 1 53  ? -14.188 -6.727  -9.063  1.00 21.93 ? 53  ASP A C   1 
ATOM   362  O O   . ASP A 1 53  ? -13.874 -6.967  -10.221 1.00 25.25 ? 53  ASP A O   1 
ATOM   363  C CB  . ASP A 1 53  ? -16.575 -6.264  -8.636  1.00 24.85 ? 53  ASP A CB  1 
ATOM   364  C CG  . ASP A 1 53  ? -17.939 -6.809  -8.307  1.00 28.59 ? 53  ASP A CG  1 
ATOM   365  O OD1 . ASP A 1 53  ? -18.349 -7.824  -8.887  1.00 27.27 ? 53  ASP A OD1 1 
ATOM   366  O OD2 . ASP A 1 53  ? -18.622 -6.211  -7.467  1.00 28.78 ? 53  ASP A OD2 1 
ATOM   367  N N   . LEU A 1 54  ? -13.460 -5.957  -8.248  1.00 21.95 ? 54  LEU A N   1 
ATOM   368  C CA  . LEU A 1 54  ? -12.199 -5.321  -8.639  1.00 21.07 ? 54  LEU A CA  1 
ATOM   369  C C   . LEU A 1 54  ? -11.162 -5.667  -7.601  1.00 20.76 ? 54  LEU A C   1 
ATOM   370  O O   . LEU A 1 54  ? -11.493 -5.849  -6.431  1.00 21.37 ? 54  LEU A O   1 
ATOM   371  C CB  . LEU A 1 54  ? -12.277 -3.783  -8.608  1.00 25.18 ? 54  LEU A CB  1 
ATOM   372  C CG  . LEU A 1 54  ? -12.743 -2.802  -9.687  1.00 37.00 ? 54  LEU A CG  1 
ATOM   373  C CD1 . LEU A 1 54  ? -12.317 -3.256  -11.061 1.00 35.25 ? 54  LEU A CD1 1 
ATOM   374  C CD2 . LEU A 1 54  ? -14.242 -2.644  -9.624  1.00 44.26 ? 54  LEU A CD2 1 
ATOM   375  N N   . PHE A 1 55  ? -9.901  -5.666  -8.021  1.00 21.94 ? 55  PHE A N   1 
ATOM   376  C CA  . PHE A 1 55  ? -8.771  -5.924  -7.130  1.00 22.42 ? 55  PHE A CA  1 
ATOM   377  C C   . PHE A 1 55  ? -7.701  -4.877  -7.455  1.00 24.32 ? 55  PHE A C   1 
ATOM   378  O O   . PHE A 1 55  ? -7.403  -4.650  -8.636  1.00 24.30 ? 55  PHE A O   1 
ATOM   379  C CB  . PHE A 1 55  ? -8.207  -7.333  -7.374  1.00 19.95 ? 55  PHE A CB  1 
ATOM   380  C CG  . PHE A 1 55  ? -6.956  -7.660  -6.581  1.00 20.15 ? 55  PHE A CG  1 
ATOM   381  C CD1 . PHE A 1 55  ? -6.800  -7.230  -5.258  1.00 22.95 ? 55  PHE A CD1 1 
ATOM   382  C CD2 . PHE A 1 55  ? -5.947  -8.448  -7.148  1.00 19.92 ? 55  PHE A CD2 1 
ATOM   383  C CE1 . PHE A 1 55  ? -5.662  -7.583  -4.515  1.00 24.56 ? 55  PHE A CE1 1 
ATOM   384  C CE2 . PHE A 1 55  ? -4.810  -8.804  -6.413  1.00 19.21 ? 55  PHE A CE2 1 
ATOM   385  C CZ  . PHE A 1 55  ? -4.674  -8.368  -5.094  1.00 20.30 ? 55  PHE A CZ  1 
ATOM   386  N N   . ILE A 1 56  ? -7.194  -4.178  -6.438  1.00 20.68 ? 56  ILE A N   1 
ATOM   387  C CA  . ILE A 1 56  ? -6.118  -3.198  -6.638  1.00 21.36 ? 56  ILE A CA  1 
ATOM   388  C C   . ILE A 1 56  ? -5.029  -3.614  -5.668  1.00 22.33 ? 56  ILE A C   1 
ATOM   389  O O   . ILE A 1 56  ? -5.230  -3.630  -4.448  1.00 23.94 ? 56  ILE A O   1 
ATOM   390  C CB  . ILE A 1 56  ? -6.552  -1.746  -6.349  1.00 21.47 ? 56  ILE A CB  1 
ATOM   391  C CG1 . ILE A 1 56  ? -7.874  -1.452  -7.079  1.00 23.37 ? 56  ILE A CG1 1 
ATOM   392  C CG2 . ILE A 1 56  ? -5.452  -0.791  -6.814  1.00 20.54 ? 56  ILE A CG2 1 
ATOM   393  C CD1 . ILE A 1 56  ? -8.548  -0.157  -6.694  1.00 28.90 ? 56  ILE A CD1 1 
ATOM   394  N N   . SER A 1 57  ? -3.890  -3.989  -6.226  1.00 20.72 ? 57  SER A N   1 
ATOM   395  C CA  . SER A 1 57  ? -2.755  -4.478  -5.455  1.00 22.00 ? 57  SER A CA  1 
ATOM   396  C C   . SER A 1 57  ? -1.698  -3.385  -5.277  1.00 20.00 ? 57  SER A C   1 
ATOM   397  O O   . SER A 1 57  ? -1.605  -2.487  -6.106  1.00 20.14 ? 57  SER A O   1 
ATOM   398  C CB  . SER A 1 57  ? -2.160  -5.680  -6.204  1.00 18.09 ? 57  SER A CB  1 
ATOM   399  O OG  . SER A 1 57  ? -1.060  -6.239  -5.525  1.00 23.02 ? 57  SER A OG  1 
ATOM   400  N N   . ALA A 1 58  ? -0.930  -3.454  -4.187  1.00 22.03 ? 58  ALA A N   1 
ATOM   401  C CA  . ALA A 1 58  ? 0.133   -2.488  -3.922  1.00 19.83 ? 58  ALA A CA  1 
ATOM   402  C C   . ALA A 1 58  ? 1.437   -2.905  -4.604  1.00 22.77 ? 58  ALA A C   1 
ATOM   403  O O   . ALA A 1 58  ? 2.464   -2.257  -4.434  1.00 24.60 ? 58  ALA A O   1 
ATOM   404  C CB  . ALA A 1 58  ? 0.337   -2.284  -2.414  1.00 21.66 ? 58  ALA A CB  1 
ATOM   405  N N   . ASP A 1 59  ? 1.408   -4.027  -5.322  1.00 24.67 ? 59  ASP A N   1 
ATOM   406  C CA  . ASP A 1 59  ? 2.573   -4.477  -6.085  1.00 24.46 ? 59  ASP A CA  1 
ATOM   407  C C   . ASP A 1 59  ? 2.135   -5.324  -7.268  1.00 26.39 ? 59  ASP A C   1 
ATOM   408  O O   . ASP A 1 59  ? 0.984   -5.744  -7.326  1.00 23.62 ? 59  ASP A O   1 
ATOM   409  C CB  . ASP A 1 59  ? 3.641   -5.181  -5.219  1.00 23.06 ? 59  ASP A CB  1 
ATOM   410  C CG  . ASP A 1 59  ? 3.205   -6.539  -4.657  1.00 28.08 ? 59  ASP A CG  1 
ATOM   411  O OD1 . ASP A 1 59  ? 2.133   -7.067  -5.008  1.00 28.49 ? 59  ASP A OD1 1 
ATOM   412  O OD2 . ASP A 1 59  ? 3.979   -7.095  -3.845  1.00 28.62 ? 59  ASP A OD2 1 
ATOM   413  N N   . GLN A 1 60  ? 3.038   -5.560  -8.216  1.00 27.18 ? 60  GLN A N   1 
ATOM   414  C CA  . GLN A 1 60  ? 2.724   -6.363  -9.396  1.00 25.42 ? 60  GLN A CA  1 
ATOM   415  C C   . GLN A 1 60  ? 2.676   -7.827  -9.025  1.00 24.74 ? 60  GLN A C   1 
ATOM   416  O O   . GLN A 1 60  ? 1.863   -8.572  -9.551  1.00 26.32 ? 60  GLN A O   1 
ATOM   417  C CB  . GLN A 1 60  ? 3.776   -6.164  -10.496 1.00 23.16 ? 60  GLN A CB  1 
ATOM   418  C CG  . GLN A 1 60  ? 3.910   -4.726  -10.999 1.00 25.97 ? 60  GLN A CG  1 
ATOM   419  C CD  . GLN A 1 60  ? 2.683   -4.220  -11.745 1.00 30.13 ? 60  GLN A CD  1 
ATOM   420  O OE1 . GLN A 1 60  ? 1.698   -4.942  -11.923 1.00 33.36 ? 60  GLN A OE1 1 
ATOM   421  N NE2 . GLN A 1 60  ? 2.743   -2.970  -12.192 1.00 30.51 ? 60  GLN A NE2 1 
ATOM   422  N N   . LYS A 1 61  ? 3.546   -8.225  -8.103  1.00 21.41 ? 61  LYS A N   1 
ATOM   423  C CA  . LYS A 1 61  ? 3.648   -9.602  -7.649  1.00 26.60 ? 61  LYS A CA  1 
ATOM   424  C C   . LYS A 1 61  ? 2.314   -10.282 -7.300  1.00 27.91 ? 61  LYS A C   1 
ATOM   425  O O   . LYS A 1 61  ? 2.009   -11.369 -7.799  1.00 26.13 ? 61  LYS A O   1 
ATOM   426  C CB  . LYS A 1 61  ? 4.567   -9.664  -6.430  1.00 30.00 ? 61  LYS A CB  1 
ATOM   427  C CG  . LYS A 1 61  ? 4.724   -11.067 -5.832  1.00 35.75 ? 61  LYS A CG  1 
ATOM   428  C CD  . LYS A 1 61  ? 5.216   -10.990 -4.393  1.00 42.92 ? 61  LYS A CD  1 
ATOM   429  C CE  . LYS A 1 61  ? 5.502   -12.368 -3.799  1.00 51.65 ? 61  LYS A CE  1 
ATOM   430  N NZ  . LYS A 1 61  ? 6.797   -12.910 -4.295  1.00 59.46 ? 61  LYS A NZ  1 
ATOM   431  N N   . TRP A 1 62  ? 1.521   -9.659  -6.435  1.00 25.28 ? 62  TRP A N   1 
ATOM   432  C CA  . TRP A 1 62  ? 0.275   -10.276 -6.044  1.00 23.34 ? 62  TRP A CA  1 
ATOM   433  C C   . TRP A 1 62  ? -0.797  -10.243 -7.119  1.00 25.15 ? 62  TRP A C   1 
ATOM   434  O O   . TRP A 1 62  ? -1.700  -11.084 -7.114  1.00 26.55 ? 62  TRP A O   1 
ATOM   435  C CB  . TRP A 1 62  ? -0.180  -9.771  -4.677  1.00 25.03 ? 62  TRP A CB  1 
ATOM   436  C CG  . TRP A 1 62  ? 0.724   -10.313 -3.580  1.00 28.16 ? 62  TRP A CG  1 
ATOM   437  C CD1 . TRP A 1 62  ? 1.667   -9.620  -2.858  1.00 29.87 ? 62  TRP A CD1 1 
ATOM   438  C CD2 . TRP A 1 62  ? 0.823   -11.683 -3.153  1.00 29.56 ? 62  TRP A CD2 1 
ATOM   439  N NE1 . TRP A 1 62  ? 2.348   -10.477 -2.021  1.00 27.86 ? 62  TRP A NE1 1 
ATOM   440  C CE2 . TRP A 1 62  ? 1.853   -11.746 -2.182  1.00 27.95 ? 62  TRP A CE2 1 
ATOM   441  C CE3 . TRP A 1 62  ? 0.138   -12.862 -3.495  1.00 28.86 ? 62  TRP A CE3 1 
ATOM   442  C CZ2 . TRP A 1 62  ? 2.215   -12.939 -1.551  1.00 30.14 ? 62  TRP A CZ2 1 
ATOM   443  C CZ3 . TRP A 1 62  ? 0.494   -14.049 -2.865  1.00 30.17 ? 62  TRP A CZ3 1 
ATOM   444  C CH2 . TRP A 1 62  ? 1.527   -14.076 -1.903  1.00 31.44 ? 62  TRP A CH2 1 
ATOM   445  N N   . MET A 1 63  ? -0.666  -9.335  -8.086  1.00 23.41 ? 63  MET A N   1 
ATOM   446  C CA  . MET A 1 63  ? -1.617  -9.300  -9.190  1.00 22.33 ? 63  MET A CA  1 
ATOM   447  C C   . MET A 1 63  ? -1.251  -10.464 -10.115 1.00 24.47 ? 63  MET A C   1 
ATOM   448  O O   . MET A 1 63  ? -2.131  -11.206 -10.560 1.00 27.23 ? 63  MET A O   1 
ATOM   449  C CB  . MET A 1 63  ? -1.552  -7.982  -9.947  1.00 21.34 ? 63  MET A CB  1 
ATOM   450  C CG  . MET A 1 63  ? -2.551  -7.890  -11.115 1.00 21.69 ? 63  MET A CG  1 
ATOM   451  S SD  . MET A 1 63  ? -4.313  -8.058  -10.720 1.00 26.24 ? 63  MET A SD  1 
ATOM   452  C CE  . MET A 1 63  ? -4.636  -6.479  -9.974  1.00 18.96 ? 63  MET A CE  1 
ATOM   453  N N   . ASP A 1 64  ? 0.050   -10.632 -10.375 1.00 23.63 ? 64  ASP A N   1 
ATOM   454  C CA  . ASP A 1 64  ? 0.555   -11.733 -11.206 1.00 25.20 ? 64  ASP A CA  1 
ATOM   455  C C   . ASP A 1 64  ? 0.090   -13.036 -10.601 1.00 27.77 ? 64  ASP A C   1 
ATOM   456  O O   . ASP A 1 64  ? -0.289  -13.952 -11.323 1.00 26.96 ? 64  ASP A O   1 
ATOM   457  C CB  . ASP A 1 64  ? 2.081   -11.762 -11.245 1.00 23.66 ? 64  ASP A CB  1 
ATOM   458  C CG  . ASP A 1 64  ? 2.661   -10.676 -12.115 1.00 28.61 ? 64  ASP A CG  1 
ATOM   459  O OD1 . ASP A 1 64  ? 1.946   -10.140 -12.979 1.00 29.51 ? 64  ASP A OD1 1 
ATOM   460  O OD2 . ASP A 1 64  ? 3.844   -10.350 -11.935 1.00 36.91 ? 64  ASP A OD2 1 
ATOM   461  N N   . TYR A 1 65  ? 0.134   -13.118 -9.273  1.00 26.24 ? 65  TYR A N   1 
ATOM   462  C CA  . TYR A 1 65  ? -0.309  -14.311 -8.580  1.00 27.67 ? 65  TYR A CA  1 
ATOM   463  C C   . TYR A 1 65  ? -1.771  -14.647 -8.931  1.00 28.14 ? 65  TYR A C   1 
ATOM   464  O O   . TYR A 1 65  ? -2.071  -15.784 -9.289  1.00 29.99 ? 65  TYR A O   1 
ATOM   465  C CB  . TYR A 1 65  ? -0.151  -14.137 -7.060  1.00 27.88 ? 65  TYR A CB  1 
ATOM   466  C CG  . TYR A 1 65  ? -0.642  -15.323 -6.247  1.00 28.49 ? 65  TYR A CG  1 
ATOM   467  C CD1 . TYR A 1 65  ? 0.218   -16.385 -5.938  1.00 29.86 ? 65  TYR A CD1 1 
ATOM   468  C CD2 . TYR A 1 65  ? -1.966  -15.389 -5.794  1.00 25.95 ? 65  TYR A CD2 1 
ATOM   469  C CE1 . TYR A 1 65  ? -0.225  -17.478 -5.205  1.00 34.02 ? 65  TYR A CE1 1 
ATOM   470  C CE2 . TYR A 1 65  ? -2.422  -16.479 -5.055  1.00 32.11 ? 65  TYR A CE2 1 
ATOM   471  C CZ  . TYR A 1 65  ? -1.543  -17.518 -4.765  1.00 34.60 ? 65  TYR A CZ  1 
ATOM   472  O OH  . TYR A 1 65  ? -1.971  -18.589 -4.020  1.00 40.42 ? 65  TYR A OH  1 
ATOM   473  N N   . ALA A 1 66  ? -2.667  -13.660 -8.828  1.00 26.68 ? 66  ALA A N   1 
ATOM   474  C CA  . ALA A 1 66  ? -4.079  -13.870 -9.114  1.00 24.13 ? 66  ALA A CA  1 
ATOM   475  C C   . ALA A 1 66  ? -4.286  -14.184 -10.592 1.00 26.80 ? 66  ALA A C   1 
ATOM   476  O O   . ALA A 1 66  ? -5.146  -14.995 -10.937 1.00 25.97 ? 66  ALA A O   1 
ATOM   477  C CB  . ALA A 1 66  ? -4.904  -12.653 -8.684  1.00 23.15 ? 66  ALA A CB  1 
ATOM   478  N N   . VAL A 1 67  ? -3.476  -13.578 -11.460 1.00 25.38 ? 67  VAL A N   1 
ATOM   479  C CA  . VAL A 1 67  ? -3.581  -13.826 -12.888 1.00 25.43 ? 67  VAL A CA  1 
ATOM   480  C C   . VAL A 1 67  ? -3.276  -15.297 -13.201 1.00 29.57 ? 67  VAL A C   1 
ATOM   481  O O   . VAL A 1 67  ? -4.014  -15.930 -13.953 1.00 30.01 ? 67  VAL A O   1 
ATOM   482  C CB  . VAL A 1 67  ? -2.668  -12.885 -13.707 1.00 25.75 ? 67  VAL A CB  1 
ATOM   483  C CG1 . VAL A 1 67  ? -2.505  -13.423 -15.140 1.00 24.63 ? 67  VAL A CG1 1 
ATOM   484  C CG2 . VAL A 1 67  ? -3.270  -11.484 -13.757 1.00 21.36 ? 67  VAL A CG2 1 
ATOM   485  N N   . ASP A 1 68  ? -2.233  -15.852 -12.580 1.00 33.74 ? 68  ASP A N   1 
ATOM   486  C CA  . ASP A 1 68  ? -1.854  -17.258 -12.778 1.00 34.73 ? 68  ASP A CA  1 
ATOM   487  C C   . ASP A 1 68  ? -2.903  -18.214 -12.283 1.00 34.90 ? 68  ASP A C   1 
ATOM   488  O O   . ASP A 1 68  ? -2.979  -19.332 -12.764 1.00 37.65 ? 68  ASP A O   1 
ATOM   489  C CB  . ASP A 1 68  ? -0.538  -17.605 -12.087 1.00 41.45 ? 68  ASP A CB  1 
ATOM   490  C CG  . ASP A 1 68  ? 0.647   -16.873 -12.692 1.00 59.35 ? 68  ASP A CG  1 
ATOM   491  O OD1 . ASP A 1 68  ? 0.539   -16.359 -13.834 1.00 64.68 ? 68  ASP A OD1 1 
ATOM   492  O OD2 . ASP A 1 68  ? 1.694   -16.793 -12.013 1.00 70.83 ? 68  ASP A OD2 1 
ATOM   493  N N   . LYS A 1 69  ? -3.692  -17.803 -11.294 1.00 30.88 ? 69  LYS A N   1 
ATOM   494  C CA  . LYS A 1 69  ? -4.744  -18.679 -10.795 1.00 30.71 ? 69  LYS A CA  1 
ATOM   495  C C   . LYS A 1 69  ? -6.000  -18.542 -11.637 1.00 29.96 ? 69  LYS A C   1 
ATOM   496  O O   . LYS A 1 69  ? -7.040  -19.065 -11.276 1.00 33.06 ? 69  LYS A O   1 
ATOM   497  C CB  . LYS A 1 69  ? -5.075  -18.388 -9.331  1.00 31.04 ? 69  LYS A CB  1 
ATOM   498  C CG  . LYS A 1 69  ? -3.882  -18.446 -8.407  1.00 35.15 ? 69  LYS A CG  1 
ATOM   499  C CD  . LYS A 1 69  ? -3.160  -19.756 -8.495  1.00 37.00 ? 69  LYS A CD  1 
ATOM   500  C CE  . LYS A 1 69  ? -1.876  -19.678 -7.704  1.00 46.97 ? 69  LYS A CE  1 
ATOM   501  N NZ  . LYS A 1 69  ? -1.092  -20.941 -7.798  1.00 59.04 ? 69  LYS A NZ  1 
ATOM   502  N N   . LYS A 1 70  ? -5.911  -17.806 -12.739 1.00 28.58 ? 70  LYS A N   1 
ATOM   503  C CA  . LYS A 1 70  ? -7.042  -17.602 -13.633 1.00 32.75 ? 70  LYS A CA  1 
ATOM   504  C C   . LYS A 1 70  ? -8.209  -16.858 -12.980 1.00 29.51 ? 70  LYS A C   1 
ATOM   505  O O   . LYS A 1 70  ? -9.360  -16.982 -13.397 1.00 29.52 ? 70  LYS A O   1 
ATOM   506  C CB  . LYS A 1 70  ? -7.488  -18.948 -14.230 1.00 35.34 ? 70  LYS A CB  1 
ATOM   507  C CG  . LYS A 1 70  ? -6.462  -19.554 -15.198 1.00 41.09 ? 70  LYS A CG  1 
ATOM   508  C CD  . LYS A 1 70  ? -6.919  -20.922 -15.682 1.00 54.57 ? 70  LYS A CD  1 
ATOM   509  C CE  . LYS A 1 70  ? -6.077  -21.417 -16.852 1.00 61.42 ? 70  LYS A CE  1 
ATOM   510  N NZ  . LYS A 1 70  ? -6.304  -20.594 -18.082 1.00 71.82 ? 70  LYS A NZ  1 
ATOM   511  N N   . ALA A 1 71  ? -7.890  -15.986 -12.034 1.00 26.33 ? 71  ALA A N   1 
ATOM   512  C CA  . ALA A 1 71  ? -8.913  -15.248 -11.324 1.00 24.64 ? 71  ALA A CA  1 
ATOM   513  C C   . ALA A 1 71  ? -9.105  -13.808 -11.803 1.00 25.32 ? 71  ALA A C   1 
ATOM   514  O O   . ALA A 1 71  ? -9.973  -13.100 -11.300 1.00 26.20 ? 71  ALA A O   1 
ATOM   515  C CB  . ALA A 1 71  ? -8.591  -15.269 -9.841  1.00 20.67 ? 71  ALA A CB  1 
ATOM   516  N N   . ILE A 1 72  ? -8.354  -13.397 -12.817 1.00 23.71 ? 72  ILE A N   1 
ATOM   517  C CA  . ILE A 1 72  ? -8.404  -12.023 -13.302 1.00 21.84 ? 72  ILE A CA  1 
ATOM   518  C C   . ILE A 1 72  ? -8.790  -11.904 -14.780 1.00 26.86 ? 72  ILE A C   1 
ATOM   519  O O   . ILE A 1 72  ? -8.404  -12.730 -15.615 1.00 27.18 ? 72  ILE A O   1 
ATOM   520  C CB  . ILE A 1 72  ? -6.996  -11.359 -13.115 1.00 22.37 ? 72  ILE A CB  1 
ATOM   521  C CG1 . ILE A 1 72  ? -6.601  -11.328 -11.639 1.00 19.27 ? 72  ILE A CG1 1 
ATOM   522  C CG2 . ILE A 1 72  ? -6.951  -9.972  -13.729 1.00 22.30 ? 72  ILE A CG2 1 
ATOM   523  C CD1 . ILE A 1 72  ? -7.528  -10.501 -10.753 1.00 22.69 ? 72  ILE A CD1 1 
ATOM   524  N N   . ASP A 1 73  ? -9.591  -10.897 -15.099 1.00 26.33 ? 73  ASP A N   1 
ATOM   525  C CA  . ASP A 1 73  ? -9.944  -10.640 -16.490 1.00 26.57 ? 73  ASP A CA  1 
ATOM   526  C C   . ASP A 1 73  ? -8.697  -9.851  -16.965 1.00 27.16 ? 73  ASP A C   1 
ATOM   527  O O   . ASP A 1 73  ? -8.622  -8.618  -16.819 1.00 26.26 ? 73  ASP A O   1 
ATOM   528  C CB  . ASP A 1 73  ? -11.210 -9.790  -16.549 1.00 23.18 ? 73  ASP A CB  1 
ATOM   529  C CG  . ASP A 1 73  ? -11.731 -9.605  -17.963 1.00 24.83 ? 73  ASP A CG  1 
ATOM   530  O OD1 . ASP A 1 73  ? -10.935 -9.572  -18.924 1.00 29.44 ? 73  ASP A OD1 1 
ATOM   531  O OD2 . ASP A 1 73  ? -12.958 -9.487  -18.115 1.00 27.43 ? 73  ASP A OD2 1 
ATOM   532  N N   . THR A 1 74  ? -7.725  -10.557 -17.540 1.00 24.64 ? 74  THR A N   1 
ATOM   533  C CA  . THR A 1 74  ? -6.467  -9.922  -17.914 1.00 25.39 ? 74  THR A CA  1 
ATOM   534  C C   . THR A 1 74  ? -6.475  -8.726  -18.845 1.00 28.13 ? 74  THR A C   1 
ATOM   535  O O   . THR A 1 74  ? -5.634  -7.834  -18.695 1.00 31.82 ? 74  THR A O   1 
ATOM   536  C CB  . THR A 1 74  ? -5.414  -10.930 -18.397 1.00 26.92 ? 74  THR A CB  1 
ATOM   537  O OG1 . THR A 1 74  ? -5.776  -11.399 -19.703 1.00 32.72 ? 74  THR A OG1 1 
ATOM   538  C CG2 . THR A 1 74  ? -5.310  -12.102 -17.412 1.00 29.68 ? 74  THR A CG2 1 
ATOM   539  N N   . ALA A 1 75  ? -7.407  -8.664  -19.789 1.00 26.98 ? 75  ALA A N   1 
ATOM   540  C CA  . ALA A 1 75  ? -7.428  -7.518  -20.692 1.00 27.95 ? 75  ALA A CA  1 
ATOM   541  C C   . ALA A 1 75  ? -7.652  -6.213  -19.929 1.00 28.36 ? 75  ALA A C   1 
ATOM   542  O O   . ALA A 1 75  ? -7.321  -5.136  -20.428 1.00 31.82 ? 75  ALA A O   1 
ATOM   543  C CB  . ALA A 1 75  ? -8.488  -7.694  -21.769 1.00 24.50 ? 75  ALA A CB  1 
ATOM   544  N N   . THR A 1 76  ? -8.181  -6.308  -18.710 1.00 26.26 ? 76  THR A N   1 
ATOM   545  C CA  . THR A 1 76  ? -8.450  -5.111  -17.913 1.00 26.57 ? 76  THR A CA  1 
ATOM   546  C C   . THR A 1 76  ? -7.292  -4.679  -17.010 1.00 24.57 ? 76  THR A C   1 
ATOM   547  O O   . THR A 1 76  ? -7.342  -3.596  -16.418 1.00 26.56 ? 76  THR A O   1 
ATOM   548  C CB  . THR A 1 76  ? -9.711  -5.284  -17.009 1.00 24.81 ? 76  THR A CB  1 
ATOM   549  O OG1 . THR A 1 76  ? -9.440  -6.234  -15.963 1.00 24.11 ? 76  THR A OG1 1 
ATOM   550  C CG2 . THR A 1 76  ? -10.895 -5.765  -17.822 1.00 23.65 ? 76  THR A CG2 1 
ATOM   551  N N   . ARG A 1 77  ? -6.270  -5.516  -16.872 1.00 24.25 ? 77  ARG A N   1 
ATOM   552  C CA  . ARG A 1 77  ? -5.159  -5.177  -15.989 1.00 28.15 ? 77  ARG A CA  1 
ATOM   553  C C   . ARG A 1 77  ? -4.376  -3.958  -16.460 1.00 31.21 ? 77  ARG A C   1 
ATOM   554  O O   . ARG A 1 77  ? -3.906  -3.919  -17.593 1.00 33.96 ? 77  ARG A O   1 
ATOM   555  C CB  . ARG A 1 77  ? -4.224  -6.355  -15.819 1.00 26.70 ? 77  ARG A CB  1 
ATOM   556  C CG  . ARG A 1 77  ? -3.099  -6.064  -14.877 1.00 25.69 ? 77  ARG A CG  1 
ATOM   557  C CD  . ARG A 1 77  ? -2.037  -7.072  -15.049 1.00 26.67 ? 77  ARG A CD  1 
ATOM   558  N NE  . ARG A 1 77  ? -0.904  -6.789  -14.190 1.00 26.55 ? 77  ARG A NE  1 
ATOM   559  C CZ  . ARG A 1 77  ? -0.129  -7.723  -13.659 1.00 27.50 ? 77  ARG A CZ  1 
ATOM   560  N NH1 . ARG A 1 77  ? -0.370  -9.004  -13.913 1.00 28.44 ? 77  ARG A NH1 1 
ATOM   561  N NH2 . ARG A 1 77  ? 0.855   -7.376  -12.838 1.00 27.16 ? 77  ARG A NH2 1 
ATOM   562  N N   . GLN A 1 78  ? -4.184  -2.990  -15.570 1.00 29.20 ? 78  GLN A N   1 
ATOM   563  C CA  . GLN A 1 78  ? -3.473  -1.765  -15.929 1.00 31.13 ? 78  GLN A CA  1 
ATOM   564  C C   . GLN A 1 78  ? -2.805  -1.178  -14.672 1.00 30.19 ? 78  GLN A C   1 
ATOM   565  O O   . GLN A 1 78  ? -3.371  -1.278  -13.576 1.00 27.12 ? 78  GLN A O   1 
ATOM   566  C CB  . GLN A 1 78  ? -4.511  -0.792  -16.472 1.00 30.60 ? 78  GLN A CB  1 
ATOM   567  C CG  . GLN A 1 78  ? -3.997  0.419   -17.163 1.00 53.10 ? 78  GLN A CG  1 
ATOM   568  C CD  . GLN A 1 78  ? -5.090  1.462   -17.301 1.00 62.13 ? 78  GLN A CD  1 
ATOM   569  O OE1 . GLN A 1 78  ? -4.974  2.576   -16.774 1.00 69.63 ? 78  GLN A OE1 1 
ATOM   570  N NE2 . GLN A 1 78  ? -6.183  1.090   -17.962 1.00 61.51 ? 78  GLN A NE2 1 
ATOM   571  N N   . THR A 1 79  ? -1.580  -0.654  -14.796 1.00 26.86 ? 79  THR A N   1 
ATOM   572  C CA  . THR A 1 79  ? -0.891  -0.035  -13.649 1.00 29.06 ? 79  THR A CA  1 
ATOM   573  C C   . THR A 1 79  ? -1.568  1.317   -13.444 1.00 30.03 ? 79  THR A C   1 
ATOM   574  O O   . THR A 1 79  ? -1.646  2.121   -14.367 1.00 32.88 ? 79  THR A O   1 
ATOM   575  C CB  . THR A 1 79  ? 0.614   0.151   -13.882 1.00 28.23 ? 79  THR A CB  1 
ATOM   576  O OG1 . THR A 1 79  ? 1.214   -1.128  -14.111 1.00 27.73 ? 79  THR A OG1 1 
ATOM   577  C CG2 . THR A 1 79  ? 1.263   0.795   -12.648 1.00 25.26 ? 79  THR A CG2 1 
ATOM   578  N N   . LEU A 1 80  ? -2.076  1.551   -12.241 1.00 27.67 ? 80  LEU A N   1 
ATOM   579  C CA  . LEU A 1 80  ? -2.820  2.769   -11.967 1.00 31.09 ? 80  LEU A CA  1 
ATOM   580  C C   . LEU A 1 80  ? -2.111  3.862   -11.180 1.00 31.86 ? 80  LEU A C   1 
ATOM   581  O O   . LEU A 1 80  ? -2.216  5.043   -11.522 1.00 30.17 ? 80  LEU A O   1 
ATOM   582  C CB  . LEU A 1 80  ? -4.133  2.405   -11.263 1.00 27.29 ? 80  LEU A CB  1 
ATOM   583  C CG  . LEU A 1 80  ? -5.151  3.523   -11.029 1.00 31.49 ? 80  LEU A CG  1 
ATOM   584  C CD1 . LEU A 1 80  ? -5.824  3.897   -12.341 1.00 30.83 ? 80  LEU A CD1 1 
ATOM   585  C CD2 . LEU A 1 80  ? -6.194  3.059   -10.035 1.00 28.81 ? 80  LEU A CD2 1 
ATOM   586  N N   . LEU A 1 81  ? -1.412  3.473   -10.115 1.00 29.86 ? 81  LEU A N   1 
ATOM   587  C CA  . LEU A 1 81  ? -0.739  4.432   -9.242  1.00 26.97 ? 81  LEU A CA  1 
ATOM   588  C C   . LEU A 1 81  ? 0.704   4.076   -8.972  1.00 26.64 ? 81  LEU A C   1 
ATOM   589  O O   . LEU A 1 81  ? 1.155   2.945   -9.220  1.00 26.54 ? 81  LEU A O   1 
ATOM   590  C CB  . LEU A 1 81  ? -1.447  4.471   -7.886  1.00 23.75 ? 81  LEU A CB  1 
ATOM   591  C CG  . LEU A 1 81  ? -2.966  4.611   -7.915  1.00 25.71 ? 81  LEU A CG  1 
ATOM   592  C CD1 . LEU A 1 81  ? -3.572  4.276   -6.549  1.00 21.88 ? 81  LEU A CD1 1 
ATOM   593  C CD2 . LEU A 1 81  ? -3.339  6.018   -8.372  1.00 24.64 ? 81  LEU A CD2 1 
ATOM   594  N N   . GLY A 1 82  ? 1.407   5.057   -8.430  1.00 24.97 ? 82  GLY A N   1 
ATOM   595  C CA  . GLY A 1 82  ? 2.784   4.882   -8.023  1.00 23.70 ? 82  GLY A CA  1 
ATOM   596  C C   . GLY A 1 82  ? 2.802   5.402   -6.592  1.00 25.70 ? 82  GLY A C   1 
ATOM   597  O O   . GLY A 1 82  ? 1.810   5.976   -6.113  1.00 27.59 ? 82  GLY A O   1 
ATOM   598  N N   . ASN A 1 83  ? 3.912   5.219   -5.897  1.00 26.72 ? 83  ASN A N   1 
ATOM   599  C CA  . ASN A 1 83  ? 4.009   5.688   -4.521  1.00 27.61 ? 83  ASN A CA  1 
ATOM   600  C C   . ASN A 1 83  ? 5.505   5.667   -4.173  1.00 29.19 ? 83  ASN A C   1 
ATOM   601  O O   . ASN A 1 83  ? 6.328   5.155   -4.943  1.00 31.13 ? 83  ASN A O   1 
ATOM   602  C CB  . ASN A 1 83  ? 3.240   4.719   -3.604  1.00 27.60 ? 83  ASN A CB  1 
ATOM   603  C CG  . ASN A 1 83  ? 2.630   5.392   -2.374  1.00 25.60 ? 83  ASN A CG  1 
ATOM   604  O OD1 . ASN A 1 83  ? 3.084   6.433   -1.908  1.00 30.48 ? 83  ASN A OD1 1 
ATOM   605  N ND2 . ASN A 1 83  ? 1.593   4.771   -1.832  1.00 24.18 ? 83  ASN A ND2 1 
ATOM   606  N N   . SER A 1 84  ? 5.848   6.203   -3.014  1.00 28.64 ? 84  SER A N   1 
ATOM   607  C CA  . SER A 1 84  ? 7.225   6.220   -2.556  1.00 32.04 ? 84  SER A CA  1 
ATOM   608  C C   . SER A 1 84  ? 7.302   5.423   -1.254  1.00 32.22 ? 84  SER A C   1 
ATOM   609  O O   . SER A 1 84  ? 6.278   5.200   -0.589  1.00 30.28 ? 84  SER A O   1 
ATOM   610  C CB  . SER A 1 84  ? 7.644   7.661   -2.288  1.00 30.57 ? 84  SER A CB  1 
ATOM   611  O OG  . SER A 1 84  ? 6.736   8.258   -1.374  1.00 37.26 ? 84  SER A OG  1 
ATOM   612  N N   . LEU A 1 85  ? 8.515   5.001   -0.896  1.00 32.92 ? 85  LEU A N   1 
ATOM   613  C CA  . LEU A 1 85  ? 8.744   4.257   0.342   1.00 33.06 ? 85  LEU A CA  1 
ATOM   614  C C   . LEU A 1 85  ? 9.480   5.203   1.314   1.00 31.51 ? 85  LEU A C   1 
ATOM   615  O O   . LEU A 1 85  ? 10.557  5.723   0.992   1.00 33.76 ? 85  LEU A O   1 
ATOM   616  C CB  . LEU A 1 85  ? 9.574   3.015   0.038   1.00 32.19 ? 85  LEU A CB  1 
ATOM   617  C CG  . LEU A 1 85  ? 9.562   1.918   1.094   1.00 33.20 ? 85  LEU A CG  1 
ATOM   618  C CD1 . LEU A 1 85  ? 8.142   1.429   1.261   1.00 33.85 ? 85  LEU A CD1 1 
ATOM   619  C CD2 . LEU A 1 85  ? 10.485  0.771   0.666   1.00 30.85 ? 85  LEU A CD2 1 
ATOM   620  N N   . VAL A 1 86  ? 8.891   5.443   2.481   1.00 29.99 ? 86  VAL A N   1 
ATOM   621  C CA  . VAL A 1 86  ? 9.465   6.361   3.458   1.00 30.43 ? 86  VAL A CA  1 
ATOM   622  C C   . VAL A 1 86  ? 9.584   5.794   4.881   1.00 35.14 ? 86  VAL A C   1 
ATOM   623  O O   . VAL A 1 86  ? 9.071   4.710   5.184   1.00 31.77 ? 86  VAL A O   1 
ATOM   624  C CB  . VAL A 1 86  ? 8.616   7.664   3.551   1.00 29.69 ? 86  VAL A CB  1 
ATOM   625  C CG1 . VAL A 1 86  ? 8.445   8.297   2.182   1.00 28.18 ? 86  VAL A CG1 1 
ATOM   626  C CG2 . VAL A 1 86  ? 7.267   7.390   4.181   1.00 26.45 ? 86  VAL A CG2 1 
ATOM   627  N N   . VAL A 1 87  ? 10.289  6.525   5.745   1.00 35.98 ? 87  VAL A N   1 
ATOM   628  C CA  . VAL A 1 87  ? 10.432  6.144   7.150   1.00 32.90 ? 87  VAL A CA  1 
ATOM   629  C C   . VAL A 1 87  ? 9.699   7.209   7.940   1.00 30.65 ? 87  VAL A C   1 
ATOM   630  O O   . VAL A 1 87  ? 9.916   8.397   7.722   1.00 34.06 ? 87  VAL A O   1 
ATOM   631  C CB  . VAL A 1 87  ? 11.901  6.110   7.625   1.00 31.40 ? 87  VAL A CB  1 
ATOM   632  C CG1 . VAL A 1 87  ? 11.955  5.788   9.109   1.00 28.12 ? 87  VAL A CG1 1 
ATOM   633  C CG2 . VAL A 1 87  ? 12.689  5.093   6.836   1.00 31.70 ? 87  VAL A CG2 1 
ATOM   634  N N   . VAL A 1 88  ? 8.804   6.792   8.824   1.00 29.32 ? 88  VAL A N   1 
ATOM   635  C CA  . VAL A 1 88  ? 8.041   7.724   9.635   1.00 29.86 ? 88  VAL A CA  1 
ATOM   636  C C   . VAL A 1 88  ? 8.394   7.550   11.115  1.00 34.24 ? 88  VAL A C   1 
ATOM   637  O O   . VAL A 1 88  ? 8.977   6.537   11.507  1.00 30.78 ? 88  VAL A O   1 
ATOM   638  C CB  . VAL A 1 88  ? 6.520   7.531   9.422   1.00 30.27 ? 88  VAL A CB  1 
ATOM   639  C CG1 . VAL A 1 88  ? 6.175   7.817   7.976   1.00 30.65 ? 88  VAL A CG1 1 
ATOM   640  C CG2 . VAL A 1 88  ? 6.087   6.109   9.808   1.00 27.66 ? 88  VAL A CG2 1 
ATOM   641  N N   . ALA A 1 89  ? 8.085   8.561   11.919  1.00 33.53 ? 89  ALA A N   1 
ATOM   642  C CA  . ALA A 1 89  ? 8.348   8.527   13.352  1.00 35.66 ? 89  ALA A CA  1 
ATOM   643  C C   . ALA A 1 89  ? 7.137   9.187   13.968  1.00 35.61 ? 89  ALA A C   1 
ATOM   644  O O   . ALA A 1 89  ? 6.364   9.824   13.250  1.00 38.52 ? 89  ALA A O   1 
ATOM   645  C CB  . ALA A 1 89  ? 9.606   9.314   13.672  1.00 33.92 ? 89  ALA A CB  1 
ATOM   646  N N   . PRO A 1 90  ? 6.898   8.996   15.279  1.00 39.21 ? 90  PRO A N   1 
ATOM   647  C CA  . PRO A 1 90  ? 5.721   9.640   15.883  1.00 42.59 ? 90  PRO A CA  1 
ATOM   648  C C   . PRO A 1 90  ? 5.815   11.171  15.740  1.00 49.15 ? 90  PRO A C   1 
ATOM   649  O O   . PRO A 1 90  ? 6.914   11.734  15.686  1.00 48.42 ? 90  PRO A O   1 
ATOM   650  C CB  . PRO A 1 90  ? 5.791   9.191   17.344  1.00 40.31 ? 90  PRO A CB  1 
ATOM   651  C CG  . PRO A 1 90  ? 6.496   7.866   17.262  1.00 37.88 ? 90  PRO A CG  1 
ATOM   652  C CD  . PRO A 1 90  ? 7.591   8.139   16.258  1.00 35.66 ? 90  PRO A CD  1 
ATOM   653  N N   . LYS A 1 91  ? 4.663   11.825  15.628  1.00 55.31 ? 91  LYS A N   1 
ATOM   654  C CA  . LYS A 1 91  ? 4.567   13.284  15.469  1.00 59.33 ? 91  LYS A CA  1 
ATOM   655  C C   . LYS A 1 91  ? 5.445   13.999  16.506  1.00 62.18 ? 91  LYS A C   1 
ATOM   656  O O   . LYS A 1 91  ? 6.261   14.870  16.170  1.00 56.94 ? 91  LYS A O   1 
ATOM   657  C CB  . LYS A 1 91  ? 3.097   13.707  15.672  1.00 62.09 ? 91  LYS A CB  1 
ATOM   658  C CG  . LYS A 1 91  ? 2.713   15.096  15.170  1.00 60.74 ? 91  LYS A CG  1 
ATOM   659  C CD  . LYS A 1 91  ? 2.741   15.138  13.653  1.00 65.14 ? 91  LYS A CD  1 
ATOM   660  C CE  . LYS A 1 91  ? 1.966   16.325  13.112  1.00 69.68 ? 91  LYS A CE  1 
ATOM   661  N NZ  . LYS A 1 91  ? 1.941   16.287  11.619  1.00 69.09 ? 91  LYS A NZ  1 
ATOM   662  N N   . ALA A 1 92  ? 5.273   13.572  17.761  1.00 64.47 ? 92  ALA A N   1 
ATOM   663  C CA  . ALA A 1 92  ? 5.969   14.113  18.928  1.00 65.66 ? 92  ALA A CA  1 
ATOM   664  C C   . ALA A 1 92  ? 7.378   13.568  19.189  1.00 67.21 ? 92  ALA A C   1 
ATOM   665  O O   . ALA A 1 92  ? 7.927   13.764  20.272  1.00 70.94 ? 92  ALA A O   1 
ATOM   666  C CB  . ALA A 1 92  ? 5.097   13.918  20.168  1.00 60.65 ? 92  ALA A CB  1 
ATOM   667  N N   . SER A 1 93  ? 7.945   12.835  18.241  1.00 66.62 ? 93  SER A N   1 
ATOM   668  C CA  . SER A 1 93  ? 9.290   12.309  18.419  1.00 61.81 ? 93  SER A CA  1 
ATOM   669  C C   . SER A 1 93  ? 10.238  13.484  18.185  1.00 64.05 ? 93  SER A C   1 
ATOM   670  O O   . SER A 1 93  ? 9.855   14.500  17.597  1.00 63.14 ? 93  SER A O   1 
ATOM   671  C CB  . SER A 1 93  ? 9.568   11.192  17.400  1.00 61.12 ? 93  SER A CB  1 
ATOM   672  O OG  . SER A 1 93  ? 10.899  10.689  17.481  1.00 63.59 ? 93  SER A OG  1 
ATOM   673  N N   . VAL A 1 94  ? 11.461  13.352  18.684  1.00 64.40 ? 94  VAL A N   1 
ATOM   674  C CA  . VAL A 1 94  ? 12.476  14.387  18.515  1.00 64.11 ? 94  VAL A CA  1 
ATOM   675  C C   . VAL A 1 94  ? 13.426  13.923  17.431  1.00 63.55 ? 94  VAL A C   1 
ATOM   676  O O   . VAL A 1 94  ? 14.514  14.476  17.242  1.00 65.60 ? 94  VAL A O   1 
ATOM   677  C CB  . VAL A 1 94  ? 13.258  14.625  19.824  1.00 66.25 ? 94  VAL A CB  1 
ATOM   678  C CG1 . VAL A 1 94  ? 12.354  15.322  20.842  1.00 61.88 ? 94  VAL A CG1 1 
ATOM   679  C CG2 . VAL A 1 94  ? 13.784  13.292  20.379  1.00 63.22 ? 94  VAL A CG2 1 
ATOM   680  N N   . GLN A 1 95  ? 13.009  12.865  16.749  1.00 63.02 ? 95  GLN A N   1 
ATOM   681  C CA  . GLN A 1 95  ? 13.782  12.279  15.670  1.00 63.68 ? 95  GLN A CA  1 
ATOM   682  C C   . GLN A 1 95  ? 13.919  13.329  14.559  1.00 61.95 ? 95  GLN A C   1 
ATOM   683  O O   . GLN A 1 95  ? 12.937  13.975  14.166  1.00 65.86 ? 95  GLN A O   1 
ATOM   684  C CB  . GLN A 1 95  ? 13.058  11.024  15.168  1.00 60.46 ? 95  GLN A CB  1 
ATOM   685  C CG  . GLN A 1 95  ? 13.792  10.273  14.092  1.00 63.13 ? 95  GLN A CG  1 
ATOM   686  C CD  . GLN A 1 95  ? 15.118  9.754   14.575  1.00 66.45 ? 95  GLN A CD  1 
ATOM   687  O OE1 . GLN A 1 95  ? 16.173  10.204  14.127  1.00 61.90 ? 95  GLN A OE1 1 
ATOM   688  N NE2 . GLN A 1 95  ? 15.076  8.801   15.504  1.00 68.12 ? 95  GLN A NE2 1 
ATOM   689  N N   . LYS A 1 96  ? 15.137  13.538  14.085  1.00 60.99 ? 96  LYS A N   1 
ATOM   690  C CA  . LYS A 1 96  ? 15.350  14.525  13.036  1.00 60.85 ? 96  LYS A CA  1 
ATOM   691  C C   . LYS A 1 96  ? 15.517  13.815  11.710  1.00 59.05 ? 96  LYS A C   1 
ATOM   692  O O   . LYS A 1 96  ? 15.712  12.600  11.667  1.00 59.16 ? 96  LYS A O   1 
ATOM   693  C CB  . LYS A 1 96  ? 16.579  15.393  13.355  1.00 65.24 ? 96  LYS A CB  1 
ATOM   694  C CG  . LYS A 1 96  ? 16.394  16.296  14.595  1.00 67.55 ? 96  LYS A CG  1 
ATOM   695  C CD  . LYS A 1 96  ? 17.720  16.635  15.323  1.00 70.67 ? 96  LYS A CD  1 
ATOM   696  C CE  . LYS A 1 96  ? 18.554  17.741  14.636  1.00 73.71 ? 96  LYS A CE  1 
ATOM   697  N NZ  . LYS A 1 96  ? 19.369  17.295  13.452  1.00 74.51 ? 96  LYS A NZ  1 
ATOM   698  N N   . ASP A 1 97  ? 15.389  14.567  10.627  1.00 56.37 ? 97  ASP A N   1 
ATOM   699  C CA  . ASP A 1 97  ? 15.535  14.010  9.297   1.00 55.58 ? 97  ASP A CA  1 
ATOM   700  C C   . ASP A 1 97  ? 16.877  13.345  9.126   1.00 54.01 ? 97  ASP A C   1 
ATOM   701  O O   . ASP A 1 97  ? 17.845  13.719  9.777   1.00 59.37 ? 97  ASP A O   1 
ATOM   702  C CB  . ASP A 1 97  ? 15.394  15.109  8.246   1.00 62.55 ? 97  ASP A CB  1 
ATOM   703  C CG  . ASP A 1 97  ? 13.958  15.555  8.062   1.00 69.26 ? 97  ASP A CG  1 
ATOM   704  O OD1 . ASP A 1 97  ? 13.212  15.645  9.078   1.00 67.55 ? 97  ASP A OD1 1 
ATOM   705  O OD2 . ASP A 1 97  ? 13.580  15.796  6.888   1.00 73.43 ? 97  ASP A OD2 1 
ATOM   706  N N   . PHE A 1 98  ? 16.931  12.356  8.246   1.00 53.32 ? 98  PHE A N   1 
ATOM   707  C CA  . PHE A 1 98  ? 18.174  11.662  7.959   1.00 52.25 ? 98  PHE A CA  1 
ATOM   708  C C   . PHE A 1 98  ? 18.188  11.088  6.558   1.00 53.64 ? 98  PHE A C   1 
ATOM   709  O O   . PHE A 1 98  ? 17.150  10.930  5.917   1.00 56.75 ? 98  PHE A O   1 
ATOM   710  C CB  . PHE A 1 98  ? 18.498  10.586  9.009   1.00 50.46 ? 98  PHE A CB  1 
ATOM   711  C CG  . PHE A 1 98  ? 17.541  9.412   9.034   1.00 49.03 ? 98  PHE A CG  1 
ATOM   712  C CD1 . PHE A 1 98  ? 16.388  9.445   9.827   1.00 50.30 ? 98  PHE A CD1 1 
ATOM   713  C CD2 . PHE A 1 98  ? 17.844  8.232   8.343   1.00 51.24 ? 98  PHE A CD2 1 
ATOM   714  C CE1 . PHE A 1 98  ? 15.551  8.317   9.942   1.00 49.22 ? 98  PHE A CE1 1 
ATOM   715  C CE2 . PHE A 1 98  ? 17.014  7.099   8.450   1.00 49.33 ? 98  PHE A CE2 1 
ATOM   716  C CZ  . PHE A 1 98  ? 15.867  7.142   9.253   1.00 45.88 ? 98  PHE A CZ  1 
ATOM   717  N N   . THR A 1 99  ? 19.384  10.805  6.076   1.00 54.80 ? 99  THR A N   1 
ATOM   718  C CA  . THR A 1 99  ? 19.566  10.265  4.748   1.00 56.42 ? 99  THR A CA  1 
ATOM   719  C C   . THR A 1 99  ? 19.728  8.757   4.848   1.00 54.99 ? 99  THR A C   1 
ATOM   720  O O   . THR A 1 99  ? 20.179  8.233   5.879   1.00 56.75 ? 99  THR A O   1 
ATOM   721  C CB  . THR A 1 99  ? 20.796  10.924  4.069   1.00 58.87 ? 99  THR A CB  1 
ATOM   722  O OG1 . THR A 1 99  ? 20.571  12.337  3.974   1.00 65.58 ? 99  THR A OG1 1 
ATOM   723  C CG2 . THR A 1 99  ? 21.027  10.369  2.671   1.00 63.93 ? 99  THR A CG2 1 
ATOM   724  N N   . ILE A 1 100 ? 19.313  8.064   3.795   1.00 51.37 ? 100 ILE A N   1 
ATOM   725  C CA  . ILE A 1 100 ? 19.394  6.617   3.753   1.00 50.35 ? 100 ILE A CA  1 
ATOM   726  C C   . ILE A 1 100 ? 20.394  6.206   2.689   1.00 51.82 ? 100 ILE A C   1 
ATOM   727  O O   . ILE A 1 100 ? 20.153  6.411   1.504   1.00 57.59 ? 100 ILE A O   1 
ATOM   728  C CB  . ILE A 1 100 ? 17.989  6.008   3.456   1.00 44.98 ? 100 ILE A CB  1 
ATOM   729  C CG1 . ILE A 1 100 ? 17.053  6.245   4.647   1.00 42.11 ? 100 ILE A CG1 1 
ATOM   730  C CG2 . ILE A 1 100 ? 18.096  4.537   3.157   1.00 42.54 ? 100 ILE A CG2 1 
ATOM   731  C CD1 . ILE A 1 100 ? 15.598  5.947   4.370   1.00 40.29 ? 100 ILE A CD1 1 
ATOM   732  N N   . ASP A 1 101 ? 21.546  5.695   3.113   1.00 53.51 ? 101 ASP A N   1 
ATOM   733  C CA  . ASP A 1 101 ? 22.575  5.240   2.175   1.00 59.57 ? 101 ASP A CA  1 
ATOM   734  C C   . ASP A 1 101 ? 23.307  4.025   2.744   1.00 61.69 ? 101 ASP A C   1 
ATOM   735  O O   . ASP A 1 101 ? 22.928  3.513   3.805   1.00 60.95 ? 101 ASP A O   1 
ATOM   736  C CB  . ASP A 1 101 ? 23.558  6.367   1.803   1.00 58.29 ? 101 ASP A CB  1 
ATOM   737  C CG  . ASP A 1 101 ? 24.081  7.106   3.009   1.00 64.79 ? 101 ASP A CG  1 
ATOM   738  O OD1 . ASP A 1 101 ? 24.913  6.534   3.743   1.00 69.52 ? 101 ASP A OD1 1 
ATOM   739  O OD2 . ASP A 1 101 ? 23.653  8.260   3.225   1.00 69.54 ? 101 ASP A OD2 1 
ATOM   740  N N   . SER A 1 102 ? 24.339  3.557   2.043   1.00 63.26 ? 102 SER A N   1 
ATOM   741  C CA  . SER A 1 102 ? 25.092  2.381   2.479   1.00 63.60 ? 102 SER A CA  1 
ATOM   742  C C   . SER A 1 102 ? 25.621  2.527   3.897   1.00 63.25 ? 102 SER A C   1 
ATOM   743  O O   . SER A 1 102 ? 25.799  1.536   4.602   1.00 63.53 ? 102 SER A O   1 
ATOM   744  C CB  . SER A 1 102 ? 26.253  2.118   1.524   1.00 65.18 ? 102 SER A CB  1 
ATOM   745  O OG  . SER A 1 102 ? 25.818  2.199   0.177   1.00 70.11 ? 102 SER A OG  1 
ATOM   746  N N   . LYS A 1 103 ? 25.840  3.766   4.327   1.00 64.33 ? 103 LYS A N   1 
ATOM   747  C CA  . LYS A 1 103 ? 26.360  3.999   5.658   1.00 66.76 ? 103 LYS A CA  1 
ATOM   748  C C   . LYS A 1 103 ? 25.408  4.770   6.584   1.00 66.46 ? 103 LYS A C   1 
ATOM   749  O O   . LYS A 1 103 ? 25.716  5.872   7.051   1.00 69.17 ? 103 LYS A O   1 
ATOM   750  C CB  . LYS A 1 103 ? 27.737  4.671   5.563   1.00 74.95 ? 103 LYS A CB  1 
ATOM   751  C CG  . LYS A 1 103 ? 28.542  4.575   6.858   1.00 84.78 ? 103 LYS A CG  1 
ATOM   752  C CD  . LYS A 1 103 ? 28.502  3.149   7.432   1.00 88.68 ? 103 LYS A CD  1 
ATOM   753  C CE  . LYS A 1 103 ? 28.920  3.120   8.901   1.00 89.19 ? 103 LYS A CE  1 
ATOM   754  N NZ  . LYS A 1 103 ? 28.789  1.751   9.466   1.00 93.69 ? 103 LYS A NZ  1 
ATOM   755  N N   . THR A 1 104 ? 24.226  4.206   6.805   1.00 64.22 ? 104 THR A N   1 
ATOM   756  C CA  . THR A 1 104 ? 23.242  4.808   7.701   1.00 58.09 ? 104 THR A CA  1 
ATOM   757  C C   . THR A 1 104 ? 23.351  3.942   8.940   1.00 58.40 ? 104 THR A C   1 
ATOM   758  O O   . THR A 1 104 ? 23.391  2.709   8.833   1.00 57.72 ? 104 THR A O   1 
ATOM   759  C CB  . THR A 1 104 ? 21.790  4.695   7.153   1.00 55.88 ? 104 THR A CB  1 
ATOM   760  O OG1 . THR A 1 104 ? 21.683  5.378   5.892   1.00 53.59 ? 104 THR A OG1 1 
ATOM   761  C CG2 . THR A 1 104 ? 20.788  5.296   8.149   1.00 48.72 ? 104 THR A CG2 1 
ATOM   762  N N   . ASN A 1 105 ? 23.440  4.558   10.111  1.00 57.82 ? 105 ASN A N   1 
ATOM   763  C CA  . ASN A 1 105 ? 23.553  3.754   11.317  1.00 57.70 ? 105 ASN A CA  1 
ATOM   764  C C   . ASN A 1 105 ? 22.195  3.490   11.943  1.00 54.46 ? 105 ASN A C   1 
ATOM   765  O O   . ASN A 1 105 ? 21.762  4.176   12.871  1.00 53.35 ? 105 ASN A O   1 
ATOM   766  C CB  . ASN A 1 105 ? 24.492  4.387   12.330  1.00 62.56 ? 105 ASN A CB  1 
ATOM   767  C CG  . ASN A 1 105 ? 24.888  3.417   13.418  1.00 66.25 ? 105 ASN A CG  1 
ATOM   768  O OD1 . ASN A 1 105 ? 24.669  2.205   13.303  1.00 70.20 ? 105 ASN A OD1 1 
ATOM   769  N ND2 . ASN A 1 105 ? 25.466  3.939   14.482  1.00 70.03 ? 105 ASN A ND2 1 
ATOM   770  N N   . TRP A 1 106 ? 21.533  2.465   11.434  1.00 54.02 ? 106 TRP A N   1 
ATOM   771  C CA  . TRP A 1 106 ? 20.209  2.101   11.908  1.00 50.04 ? 106 TRP A CA  1 
ATOM   772  C C   . TRP A 1 106 ? 20.159  1.762   13.386  1.00 51.56 ? 106 TRP A C   1 
ATOM   773  O O   . TRP A 1 106 ? 19.212  2.156   14.082  1.00 48.87 ? 106 TRP A O   1 
ATOM   774  C CB  . TRP A 1 106 ? 19.671  0.930   11.092  1.00 47.83 ? 106 TRP A CB  1 
ATOM   775  C CG  . TRP A 1 106 ? 19.380  1.281   9.670   1.00 44.08 ? 106 TRP A CG  1 
ATOM   776  C CD1 . TRP A 1 106 ? 20.182  1.055   8.586   1.00 45.06 ? 106 TRP A CD1 1 
ATOM   777  C CD2 . TRP A 1 106 ? 18.184  1.888   9.168   1.00 42.50 ? 106 TRP A CD2 1 
ATOM   778  N NE1 . TRP A 1 106 ? 19.554  1.477   7.436   1.00 44.98 ? 106 TRP A NE1 1 
ATOM   779  C CE2 . TRP A 1 106 ? 18.327  1.994   7.765   1.00 45.88 ? 106 TRP A CE2 1 
ATOM   780  C CE3 . TRP A 1 106 ? 17.002  2.348   9.768   1.00 44.03 ? 106 TRP A CE3 1 
ATOM   781  C CZ2 . TRP A 1 106 ? 17.329  2.543   6.947   1.00 43.13 ? 106 TRP A CZ2 1 
ATOM   782  C CZ3 . TRP A 1 106 ? 16.009  2.893   8.959   1.00 42.66 ? 106 TRP A CZ3 1 
ATOM   783  C CH2 . TRP A 1 106 ? 16.182  2.985   7.559   1.00 42.41 ? 106 TRP A CH2 1 
ATOM   784  N N   . THR A 1 107 ? 21.191  1.074   13.874  1.00 52.90 ? 107 THR A N   1 
ATOM   785  C CA  . THR A 1 107 ? 21.233  0.664   15.278  1.00 57.30 ? 107 THR A CA  1 
ATOM   786  C C   . THR A 1 107 ? 21.077  1.811   16.278  1.00 52.26 ? 107 THR A C   1 
ATOM   787  O O   . THR A 1 107 ? 20.288  1.697   17.230  1.00 50.97 ? 107 THR A O   1 
ATOM   788  C CB  . THR A 1 107 ? 22.487  -0.172  15.581  1.00 61.68 ? 107 THR A CB  1 
ATOM   789  O OG1 . THR A 1 107 ? 22.711  -1.083  14.496  1.00 66.20 ? 107 THR A OG1 1 
ATOM   790  C CG2 . THR A 1 107 ? 22.276  -0.996  16.858  1.00 61.77 ? 107 THR A CG2 1 
ATOM   791  N N   . SER A 1 108 ? 21.792  2.915   16.049  1.00 50.88 ? 108 SER A N   1 
ATOM   792  C CA  . SER A 1 108 ? 21.701  4.085   16.934  1.00 55.03 ? 108 SER A CA  1 
ATOM   793  C C   . SER A 1 108 ? 20.381  4.832   16.781  1.00 55.57 ? 108 SER A C   1 
ATOM   794  O O   . SER A 1 108 ? 19.907  5.440   17.750  1.00 56.51 ? 108 SER A O   1 
ATOM   795  C CB  . SER A 1 108 ? 22.883  5.045   16.735  1.00 56.11 ? 108 SER A CB  1 
ATOM   796  O OG  . SER A 1 108 ? 23.235  5.160   15.368  1.00 63.16 ? 108 SER A OG  1 
ATOM   797  N N   . LEU A 1 109 ? 19.808  4.796   15.566  1.00 55.31 ? 109 LEU A N   1 
ATOM   798  C CA  . LEU A 1 109 ? 18.511  5.428   15.270  1.00 48.39 ? 109 LEU A CA  1 
ATOM   799  C C   . LEU A 1 109 ? 17.386  4.731   16.044  1.00 46.72 ? 109 LEU A C   1 
ATOM   800  O O   . LEU A 1 109 ? 16.455  5.383   16.528  1.00 46.85 ? 109 LEU A O   1 
ATOM   801  C CB  . LEU A 1 109 ? 18.175  5.327   13.778  1.00 48.92 ? 109 LEU A CB  1 
ATOM   802  C CG  . LEU A 1 109 ? 18.445  6.434   12.760  1.00 47.88 ? 109 LEU A CG  1 
ATOM   803  C CD1 . LEU A 1 109 ? 18.318  7.791   13.412  1.00 49.05 ? 109 LEU A CD1 1 
ATOM   804  C CD2 . LEU A 1 109 ? 19.802  6.272   12.156  1.00 49.90 ? 109 LEU A CD2 1 
ATOM   805  N N   . LEU A 1 110 ? 17.458  3.402   16.117  1.00 43.73 ? 110 LEU A N   1 
ATOM   806  C CA  . LEU A 1 110 ? 16.451  2.603   16.810  1.00 45.86 ? 110 LEU A CA  1 
ATOM   807  C C   . LEU A 1 110 ? 16.547  2.704   18.322  1.00 51.89 ? 110 LEU A C   1 
ATOM   808  O O   . LEU A 1 110 ? 15.523  2.843   19.007  1.00 52.26 ? 110 LEU A O   1 
ATOM   809  C CB  . LEU A 1 110 ? 16.520  1.145   16.357  1.00 41.87 ? 110 LEU A CB  1 
ATOM   810  C CG  . LEU A 1 110 ? 15.992  0.931   14.942  1.00 35.01 ? 110 LEU A CG  1 
ATOM   811  C CD1 . LEU A 1 110 ? 16.192  -0.498  14.531  1.00 36.89 ? 110 LEU A CD1 1 
ATOM   812  C CD2 . LEU A 1 110 ? 14.525  1.296   14.905  1.00 36.32 ? 110 LEU A CD2 1 
ATOM   813  N N   . ASN A 1 111 ? 17.762  2.543   18.850  1.00 59.95 ? 111 ASN A N   1 
ATOM   814  C CA  . ASN A 1 111 ? 17.984  2.679   20.291  1.00 61.95 ? 111 ASN A CA  1 
ATOM   815  C C   . ASN A 1 111 ? 17.238  1.625   21.125  1.00 58.95 ? 111 ASN A C   1 
ATOM   816  O O   . ASN A 1 111 ? 16.482  1.968   22.043  1.00 57.01 ? 111 ASN A O   1 
ATOM   817  C CB  . ASN A 1 111 ? 17.521  4.085   20.717  1.00 64.44 ? 111 ASN A CB  1 
ATOM   818  C CG  . ASN A 1 111 ? 18.510  4.783   21.615  1.00 72.11 ? 111 ASN A CG  1 
ATOM   819  O OD1 . ASN A 1 111 ? 18.132  5.376   22.634  1.00 68.35 ? 111 ASN A OD1 1 
ATOM   820  N ND2 . ASN A 1 111 ? 19.790  4.749   21.228  1.00 72.55 ? 111 ASN A ND2 1 
ATOM   821  N N   . GLY A 1 112 ? 17.427  0.346   20.819  1.00 51.53 ? 112 GLY A N   1 
ATOM   822  C CA  . GLY A 1 112 ? 16.699  -0.653  21.592  1.00 53.94 ? 112 GLY A CA  1 
ATOM   823  C C   . GLY A 1 112 ? 15.208  -0.771  21.262  1.00 52.36 ? 112 GLY A C   1 
ATOM   824  O O   . GLY A 1 112 ? 14.497  -1.587  21.860  1.00 48.37 ? 112 GLY A O   1 
ATOM   825  N N   . GLY A 1 113 ? 14.727  0.087   20.356  1.00 54.06 ? 113 GLY A N   1 
ATOM   826  C CA  . GLY A 1 113 ? 13.344  0.038   19.902  1.00 43.78 ? 113 GLY A CA  1 
ATOM   827  C C   . GLY A 1 113 ? 13.277  -0.805  18.626  1.00 41.16 ? 113 GLY A C   1 
ATOM   828  O O   . GLY A 1 113 ? 14.330  -1.178  18.069  1.00 38.54 ? 113 GLY A O   1 
ATOM   829  N N   . ARG A 1 114 ? 12.063  -1.107  18.157  1.00 36.23 ? 114 ARG A N   1 
ATOM   830  C CA  . ARG A 1 114 ? 11.858  -1.916  16.946  1.00 32.78 ? 114 ARG A CA  1 
ATOM   831  C C   . ARG A 1 114 ? 11.481  -1.124  15.690  1.00 33.18 ? 114 ARG A C   1 
ATOM   832  O O   . ARG A 1 114 ? 10.933  -0.025  15.786  1.00 32.56 ? 114 ARG A O   1 
ATOM   833  C CB  . ARG A 1 114 ? 10.785  -2.972  17.204  1.00 34.96 ? 114 ARG A CB  1 
ATOM   834  C CG  . ARG A 1 114 ? 11.257  -4.073  18.099  1.00 31.70 ? 114 ARG A CG  1 
ATOM   835  C CD  . ARG A 1 114 ? 10.231  -5.139  18.255  1.00 33.99 ? 114 ARG A CD  1 
ATOM   836  N NE  . ARG A 1 114 ? 10.723  -6.180  19.155  1.00 36.55 ? 114 ARG A NE  1 
ATOM   837  C CZ  . ARG A 1 114 ? 11.456  -7.226  18.785  1.00 34.34 ? 114 ARG A CZ  1 
ATOM   838  N NH1 . ARG A 1 114 ? 11.804  -7.413  17.517  1.00 28.61 ? 114 ARG A NH1 1 
ATOM   839  N NH2 . ARG A 1 114 ? 11.856  -8.090  19.702  1.00 33.90 ? 114 ARG A NH2 1 
ATOM   840  N N   . LEU A 1 115 ? 11.760  -1.700  14.519  1.00 30.29 ? 115 LEU A N   1 
ATOM   841  C CA  . LEU A 1 115 ? 11.438  -1.085  13.231  1.00 28.75 ? 115 LEU A CA  1 
ATOM   842  C C   . LEU A 1 115 ? 10.112  -1.684  12.737  1.00 29.71 ? 115 LEU A C   1 
ATOM   843  O O   . LEU A 1 115 ? 10.065  -2.871  12.385  1.00 32.29 ? 115 LEU A O   1 
ATOM   844  C CB  . LEU A 1 115 ? 12.523  -1.424  12.216  1.00 29.34 ? 115 LEU A CB  1 
ATOM   845  C CG  . LEU A 1 115 ? 12.965  -0.452  11.118  1.00 31.44 ? 115 LEU A CG  1 
ATOM   846  C CD1 . LEU A 1 115 ? 13.185  -1.220  9.850   1.00 28.60 ? 115 LEU A CD1 1 
ATOM   847  C CD2 . LEU A 1 115 ? 11.995  0.687   10.932  1.00 31.04 ? 115 LEU A CD2 1 
ATOM   848  N N   . ALA A 1 116 ? 9.045   -0.883  12.736  1.00 27.44 ? 116 ALA A N   1 
ATOM   849  C CA  . ALA A 1 116 ? 7.723   -1.328  12.284  1.00 25.69 ? 116 ALA A CA  1 
ATOM   850  C C   . ALA A 1 116 ? 7.727   -1.494  10.761  1.00 28.92 ? 116 ALA A C   1 
ATOM   851  O O   . ALA A 1 116 ? 8.177   -0.604  10.036  1.00 30.75 ? 116 ALA A O   1 
ATOM   852  C CB  . ALA A 1 116 ? 6.654   -0.329  12.712  1.00 25.19 ? 116 ALA A CB  1 
ATOM   853  N N   . VAL A 1 117 ? 7.281   -2.650  10.281  1.00 26.28 ? 117 VAL A N   1 
ATOM   854  C CA  . VAL A 1 117 ? 7.240   -2.941  8.852   1.00 25.87 ? 117 VAL A CA  1 
ATOM   855  C C   . VAL A 1 117 ? 6.077   -3.877  8.560   1.00 30.60 ? 117 VAL A C   1 
ATOM   856  O O   . VAL A 1 117 ? 5.564   -4.545  9.468   1.00 28.89 ? 117 VAL A O   1 
ATOM   857  C CB  . VAL A 1 117 ? 8.503   -3.713  8.370   1.00 25.95 ? 117 VAL A CB  1 
ATOM   858  C CG1 . VAL A 1 117 ? 9.718   -2.839  8.423   1.00 29.59 ? 117 VAL A CG1 1 
ATOM   859  C CG2 . VAL A 1 117 ? 8.700   -4.995  9.197   1.00 22.43 ? 117 VAL A CG2 1 
ATOM   860  N N   . GLY A 1 118 ? 5.637   -3.904  7.303   1.00 27.69 ? 118 GLY A N   1 
ATOM   861  C CA  . GLY A 1 118 ? 4.605   -4.846  6.927   1.00 26.44 ? 118 GLY A CA  1 
ATOM   862  C C   . GLY A 1 118 ? 5.371   -6.158  6.906   1.00 23.15 ? 118 GLY A C   1 
ATOM   863  O O   . GLY A 1 118 ? 6.568   -6.161  6.639   1.00 23.08 ? 118 GLY A O   1 
ATOM   864  N N   . ASP A 1 119 ? 4.730   -7.259  7.266   1.00 26.11 ? 119 ASP A N   1 
ATOM   865  C CA  . ASP A 1 119 ? 5.391   -8.562  7.266   1.00 26.10 ? 119 ASP A CA  1 
ATOM   866  C C   . ASP A 1 119 ? 6.152   -8.739  5.945   1.00 27.80 ? 119 ASP A C   1 
ATOM   867  O O   . ASP A 1 119 ? 5.551   -8.939  4.900   1.00 28.92 ? 119 ASP A O   1 
ATOM   868  C CB  . ASP A 1 119 ? 4.327   -9.652  7.437   1.00 28.21 ? 119 ASP A CB  1 
ATOM   869  C CG  . ASP A 1 119 ? 4.907   -11.050 7.519   1.00 30.60 ? 119 ASP A CG  1 
ATOM   870  O OD1 . ASP A 1 119 ? 6.137   -11.232 7.446   1.00 36.06 ? 119 ASP A OD1 1 
ATOM   871  O OD2 . ASP A 1 119 ? 4.107   -11.980 7.675   1.00 35.91 ? 119 ASP A OD2 1 
ATOM   872  N N   . PRO A 1 120 ? 7.491   -8.738  5.993   1.00 29.25 ? 120 PRO A N   1 
ATOM   873  C CA  . PRO A 1 120 ? 8.285   -8.889  4.770   1.00 29.75 ? 120 PRO A CA  1 
ATOM   874  C C   . PRO A 1 120 ? 8.099   -10.231 4.067   1.00 32.35 ? 120 PRO A C   1 
ATOM   875  O O   . PRO A 1 120 ? 8.545   -10.408 2.933   1.00 36.24 ? 120 PRO A O   1 
ATOM   876  C CB  . PRO A 1 120 ? 9.716   -8.662  5.253   1.00 32.38 ? 120 PRO A CB  1 
ATOM   877  C CG  . PRO A 1 120 ? 9.675   -9.193  6.661   1.00 38.05 ? 120 PRO A CG  1 
ATOM   878  C CD  . PRO A 1 120 ? 8.347   -8.706  7.192   1.00 31.87 ? 120 PRO A CD  1 
ATOM   879  N N   . GLU A 1 121 ? 7.420   -11.160 4.733   1.00 33.17 ? 121 GLU A N   1 
ATOM   880  C CA  . GLU A 1 121 ? 7.135   -12.479 4.163   1.00 37.93 ? 121 GLU A CA  1 
ATOM   881  C C   . GLU A 1 121 ? 6.082   -12.385 3.058   1.00 37.66 ? 121 GLU A C   1 
ATOM   882  O O   . GLU A 1 121 ? 6.060   -13.218 2.164   1.00 40.33 ? 121 GLU A O   1 
ATOM   883  C CB  . GLU A 1 121 ? 6.611   -13.449 5.243   1.00 43.48 ? 121 GLU A CB  1 
ATOM   884  C CG  . GLU A 1 121 ? 7.648   -13.951 6.233   1.00 50.35 ? 121 GLU A CG  1 
ATOM   885  C CD  . GLU A 1 121 ? 8.625   -14.905 5.589   1.00 52.59 ? 121 GLU A CD  1 
ATOM   886  O OE1 . GLU A 1 121 ? 8.213   -16.036 5.248   1.00 55.39 ? 121 GLU A OE1 1 
ATOM   887  O OE2 . GLU A 1 121 ? 9.797   -14.519 5.405   1.00 55.46 ? 121 GLU A OE2 1 
ATOM   888  N N   . HIS A 1 122 ? 5.168   -11.421 3.155   1.00 32.65 ? 122 HIS A N   1 
ATOM   889  C CA  . HIS A 1 122 ? 4.123   -11.305 2.151   1.00 32.87 ? 122 HIS A CA  1 
ATOM   890  C C   . HIS A 1 122 ? 3.440   -9.960  1.905   1.00 30.57 ? 122 HIS A C   1 
ATOM   891  O O   . HIS A 1 122 ? 2.831   -9.774  0.854   1.00 31.78 ? 122 HIS A O   1 
ATOM   892  C CB  . HIS A 1 122 ? 3.081   -12.401 2.355   1.00 41.77 ? 122 HIS A CB  1 
ATOM   893  C CG  . HIS A 1 122 ? 2.652   -12.578 3.775   1.00 51.32 ? 122 HIS A CG  1 
ATOM   894  N ND1 . HIS A 1 122 ? 2.965   -13.706 4.509   1.00 61.98 ? 122 HIS A ND1 1 
ATOM   895  C CD2 . HIS A 1 122 ? 1.911   -11.789 4.588   1.00 52.92 ? 122 HIS A CD2 1 
ATOM   896  C CE1 . HIS A 1 122 ? 2.430   -13.603 5.715   1.00 64.44 ? 122 HIS A CE1 1 
ATOM   897  N NE2 . HIS A 1 122 ? 1.784   -12.447 5.788   1.00 57.28 ? 122 HIS A NE2 1 
ATOM   898  N N   . VAL A 1 123 ? 3.514   -9.032  2.850   1.00 25.51 ? 123 VAL A N   1 
ATOM   899  C CA  . VAL A 1 123 ? 2.892   -7.716  2.662   1.00 25.23 ? 123 VAL A CA  1 
ATOM   900  C C   . VAL A 1 123 ? 3.762   -6.910  1.678   1.00 25.29 ? 123 VAL A C   1 
ATOM   901  O O   . VAL A 1 123 ? 4.971   -6.795  1.885   1.00 26.47 ? 123 VAL A O   1 
ATOM   902  C CB  . VAL A 1 123 ? 2.831   -6.940  4.008   1.00 23.31 ? 123 VAL A CB  1 
ATOM   903  C CG1 . VAL A 1 123 ? 2.295   -5.523  3.800   1.00 21.02 ? 123 VAL A CG1 1 
ATOM   904  C CG2 . VAL A 1 123 ? 1.993   -7.705  5.015   1.00 22.16 ? 123 VAL A CG2 1 
ATOM   905  N N   . PRO A 1 124 ? 3.174   -6.374  0.586   1.00 24.61 ? 124 PRO A N   1 
ATOM   906  C CA  . PRO A 1 124 ? 3.966   -5.590  -0.377  1.00 21.76 ? 124 PRO A CA  1 
ATOM   907  C C   . PRO A 1 124 ? 4.887   -4.541  0.268   1.00 23.61 ? 124 PRO A C   1 
ATOM   908  O O   . PRO A 1 124 ? 6.072   -4.470  -0.073  1.00 23.43 ? 124 PRO A O   1 
ATOM   909  C CB  . PRO A 1 124 ? 2.894   -4.933  -1.243  1.00 22.08 ? 124 PRO A CB  1 
ATOM   910  C CG  . PRO A 1 124 ? 1.835   -5.986  -1.299  1.00 21.97 ? 124 PRO A CG  1 
ATOM   911  C CD  . PRO A 1 124 ? 1.769   -6.483  0.137   1.00 24.38 ? 124 PRO A CD  1 
ATOM   912  N N   . ALA A 1 125 ? 4.383   -3.783  1.241   1.00 22.49 ? 125 ALA A N   1 
ATOM   913  C CA  . ALA A 1 125 ? 5.196   -2.755  1.890   1.00 23.34 ? 125 ALA A CA  1 
ATOM   914  C C   . ALA A 1 125 ? 6.446   -3.360  2.507   1.00 28.78 ? 125 ALA A C   1 
ATOM   915  O O   . ALA A 1 125 ? 7.526   -2.755  2.461   1.00 29.57 ? 125 ALA A O   1 
ATOM   916  C CB  . ALA A 1 125 ? 4.396   -2.007  2.951   1.00 22.40 ? 125 ALA A CB  1 
ATOM   917  N N   . GLY A 1 126 ? 6.299   -4.550  3.083   1.00 25.59 ? 126 GLY A N   1 
ATOM   918  C CA  . GLY A 1 126 ? 7.430   -5.233  3.693   1.00 26.79 ? 126 GLY A CA  1 
ATOM   919  C C   . GLY A 1 126 ? 8.400   -5.804  2.665   1.00 27.50 ? 126 GLY A C   1 
ATOM   920  O O   . GLY A 1 126 ? 9.606   -5.828  2.893   1.00 26.98 ? 126 GLY A O   1 
ATOM   921  N N   . ILE A 1 127 ? 7.881   -6.274  1.536   1.00 28.32 ? 127 ILE A N   1 
ATOM   922  C CA  . ILE A 1 127 ? 8.701   -6.844  0.471   1.00 27.73 ? 127 ILE A CA  1 
ATOM   923  C C   . ILE A 1 127 ? 9.584   -5.764  -0.166  1.00 29.73 ? 127 ILE A C   1 
ATOM   924  O O   . ILE A 1 127 ? 10.766  -5.986  -0.417  1.00 31.24 ? 127 ILE A O   1 
ATOM   925  C CB  . ILE A 1 127 ? 7.809   -7.539  -0.558  1.00 23.94 ? 127 ILE A CB  1 
ATOM   926  C CG1 . ILE A 1 127 ? 7.167   -8.758  0.091   1.00 23.45 ? 127 ILE A CG1 1 
ATOM   927  C CG2 . ILE A 1 127 ? 8.598   -7.946  -1.789  1.00 26.28 ? 127 ILE A CG2 1 
ATOM   928  C CD1 . ILE A 1 127 ? 6.033   -9.347  -0.725  1.00 26.46 ? 127 ILE A CD1 1 
ATOM   929  N N   . TYR A 1 128 ? 9.009   -4.595  -0.417  1.00 27.83 ? 128 TYR A N   1 
ATOM   930  C CA  . TYR A 1 128 ? 9.752   -3.471  -0.980  1.00 26.93 ? 128 TYR A CA  1 
ATOM   931  C C   . TYR A 1 128 ? 10.816  -3.066  0.053   1.00 32.03 ? 128 TYR A C   1 
ATOM   932  O O   . TYR A 1 128 ? 11.962  -2.792  -0.302  1.00 37.02 ? 128 TYR A O   1 
ATOM   933  C CB  . TYR A 1 128 ? 8.830   -2.258  -1.191  1.00 28.61 ? 128 TYR A CB  1 
ATOM   934  C CG  . TYR A 1 128 ? 7.805   -2.375  -2.301  1.00 28.31 ? 128 TYR A CG  1 
ATOM   935  C CD1 . TYR A 1 128 ? 8.202   -2.599  -3.623  1.00 28.83 ? 128 TYR A CD1 1 
ATOM   936  C CD2 . TYR A 1 128 ? 6.448   -2.166  -2.046  1.00 26.97 ? 128 TYR A CD2 1 
ATOM   937  C CE1 . TYR A 1 128 ? 7.285   -2.596  -4.661  1.00 25.59 ? 128 TYR A CE1 1 
ATOM   938  C CE2 . TYR A 1 128 ? 5.513   -2.162  -3.085  1.00 26.31 ? 128 TYR A CE2 1 
ATOM   939  C CZ  . TYR A 1 128 ? 5.947   -2.370  -4.388  1.00 24.94 ? 128 TYR A CZ  1 
ATOM   940  O OH  . TYR A 1 128 ? 5.072   -2.302  -5.438  1.00 26.81 ? 128 TYR A OH  1 
ATOM   941  N N   . ALA A 1 129 ? 10.420  -2.991  1.324   1.00 26.99 ? 129 ALA A N   1 
ATOM   942  C CA  . ALA A 1 129 ? 11.345  -2.607  2.393   1.00 32.41 ? 129 ALA A CA  1 
ATOM   943  C C   . ALA A 1 129 ? 12.530  -3.558  2.536   1.00 32.96 ? 129 ALA A C   1 
ATOM   944  O O   . ALA A 1 129 ? 13.670  -3.121  2.624   1.00 38.25 ? 129 ALA A O   1 
ATOM   945  C CB  . ALA A 1 129 ? 10.619  -2.481  3.721   1.00 27.06 ? 129 ALA A CB  1 
ATOM   946  N N   . LYS A 1 130 ? 12.259  -4.857  2.547   1.00 33.33 ? 130 LYS A N   1 
ATOM   947  C CA  . LYS A 1 130 ? 13.311  -5.850  2.688   1.00 33.16 ? 130 LYS A CA  1 
ATOM   948  C C   . LYS A 1 130 ? 14.273  -5.723  1.522   1.00 35.86 ? 130 LYS A C   1 
ATOM   949  O O   . LYS A 1 130 ? 15.473  -5.657  1.717   1.00 38.75 ? 130 LYS A O   1 
ATOM   950  C CB  . LYS A 1 130 ? 12.715  -7.260  2.749   1.00 35.01 ? 130 LYS A CB  1 
ATOM   951  C CG  . LYS A 1 130 ? 13.734  -8.381  2.892   1.00 35.37 ? 130 LYS A CG  1 
ATOM   952  C CD  . LYS A 1 130 ? 13.048  -9.713  3.032   1.00 35.90 ? 130 LYS A CD  1 
ATOM   953  C CE  . LYS A 1 130 ? 14.048  -10.847 2.987   1.00 43.12 ? 130 LYS A CE  1 
ATOM   954  N NZ  . LYS A 1 130 ? 13.402  -12.158 3.281   1.00 44.98 ? 130 LYS A NZ  1 
ATOM   955  N N   . GLU A 1 131 ? 13.729  -5.650  0.315   1.00 35.12 ? 131 GLU A N   1 
ATOM   956  C CA  . GLU A 1 131 ? 14.527  -5.517  -0.888  1.00 35.78 ? 131 GLU A CA  1 
ATOM   957  C C   . GLU A 1 131 ? 15.463  -4.308  -0.785  1.00 36.70 ? 131 GLU A C   1 
ATOM   958  O O   . GLU A 1 131 ? 16.649  -4.421  -1.083  1.00 38.60 ? 131 GLU A O   1 
ATOM   959  C CB  . GLU A 1 131 ? 13.593  -5.398  -2.082  1.00 41.81 ? 131 GLU A CB  1 
ATOM   960  C CG  . GLU A 1 131 ? 14.245  -4.988  -3.373  1.00 55.18 ? 131 GLU A CG  1 
ATOM   961  C CD  . GLU A 1 131 ? 13.247  -4.850  -4.509  1.00 63.03 ? 131 GLU A CD  1 
ATOM   962  O OE1 . GLU A 1 131 ? 12.014  -5.063  -4.299  1.00 65.19 ? 131 GLU A OE1 1 
ATOM   963  O OE2 . GLU A 1 131 ? 13.722  -4.527  -5.621  1.00 69.27 ? 131 GLU A OE2 1 
ATOM   964  N N   . ALA A 1 132 ? 14.943  -3.178  -0.315  1.00 35.58 ? 132 ALA A N   1 
ATOM   965  C CA  . ALA A 1 132 ? 15.745  -1.973  -0.143  1.00 34.31 ? 132 ALA A CA  1 
ATOM   966  C C   . ALA A 1 132 ? 16.819  -2.161  0.939   1.00 38.68 ? 132 ALA A C   1 
ATOM   967  O O   . ALA A 1 132 ? 17.979  -1.845  0.705   1.00 47.84 ? 132 ALA A O   1 
ATOM   968  C CB  . ALA A 1 132 ? 14.860  -0.786  0.195   1.00 31.58 ? 132 ALA A CB  1 
ATOM   969  N N   . LEU A 1 133 ? 16.457  -2.694  2.107   1.00 37.54 ? 133 LEU A N   1 
ATOM   970  C CA  . LEU A 1 133 ? 17.424  -2.907  3.194   1.00 34.79 ? 133 LEU A CA  1 
ATOM   971  C C   . LEU A 1 133 ? 18.506  -3.919  2.841   1.00 38.24 ? 133 LEU A C   1 
ATOM   972  O O   . LEU A 1 133 ? 19.597  -3.885  3.398   1.00 42.95 ? 133 LEU A O   1 
ATOM   973  C CB  . LEU A 1 133 ? 16.716  -3.332  4.467   1.00 31.09 ? 133 LEU A CB  1 
ATOM   974  C CG  . LEU A 1 133 ? 15.793  -2.245  5.006   1.00 32.09 ? 133 LEU A CG  1 
ATOM   975  C CD1 . LEU A 1 133 ? 14.950  -2.803  6.111   1.00 34.25 ? 133 LEU A CD1 1 
ATOM   976  C CD2 . LEU A 1 133 ? 16.595  -1.054  5.476   1.00 36.83 ? 133 LEU A CD2 1 
ATOM   977  N N   . GLN A 1 134 ? 18.192  -4.856  1.955   1.00 37.41 ? 134 GLN A N   1 
ATOM   978  C CA  . GLN A 1 134 ? 19.174  -5.835  1.517   1.00 39.42 ? 134 GLN A CA  1 
ATOM   979  C C   . GLN A 1 134 ? 20.134  -5.183  0.530   1.00 44.93 ? 134 GLN A C   1 
ATOM   980  O O   . GLN A 1 134 ? 21.332  -5.425  0.584   1.00 50.48 ? 134 GLN A O   1 
ATOM   981  C CB  . GLN A 1 134 ? 18.510  -7.032  0.858   1.00 35.82 ? 134 GLN A CB  1 
ATOM   982  C CG  . GLN A 1 134 ? 17.978  -8.040  1.844   1.00 41.29 ? 134 GLN A CG  1 
ATOM   983  C CD  . GLN A 1 134 ? 17.274  -9.191  1.162   1.00 47.53 ? 134 GLN A CD  1 
ATOM   984  O OE1 . GLN A 1 134 ? 17.408  -10.345 1.579   1.00 53.92 ? 134 GLN A OE1 1 
ATOM   985  N NE2 . GLN A 1 134 ? 16.512  -8.889  0.111   1.00 49.61 ? 134 GLN A NE2 1 
ATOM   986  N N   . LYS A 1 135 ? 19.604  -4.342  -0.354  1.00 45.40 ? 135 LYS A N   1 
ATOM   987  C CA  . LYS A 1 135 ? 20.414  -3.645  -1.341  1.00 48.80 ? 135 LYS A CA  1 
ATOM   988  C C   . LYS A 1 135 ? 21.400  -2.731  -0.607  1.00 51.65 ? 135 LYS A C   1 
ATOM   989  O O   . LYS A 1 135 ? 22.562  -2.633  -0.987  1.00 58.29 ? 135 LYS A O   1 
ATOM   990  C CB  . LYS A 1 135 ? 19.529  -2.789  -2.249  1.00 50.07 ? 135 LYS A CB  1 
ATOM   991  C CG  . LYS A 1 135 ? 20.144  -2.434  -3.603  1.00 59.25 ? 135 LYS A CG  1 
ATOM   992  C CD  . LYS A 1 135 ? 19.697  -3.434  -4.663  1.00 67.07 ? 135 LYS A CD  1 
ATOM   993  C CE  . LYS A 1 135 ? 18.164  -3.402  -4.811  1.00 73.42 ? 135 LYS A CE  1 
ATOM   994  N NZ  . LYS A 1 135 ? 17.579  -4.426  -5.728  1.00 71.84 ? 135 LYS A NZ  1 
ATOM   995  N N   . LEU A 1 136 ? 20.921  -2.050  0.432   1.00 52.09 ? 136 LEU A N   1 
ATOM   996  C CA  . LEU A 1 136 ? 21.749  -1.141  1.223   1.00 50.14 ? 136 LEU A CA  1 
ATOM   997  C C   . LEU A 1 136 ? 22.618  -1.852  2.278   1.00 48.85 ? 136 LEU A C   1 
ATOM   998  O O   . LEU A 1 136 ? 23.281  -1.194  3.080   1.00 53.95 ? 136 LEU A O   1 
ATOM   999  C CB  . LEU A 1 136 ? 20.871  -0.097  1.911   1.00 44.55 ? 136 LEU A CB  1 
ATOM   1000 C CG  . LEU A 1 136 ? 19.897  0.706   1.051   1.00 44.88 ? 136 LEU A CG  1 
ATOM   1001 C CD1 . LEU A 1 136 ? 19.118  1.644   1.941   1.00 44.94 ? 136 LEU A CD1 1 
ATOM   1002 C CD2 . LEU A 1 136 ? 20.626  1.482   -0.024  1.00 47.93 ? 136 LEU A CD2 1 
ATOM   1003 N N   . GLY A 1 137 ? 22.567  -3.183  2.303   1.00 49.22 ? 137 GLY A N   1 
ATOM   1004 C CA  . GLY A 1 137 ? 23.356  -3.963  3.245   1.00 48.38 ? 137 GLY A CA  1 
ATOM   1005 C C   . GLY A 1 137 ? 22.957  -3.944  4.711   1.00 50.13 ? 137 GLY A C   1 
ATOM   1006 O O   . GLY A 1 137 ? 23.610  -4.584  5.531   1.00 56.50 ? 137 GLY A O   1 
ATOM   1007 N N   . ALA A 1 138 ? 21.862  -3.270  5.042   1.00 47.30 ? 138 ALA A N   1 
ATOM   1008 C CA  . ALA A 1 138 ? 21.395  -3.182  6.425   1.00 43.47 ? 138 ALA A CA  1 
ATOM   1009 C C   . ALA A 1 138 ? 20.482  -4.322  6.906   1.00 42.61 ? 138 ALA A C   1 
ATOM   1010 O O   . ALA A 1 138 ? 20.132  -4.372  8.087   1.00 43.42 ? 138 ALA A O   1 
ATOM   1011 C CB  . ALA A 1 138 ? 20.696  -1.855  6.637   1.00 41.52 ? 138 ALA A CB  1 
ATOM   1012 N N   . TRP A 1 139 ? 20.109  -5.241  6.021   1.00 40.84 ? 139 TRP A N   1 
ATOM   1013 C CA  . TRP A 1 139 ? 19.204  -6.309  6.418   1.00 42.94 ? 139 TRP A CA  1 
ATOM   1014 C C   . TRP A 1 139 ? 19.664  -7.208  7.573   1.00 44.96 ? 139 TRP A C   1 
ATOM   1015 O O   . TRP A 1 139 ? 18.911  -7.437  8.526   1.00 42.38 ? 139 TRP A O   1 
ATOM   1016 C CB  . TRP A 1 139 ? 18.795  -7.153  5.210   1.00 41.78 ? 139 TRP A CB  1 
ATOM   1017 C CG  . TRP A 1 139 ? 17.793  -8.241  5.552   1.00 42.94 ? 139 TRP A CG  1 
ATOM   1018 C CD1 . TRP A 1 139 ? 18.024  -9.593  5.581   1.00 46.45 ? 139 TRP A CD1 1 
ATOM   1019 C CD2 . TRP A 1 139 ? 16.405  -8.068  5.905   1.00 39.78 ? 139 TRP A CD2 1 
ATOM   1020 N NE1 . TRP A 1 139 ? 16.869  -10.266 5.923   1.00 43.54 ? 139 TRP A NE1 1 
ATOM   1021 C CE2 . TRP A 1 139 ? 15.864  -9.356  6.126   1.00 39.40 ? 139 TRP A CE2 1 
ATOM   1022 C CE3 . TRP A 1 139 ? 15.573  -6.951  6.058   1.00 37.37 ? 139 TRP A CE3 1 
ATOM   1023 C CZ2 . TRP A 1 139 ? 14.531  -9.556  6.489   1.00 34.51 ? 139 TRP A CZ2 1 
ATOM   1024 C CZ3 . TRP A 1 139 ? 14.241  -7.155  6.424   1.00 35.32 ? 139 TRP A CZ3 1 
ATOM   1025 C CH2 . TRP A 1 139 ? 13.740  -8.445  6.633   1.00 33.35 ? 139 TRP A CH2 1 
ATOM   1026 N N   . ASP A 1 140 ? 20.884  -7.719  7.500   1.00 49.18 ? 140 ASP A N   1 
ATOM   1027 C CA  . ASP A 1 140 ? 21.384  -8.591  8.559   1.00 48.14 ? 140 ASP A CA  1 
ATOM   1028 C C   . ASP A 1 140 ? 21.288  -7.965  9.939   1.00 43.48 ? 140 ASP A C   1 
ATOM   1029 O O   . ASP A 1 140 ? 21.005  -8.659  10.921  1.00 44.85 ? 140 ASP A O   1 
ATOM   1030 C CB  . ASP A 1 140 ? 22.819  -9.009  8.273   1.00 49.89 ? 140 ASP A CB  1 
ATOM   1031 C CG  . ASP A 1 140 ? 22.897  -10.229 7.385   1.00 60.29 ? 140 ASP A CG  1 
ATOM   1032 O OD1 . ASP A 1 140 ? 21.839  -10.749 6.942   1.00 62.43 ? 140 ASP A OD1 1 
ATOM   1033 O OD2 . ASP A 1 140 ? 24.034  -10.681 7.144   1.00 70.06 ? 140 ASP A OD2 1 
ATOM   1034 N N   . THR A 1 141 ? 21.504  -6.654  9.984   1.00 40.40 ? 141 THR A N   1 
ATOM   1035 C CA  . THR A 1 141 ? 21.464  -5.853  11.209  1.00 39.43 ? 141 THR A CA  1 
ATOM   1036 C C   . THR A 1 141 ? 20.044  -5.625  11.701  1.00 39.52 ? 141 THR A C   1 
ATOM   1037 O O   . THR A 1 141 ? 19.776  -5.668  12.896  1.00 39.56 ? 141 THR A O   1 
ATOM   1038 C CB  . THR A 1 141 ? 22.063  -4.458  10.943  1.00 41.53 ? 141 THR A CB  1 
ATOM   1039 O OG1 . THR A 1 141 ? 23.374  -4.605  10.393  1.00 47.34 ? 141 THR A OG1 1 
ATOM   1040 C CG2 . THR A 1 141 ? 22.116  -3.630  12.205  1.00 36.56 ? 141 THR A CG2 1 
ATOM   1041 N N   . LEU A 1 142 ? 19.145  -5.333  10.768  1.00 37.81 ? 142 LEU A N   1 
ATOM   1042 C CA  . LEU A 1 142 ? 17.754  -5.053  11.091  1.00 34.00 ? 142 LEU A CA  1 
ATOM   1043 C C   . LEU A 1 142 ? 16.793  -6.226  11.314  1.00 32.62 ? 142 LEU A C   1 
ATOM   1044 O O   . LEU A 1 142 ? 15.851  -6.092  12.102  1.00 33.79 ? 142 LEU A O   1 
ATOM   1045 C CB  . LEU A 1 142 ? 17.166  -4.120  10.035  1.00 35.49 ? 142 LEU A CB  1 
ATOM   1046 C CG  . LEU A 1 142 ? 17.198  -2.615  10.269  1.00 37.27 ? 142 LEU A CG  1 
ATOM   1047 C CD1 . LEU A 1 142 ? 18.050  -2.242  11.456  1.00 42.61 ? 142 LEU A CD1 1 
ATOM   1048 C CD2 . LEU A 1 142 ? 17.683  -1.969  9.011   1.00 34.99 ? 142 LEU A CD2 1 
ATOM   1049 N N   . SER A 1 143 ? 16.990  -7.361  10.642  1.00 32.24 ? 143 SER A N   1 
ATOM   1050 C CA  . SER A 1 143 ? 16.056  -8.481  10.828  1.00 33.00 ? 143 SER A CA  1 
ATOM   1051 C C   . SER A 1 143 ? 15.691  -8.860  12.281  1.00 32.77 ? 143 SER A C   1 
ATOM   1052 O O   . SER A 1 143 ? 14.532  -9.155  12.554  1.00 32.38 ? 143 SER A O   1 
ATOM   1053 C CB  . SER A 1 143 ? 16.432  -9.726  9.982   1.00 30.40 ? 143 SER A CB  1 
ATOM   1054 O OG  . SER A 1 143 ? 17.765  -10.174 10.147  1.00 34.21 ? 143 SER A OG  1 
ATOM   1055 N N   . PRO A 1 144 ? 16.658  -8.845  13.231  1.00 31.64 ? 144 PRO A N   1 
ATOM   1056 C CA  . PRO A 1 144 ? 16.285  -9.205  14.605  1.00 30.99 ? 144 PRO A CA  1 
ATOM   1057 C C   . PRO A 1 144 ? 15.535  -8.090  15.325  1.00 28.07 ? 144 PRO A C   1 
ATOM   1058 O O   . PRO A 1 144 ? 15.045  -8.301  16.433  1.00 30.74 ? 144 PRO A O   1 
ATOM   1059 C CB  . PRO A 1 144 ? 17.645  -9.406  15.296  1.00 30.07 ? 144 PRO A CB  1 
ATOM   1060 C CG  . PRO A 1 144 ? 18.598  -9.649  14.183  1.00 33.99 ? 144 PRO A CG  1 
ATOM   1061 C CD  . PRO A 1 144 ? 18.124  -8.711  13.121  1.00 30.17 ? 144 PRO A CD  1 
ATOM   1062 N N   . LYS A 1 145 ? 15.481  -6.903  14.710  1.00 30.13 ? 145 LYS A N   1 
ATOM   1063 C CA  . LYS A 1 145 ? 14.846  -5.725  15.312  1.00 28.87 ? 145 LYS A CA  1 
ATOM   1064 C C   . LYS A 1 145 ? 13.490  -5.305  14.723  1.00 30.45 ? 145 LYS A C   1 
ATOM   1065 O O   . LYS A 1 145 ? 12.961  -4.246  15.060  1.00 31.30 ? 145 LYS A O   1 
ATOM   1066 C CB  . LYS A 1 145 ? 15.817  -4.539  15.226  1.00 32.86 ? 145 LYS A CB  1 
ATOM   1067 C CG  . LYS A 1 145 ? 17.095  -4.716  16.033  1.00 40.48 ? 145 LYS A CG  1 
ATOM   1068 C CD  . LYS A 1 145 ? 18.135  -3.654  15.727  1.00 46.67 ? 145 LYS A CD  1 
ATOM   1069 C CE  . LYS A 1 145 ? 19.361  -3.866  16.594  1.00 51.94 ? 145 LYS A CE  1 
ATOM   1070 N NZ  . LYS A 1 145 ? 18.956  -3.812  18.035  1.00 62.85 ? 145 LYS A NZ  1 
ATOM   1071 N N   . LEU A 1 146 ? 12.911  -6.142  13.876  1.00 30.86 ? 146 LEU A N   1 
ATOM   1072 C CA  . LEU A 1 146 ? 11.654  -5.812  13.229  1.00 27.84 ? 146 LEU A CA  1 
ATOM   1073 C C   . LEU A 1 146 ? 10.437  -5.989  14.111  1.00 30.57 ? 146 LEU A C   1 
ATOM   1074 O O   . LEU A 1 146 ? 10.455  -6.746  15.078  1.00 30.22 ? 146 LEU A O   1 
ATOM   1075 C CB  . LEU A 1 146 ? 11.471  -6.691  11.991  1.00 27.90 ? 146 LEU A CB  1 
ATOM   1076 C CG  . LEU A 1 146 ? 12.566  -6.711  10.932  1.00 27.03 ? 146 LEU A CG  1 
ATOM   1077 C CD1 . LEU A 1 146 ? 12.196  -7.720  9.885   1.00 26.36 ? 146 LEU A CD1 1 
ATOM   1078 C CD2 . LEU A 1 146 ? 12.753  -5.337  10.334  1.00 26.77 ? 146 LEU A CD2 1 
ATOM   1079 N N   . ALA A 1 147 ? 9.385   -5.253  13.775  1.00 28.22 ? 147 ALA A N   1 
ATOM   1080 C CA  . ALA A 1 147 ? 8.096   -5.373  14.445  1.00 30.77 ? 147 ALA A CA  1 
ATOM   1081 C C   . ALA A 1 147 ? 7.146   -5.546  13.254  1.00 32.67 ? 147 ALA A C   1 
ATOM   1082 O O   . ALA A 1 147 ? 6.595   -4.564  12.754  1.00 32.63 ? 147 ALA A O   1 
ATOM   1083 C CB  . ALA A 1 147 ? 7.756   -4.101  15.228  1.00 27.95 ? 147 ALA A CB  1 
ATOM   1084 N N   . PRO A 1 148 ? 7.033   -6.779  12.709  1.00 34.24 ? 148 PRO A N   1 
ATOM   1085 C CA  . PRO A 1 148 ? 6.147   -7.006  11.559  1.00 29.43 ? 148 PRO A CA  1 
ATOM   1086 C C   . PRO A 1 148 ? 4.656   -6.813  11.871  1.00 31.01 ? 148 PRO A C   1 
ATOM   1087 O O   . PRO A 1 148 ? 4.222   -6.963  13.022  1.00 29.26 ? 148 PRO A O   1 
ATOM   1088 C CB  . PRO A 1 148 ? 6.485   -8.446  11.143  1.00 27.95 ? 148 PRO A CB  1 
ATOM   1089 C CG  . PRO A 1 148 ? 6.857   -9.086  12.418  1.00 28.35 ? 148 PRO A CG  1 
ATOM   1090 C CD  . PRO A 1 148 ? 7.667   -8.040  13.144  1.00 28.82 ? 148 PRO A CD  1 
ATOM   1091 N N   . ALA A 1 149 ? 3.885   -6.434  10.854  1.00 26.92 ? 149 ALA A N   1 
ATOM   1092 C CA  . ALA A 1 149 ? 2.451   -6.229  11.003  1.00 22.27 ? 149 ALA A CA  1 
ATOM   1093 C C   . ALA A 1 149 ? 1.710   -6.892  9.836   1.00 23.87 ? 149 ALA A C   1 
ATOM   1094 O O   . ALA A 1 149 ? 2.310   -7.179  8.789   1.00 21.67 ? 149 ALA A O   1 
ATOM   1095 C CB  . ALA A 1 149 ? 2.143   -4.734  11.068  1.00 24.64 ? 149 ALA A CB  1 
ATOM   1096 N N   . GLU A 1 150 ? 0.405   -7.109  10.025  1.00 25.31 ? 150 GLU A N   1 
ATOM   1097 C CA  . GLU A 1 150 ? -0.507  -7.740  9.053   1.00 22.35 ? 150 GLU A CA  1 
ATOM   1098 C C   . GLU A 1 150 ? -0.576  -7.019  7.697   1.00 23.19 ? 150 GLU A C   1 
ATOM   1099 O O   . GLU A 1 150 ? -0.903  -7.640  6.697   1.00 24.14 ? 150 GLU A O   1 
ATOM   1100 C CB  . GLU A 1 150 ? -1.935  -7.793  9.621   1.00 32.54 ? 150 GLU A CB  1 
ATOM   1101 C CG  . GLU A 1 150 ? -2.066  -8.103  11.104  1.00 51.92 ? 150 GLU A CG  1 
ATOM   1102 C CD  . GLU A 1 150 ? -1.932  -9.587  11.421  1.00 64.23 ? 150 GLU A CD  1 
ATOM   1103 O OE1 . GLU A 1 150 ? -2.364  -10.421 10.583  1.00 64.66 ? 150 GLU A OE1 1 
ATOM   1104 O OE2 . GLU A 1 150 ? -1.411  -9.915  12.520  1.00 71.28 ? 150 GLU A OE2 1 
ATOM   1105 N N   . ASP A 1 151 ? -0.455  -5.692  7.699   1.00 20.53 ? 151 ASP A N   1 
ATOM   1106 C CA  . ASP A 1 151 ? -0.458  -4.902  6.461   1.00 21.61 ? 151 ASP A CA  1 
ATOM   1107 C C   . ASP A 1 151 ? 0.241   -3.563  6.744   1.00 24.25 ? 151 ASP A C   1 
ATOM   1108 O O   . ASP A 1 151 ? 0.638   -3.309  7.901   1.00 25.85 ? 151 ASP A O   1 
ATOM   1109 C CB  . ASP A 1 151 ? -1.880  -4.744  5.870   1.00 19.77 ? 151 ASP A CB  1 
ATOM   1110 C CG  . ASP A 1 151 ? -2.843  -3.998  6.781   1.00 22.77 ? 151 ASP A CG  1 
ATOM   1111 O OD1 . ASP A 1 151 ? -2.465  -2.998  7.424   1.00 25.22 ? 151 ASP A OD1 1 
ATOM   1112 O OD2 . ASP A 1 151 ? -4.020  -4.391  6.820   1.00 28.13 ? 151 ASP A OD2 1 
ATOM   1113 N N   . VAL A 1 152 ? 0.387   -2.702  5.740   1.00 22.64 ? 152 VAL A N   1 
ATOM   1114 C CA  . VAL A 1 152 ? 1.095   -1.434  5.955   1.00 23.54 ? 152 VAL A CA  1 
ATOM   1115 C C   . VAL A 1 152 ? 0.441   -0.506  6.970   1.00 24.16 ? 152 VAL A C   1 
ATOM   1116 O O   . VAL A 1 152 ? 1.133   0.257   7.649   1.00 24.69 ? 152 VAL A O   1 
ATOM   1117 C CB  . VAL A 1 152 ? 1.363   -0.683  4.633   1.00 21.03 ? 152 VAL A CB  1 
ATOM   1118 C CG1 . VAL A 1 152 ? 0.101   0.018   4.149   1.00 24.02 ? 152 VAL A CG1 1 
ATOM   1119 C CG2 . VAL A 1 152 ? 2.532   0.282   4.794   1.00 20.40 ? 152 VAL A CG2 1 
ATOM   1120 N N   . ARG A 1 153 ? -0.882  -0.565  7.086   1.00 23.37 ? 153 ARG A N   1 
ATOM   1121 C CA  . ARG A 1 153 ? -1.577  0.279   8.050   1.00 22.69 ? 153 ARG A CA  1 
ATOM   1122 C C   . ARG A 1 153 ? -1.355  -0.229  9.474   1.00 26.77 ? 153 ARG A C   1 
ATOM   1123 O O   . ARG A 1 153 ? -1.395  0.543   10.435  1.00 27.33 ? 153 ARG A O   1 
ATOM   1124 C CB  . ARG A 1 153 ? -3.054  0.405   7.698   1.00 19.12 ? 153 ARG A CB  1 
ATOM   1125 C CG  . ARG A 1 153 ? -3.264  1.278   6.468   1.00 25.46 ? 153 ARG A CG  1 
ATOM   1126 C CD  . ARG A 1 153 ? -2.593  2.648   6.664   1.00 27.10 ? 153 ARG A CD  1 
ATOM   1127 N NE  . ARG A 1 153 ? -2.754  3.550   5.518   1.00 30.92 ? 153 ARG A NE  1 
ATOM   1128 C CZ  . ARG A 1 153 ? -3.782  4.382   5.342   1.00 30.33 ? 153 ARG A CZ  1 
ATOM   1129 N NH1 . ARG A 1 153 ? -4.766  4.431   6.234   1.00 24.02 ? 153 ARG A NH1 1 
ATOM   1130 N NH2 . ARG A 1 153 ? -3.828  5.175   4.271   1.00 24.56 ? 153 ARG A NH2 1 
ATOM   1131 N N   . GLY A 1 154 ? -1.085  -1.525  9.599   1.00 26.23 ? 154 GLY A N   1 
ATOM   1132 C CA  . GLY A 1 154 ? -0.785  -2.097  10.891  1.00 23.99 ? 154 GLY A CA  1 
ATOM   1133 C C   . GLY A 1 154 ? 0.586   -1.564  11.300  1.00 25.22 ? 154 GLY A C   1 
ATOM   1134 O O   . GLY A 1 154 ? 0.813   -1.260  12.467  1.00 31.61 ? 154 GLY A O   1 
ATOM   1135 N N   . ALA A 1 155 ? 1.521   -1.459  10.361  1.00 23.10 ? 155 ALA A N   1 
ATOM   1136 C CA  . ALA A 1 155 ? 2.846   -0.929  10.696  1.00 25.71 ? 155 ALA A CA  1 
ATOM   1137 C C   . ALA A 1 155 ? 2.721   0.541   11.065  1.00 28.95 ? 155 ALA A C   1 
ATOM   1138 O O   . ALA A 1 155 ? 3.335   0.998   12.017  1.00 30.06 ? 155 ALA A O   1 
ATOM   1139 C CB  . ALA A 1 155 ? 3.804   -1.098  9.553   1.00 26.08 ? 155 ALA A CB  1 
ATOM   1140 N N   . LEU A 1 156 ? 1.921   1.283   10.309  1.00 26.39 ? 156 LEU A N   1 
ATOM   1141 C CA  . LEU A 1 156 ? 1.710   2.693   10.585  1.00 27.74 ? 156 LEU A CA  1 
ATOM   1142 C C   . LEU A 1 156 ? 1.172   2.896   12.013  1.00 30.51 ? 156 LEU A C   1 
ATOM   1143 O O   . LEU A 1 156 ? 1.628   3.778   12.740  1.00 31.77 ? 156 LEU A O   1 
ATOM   1144 C CB  . LEU A 1 156 ? 0.713   3.273   9.585   1.00 26.28 ? 156 LEU A CB  1 
ATOM   1145 C CG  . LEU A 1 156 ? 0.404   4.762   9.754   1.00 31.23 ? 156 LEU A CG  1 
ATOM   1146 C CD1 . LEU A 1 156 ? 1.587   5.545   9.227   1.00 29.94 ? 156 LEU A CD1 1 
ATOM   1147 C CD2 . LEU A 1 156 ? -0.876  5.143   9.012   1.00 30.58 ? 156 LEU A CD2 1 
ATOM   1148 N N   . ALA A 1 157 ? 0.199   2.082   12.403  1.00 28.59 ? 157 ALA A N   1 
ATOM   1149 C CA  . ALA A 1 157 ? -0.403  2.177   13.722  1.00 29.94 ? 157 ALA A CA  1 
ATOM   1150 C C   . ALA A 1 157 ? 0.606   2.007   14.855  1.00 33.08 ? 157 ALA A C   1 
ATOM   1151 O O   . ALA A 1 157 ? 0.468   2.627   15.908  1.00 36.26 ? 157 ALA A O   1 
ATOM   1152 C CB  . ALA A 1 157 ? -1.516  1.161   13.862  1.00 25.89 ? 157 ALA A CB  1 
ATOM   1153 N N   . LEU A 1 158 ? 1.603   1.151   14.656  1.00 33.33 ? 158 LEU A N   1 
ATOM   1154 C CA  . LEU A 1 158 ? 2.607   0.931   15.688  1.00 34.23 ? 158 LEU A CA  1 
ATOM   1155 C C   . LEU A 1 158 ? 3.395   2.207   15.954  1.00 35.83 ? 158 LEU A C   1 
ATOM   1156 O O   . LEU A 1 158 ? 3.691   2.517   17.107  1.00 37.56 ? 158 LEU A O   1 
ATOM   1157 C CB  . LEU A 1 158 ? 3.548   -0.220  15.315  1.00 32.48 ? 158 LEU A CB  1 
ATOM   1158 C CG  . LEU A 1 158 ? 2.931   -1.620  15.282  1.00 29.42 ? 158 LEU A CG  1 
ATOM   1159 C CD1 . LEU A 1 158 ? 3.949   -2.609  14.750  1.00 30.11 ? 158 LEU A CD1 1 
ATOM   1160 C CD2 . LEU A 1 158 ? 2.435   -2.015  16.651  1.00 28.76 ? 158 LEU A CD2 1 
ATOM   1161 N N   . VAL A 1 159 ? 3.723   2.950   14.901  1.00 33.26 ? 159 VAL A N   1 
ATOM   1162 C CA  . VAL A 1 159 ? 4.453   4.208   15.041  1.00 34.45 ? 159 VAL A CA  1 
ATOM   1163 C C   . VAL A 1 159 ? 3.536   5.309   15.638  1.00 37.44 ? 159 VAL A C   1 
ATOM   1164 O O   . VAL A 1 159 ? 3.957   6.054   16.518  1.00 41.37 ? 159 VAL A O   1 
ATOM   1165 C CB  . VAL A 1 159 ? 5.031   4.640   13.694  1.00 31.36 ? 159 VAL A CB  1 
ATOM   1166 C CG1 . VAL A 1 159 ? 5.757   5.945   13.827  1.00 33.85 ? 159 VAL A CG1 1 
ATOM   1167 C CG2 . VAL A 1 159 ? 5.955   3.571   13.171  1.00 29.28 ? 159 VAL A CG2 1 
ATOM   1168 N N   . GLU A 1 160 ? 2.273   5.357   15.206  1.00 34.55 ? 160 GLU A N   1 
ATOM   1169 C CA  . GLU A 1 160 ? 1.308   6.330   15.722  1.00 36.15 ? 160 GLU A CA  1 
ATOM   1170 C C   . GLU A 1 160 ? 1.073   6.141   17.218  1.00 38.11 ? 160 GLU A C   1 
ATOM   1171 O O   . GLU A 1 160 ? 0.887   7.110   17.949  1.00 42.67 ? 160 GLU A O   1 
ATOM   1172 C CB  . GLU A 1 160 ? -0.043  6.183   15.037  1.00 31.80 ? 160 GLU A CB  1 
ATOM   1173 C CG  . GLU A 1 160 ? -0.115  6.654   13.606  1.00 36.89 ? 160 GLU A CG  1 
ATOM   1174 C CD  . GLU A 1 160 ? -1.478  6.351   12.976  1.00 43.30 ? 160 GLU A CD  1 
ATOM   1175 O OE1 . GLU A 1 160 ? -2.160  5.395   13.414  1.00 44.58 ? 160 GLU A OE1 1 
ATOM   1176 O OE2 . GLU A 1 160 ? -1.873  7.070   12.037  1.00 42.56 ? 160 GLU A OE2 1 
ATOM   1177 N N   . ARG A 1 161 ? 0.974   4.889   17.650  1.00 38.40 ? 161 ARG A N   1 
ATOM   1178 C CA  . ARG A 1 161 ? 0.751   4.568   19.052  1.00 39.28 ? 161 ARG A CA  1 
ATOM   1179 C C   . ARG A 1 161 ? 2.055   4.586   19.842  1.00 43.33 ? 161 ARG A C   1 
ATOM   1180 O O   . ARG A 1 161 ? 2.102   4.158   20.996  1.00 47.63 ? 161 ARG A O   1 
ATOM   1181 C CB  . ARG A 1 161 ? 0.071   3.205   19.196  1.00 36.92 ? 161 ARG A CB  1 
ATOM   1182 C CG  . ARG A 1 161 ? -1.370  3.208   18.749  1.00 46.52 ? 161 ARG A CG  1 
ATOM   1183 C CD  . ARG A 1 161 ? -2.121  2.033   19.322  1.00 58.53 ? 161 ARG A CD  1 
ATOM   1184 N NE  . ARG A 1 161 ? -1.600  0.766   18.815  1.00 69.10 ? 161 ARG A NE  1 
ATOM   1185 C CZ  . ARG A 1 161 ? -2.147  0.065   17.818  1.00 75.59 ? 161 ARG A CZ  1 
ATOM   1186 N NH1 . ARG A 1 161 ? -3.252  0.502   17.203  1.00 72.75 ? 161 ARG A NH1 1 
ATOM   1187 N NH2 . ARG A 1 161 ? -1.578  -1.074  17.417  1.00 69.70 ? 161 ARG A NH2 1 
ATOM   1188 N N   . ASN A 1 162 ? 3.122   5.059   19.206  1.00 43.27 ? 162 ASN A N   1 
ATOM   1189 C CA  . ASN A 1 162 ? 4.426   5.133   19.845  1.00 47.32 ? 162 ASN A CA  1 
ATOM   1190 C C   . ASN A 1 162 ? 4.920   3.775   20.413  1.00 46.93 ? 162 ASN A C   1 
ATOM   1191 O O   . ASN A 1 162 ? 5.619   3.721   21.425  1.00 45.75 ? 162 ASN A O   1 
ATOM   1192 C CB  . ASN A 1 162 ? 4.400   6.237   20.913  1.00 54.80 ? 162 ASN A CB  1 
ATOM   1193 C CG  . ASN A 1 162 ? 5.788   6.737   21.279  1.00 60.34 ? 162 ASN A CG  1 
ATOM   1194 O OD1 . ASN A 1 162 ? 6.687   6.850   20.437  1.00 59.96 ? 162 ASN A OD1 1 
ATOM   1195 N ND2 . ASN A 1 162 ? 5.966   7.054   22.550  1.00 67.55 ? 162 ASN A ND2 1 
ATOM   1196 N N   . GLU A 1 163 ? 4.539   2.682   19.755  1.00 42.74 ? 163 GLU A N   1 
ATOM   1197 C CA  . GLU A 1 163 ? 4.968   1.338   20.134  1.00 38.21 ? 163 GLU A CA  1 
ATOM   1198 C C   . GLU A 1 163 ? 6.248   0.965   19.375  1.00 38.92 ? 163 GLU A C   1 
ATOM   1199 O O   . GLU A 1 163 ? 6.851   -0.070  19.636  1.00 43.94 ? 163 GLU A O   1 
ATOM   1200 C CB  . GLU A 1 163 ? 3.869   0.315   19.864  1.00 39.45 ? 163 GLU A CB  1 
ATOM   1201 C CG  . GLU A 1 163 ? 2.695   0.464   20.812  1.00 53.53 ? 163 GLU A CG  1 
ATOM   1202 C CD  . GLU A 1 163 ? 1.525   -0.452  20.488  1.00 61.88 ? 163 GLU A CD  1 
ATOM   1203 O OE1 . GLU A 1 163 ? 1.749   -1.602  20.031  1.00 60.86 ? 163 GLU A OE1 1 
ATOM   1204 O OE2 . GLU A 1 163 ? 0.372   -0.014  20.717  1.00 64.40 ? 163 GLU A OE2 1 
ATOM   1205 N N   . ALA A 1 164 ? 6.636   1.802   18.417  1.00 38.19 ? 164 ALA A N   1 
ATOM   1206 C CA  . ALA A 1 164 ? 7.853   1.619   17.625  1.00 37.45 ? 164 ALA A CA  1 
ATOM   1207 C C   . ALA A 1 164 ? 8.297   3.026   17.250  1.00 39.94 ? 164 ALA A C   1 
ATOM   1208 O O   . ALA A 1 164 ? 7.470   3.862   16.873  1.00 44.24 ? 164 ALA A O   1 
ATOM   1209 C CB  . ALA A 1 164 ? 7.585   0.802   16.365  1.00 34.00 ? 164 ALA A CB  1 
ATOM   1210 N N   . PRO A 1 165 ? 9.593   3.329   17.421  1.00 40.37 ? 165 PRO A N   1 
ATOM   1211 C CA  . PRO A 1 165 ? 10.169  4.640   17.112  1.00 41.83 ? 165 PRO A CA  1 
ATOM   1212 C C   . PRO A 1 165 ? 10.197  4.991   15.638  1.00 40.63 ? 165 PRO A C   1 
ATOM   1213 O O   . PRO A 1 165 ? 10.107  6.161   15.277  1.00 45.81 ? 165 PRO A O   1 
ATOM   1214 C CB  . PRO A 1 165 ? 11.590  4.532   17.673  1.00 41.51 ? 165 PRO A CB  1 
ATOM   1215 C CG  . PRO A 1 165 ? 11.887  3.069   17.572  1.00 39.43 ? 165 PRO A CG  1 
ATOM   1216 C CD  . PRO A 1 165 ? 10.598  2.464   18.060  1.00 36.75 ? 165 PRO A CD  1 
ATOM   1217 N N   . LEU A 1 166 ? 10.385  3.981   14.801  1.00 35.47 ? 166 LEU A N   1 
ATOM   1218 C CA  . LEU A 1 166 ? 10.438  4.172   13.365  1.00 35.28 ? 166 LEU A CA  1 
ATOM   1219 C C   . LEU A 1 166 ? 9.619   3.093   12.669  1.00 36.03 ? 166 LEU A C   1 
ATOM   1220 O O   . LEU A 1 166 ? 9.451   1.996   13.192  1.00 32.87 ? 166 LEU A O   1 
ATOM   1221 C CB  . LEU A 1 166 ? 11.877  4.094   12.864  1.00 28.52 ? 166 LEU A CB  1 
ATOM   1222 C CG  . LEU A 1 166 ? 12.876  5.136   13.339  1.00 31.67 ? 166 LEU A CG  1 
ATOM   1223 C CD1 . LEU A 1 166 ? 14.202  4.858   12.644  1.00 33.96 ? 166 LEU A CD1 1 
ATOM   1224 C CD2 . LEU A 1 166 ? 12.392  6.547   13.027  1.00 31.67 ? 166 LEU A CD2 1 
ATOM   1225 N N   . GLY A 1 167 ? 9.118   3.415   11.483  1.00 34.66 ? 167 GLY A N   1 
ATOM   1226 C CA  . GLY A 1 167 ? 8.343   2.467   10.717  1.00 30.22 ? 167 GLY A CA  1 
ATOM   1227 C C   . GLY A 1 167 ? 8.521   2.785   9.252   1.00 29.90 ? 167 GLY A C   1 
ATOM   1228 O O   . GLY A 1 167 ? 8.730   3.944   8.903   1.00 30.11 ? 167 GLY A O   1 
ATOM   1229 N N   . ILE A 1 168 ? 8.523   1.758   8.406   1.00 31.26 ? 168 ILE A N   1 
ATOM   1230 C CA  . ILE A 1 168 ? 8.663   1.932   6.958   1.00 31.62 ? 168 ILE A CA  1 
ATOM   1231 C C   . ILE A 1 168 ? 7.270   1.768   6.339   1.00 33.19 ? 168 ILE A C   1 
ATOM   1232 O O   . ILE A 1 168 ? 6.642   0.705   6.471   1.00 29.39 ? 168 ILE A O   1 
ATOM   1233 C CB  . ILE A 1 168 ? 9.642   0.896   6.361   1.00 30.64 ? 168 ILE A CB  1 
ATOM   1234 C CG1 . ILE A 1 168 ? 11.036  1.111   6.963   1.00 27.68 ? 168 ILE A CG1 1 
ATOM   1235 C CG2 . ILE A 1 168 ? 9.684   1.008   4.832   1.00 26.65 ? 168 ILE A CG2 1 
ATOM   1236 C CD1 . ILE A 1 168 ? 12.049  0.110   6.512   1.00 29.21 ? 168 ILE A CD1 1 
ATOM   1237 N N   . VAL A 1 169 ? 6.760   2.844   5.744   1.00 29.69 ? 169 VAL A N   1 
ATOM   1238 C CA  . VAL A 1 169 ? 5.433   2.838   5.119   1.00 28.48 ? 169 VAL A CA  1 
ATOM   1239 C C   . VAL A 1 169 ? 5.523   3.549   3.766   1.00 27.84 ? 169 VAL A C   1 
ATOM   1240 O O   . VAL A 1 169 ? 6.630   3.824   3.284   1.00 25.66 ? 169 VAL A O   1 
ATOM   1241 C CB  . VAL A 1 169 ? 4.364   3.516   6.026   1.00 26.34 ? 169 VAL A CB  1 
ATOM   1242 C CG1 . VAL A 1 169 ? 4.274   2.786   7.357   1.00 25.06 ? 169 VAL A CG1 1 
ATOM   1243 C CG2 . VAL A 1 169 ? 4.682   5.005   6.245   1.00 20.91 ? 169 VAL A CG2 1 
ATOM   1244 N N   . TYR A 1 170 ? 4.386   3.760   3.108   1.00 26.17 ? 170 TYR A N   1 
ATOM   1245 C CA  . TYR A 1 170 ? 4.390   4.452   1.812   1.00 28.33 ? 170 TYR A CA  1 
ATOM   1246 C C   . TYR A 1 170 ? 4.271   5.936   2.077   1.00 25.95 ? 170 TYR A C   1 
ATOM   1247 O O   . TYR A 1 170 ? 3.745   6.339   3.117   1.00 24.34 ? 170 TYR A O   1 
ATOM   1248 C CB  . TYR A 1 170 ? 3.199   4.032   0.930   1.00 22.08 ? 170 TYR A CB  1 
ATOM   1249 C CG  . TYR A 1 170 ? 3.190   2.573   0.569   1.00 24.06 ? 170 TYR A CG  1 
ATOM   1250 C CD1 . TYR A 1 170 ? 4.203   2.030   -0.224  1.00 23.98 ? 170 TYR A CD1 1 
ATOM   1251 C CD2 . TYR A 1 170 ? 2.181   1.728   1.029   1.00 23.59 ? 170 TYR A CD2 1 
ATOM   1252 C CE1 . TYR A 1 170 ? 4.218   0.687   -0.549  1.00 26.25 ? 170 TYR A CE1 1 
ATOM   1253 C CE2 . TYR A 1 170 ? 2.175   0.371   0.708   1.00 22.53 ? 170 TYR A CE2 1 
ATOM   1254 C CZ  . TYR A 1 170 ? 3.202   -0.142  -0.080  1.00 23.28 ? 170 TYR A CZ  1 
ATOM   1255 O OH  . TYR A 1 170 ? 3.232   -1.479  -0.394  1.00 24.40 ? 170 TYR A OH  1 
ATOM   1256 N N   . GLY A 1 171 ? 4.733   6.748   1.134   1.00 27.83 ? 171 GLY A N   1 
ATOM   1257 C CA  . GLY A 1 171 ? 4.604   8.185   1.300   1.00 26.77 ? 171 GLY A CA  1 
ATOM   1258 C C   . GLY A 1 171 ? 3.142   8.542   1.545   1.00 29.93 ? 171 GLY A C   1 
ATOM   1259 O O   . GLY A 1 171 ? 2.815   9.338   2.438   1.00 29.08 ? 171 GLY A O   1 
ATOM   1260 N N   . SER A 1 172 ? 2.241   7.907   0.797   1.00 29.46 ? 172 SER A N   1 
ATOM   1261 C CA  . SER A 1 172 ? 0.813   8.169   0.946   1.00 28.98 ? 172 SER A CA  1 
ATOM   1262 C C   . SER A 1 172 ? 0.286   7.934   2.367   1.00 29.16 ? 172 SER A C   1 
ATOM   1263 O O   . SER A 1 172 ? -0.650  8.609   2.797   1.00 28.97 ? 172 SER A O   1 
ATOM   1264 C CB  . SER A 1 172 ? 0.008   7.325   -0.064  1.00 28.42 ? 172 SER A CB  1 
ATOM   1265 O OG  . SER A 1 172 ? 0.192   5.929   0.137   1.00 27.07 ? 172 SER A OG  1 
ATOM   1266 N N   . ASP A 1 173 ? 0.872   6.981   3.100   1.00 28.27 ? 173 ASP A N   1 
ATOM   1267 C CA  . ASP A 1 173 ? 0.401   6.687   4.462   1.00 27.72 ? 173 ASP A CA  1 
ATOM   1268 C C   . ASP A 1 173 ? 0.640   7.854   5.407   1.00 26.54 ? 173 ASP A C   1 
ATOM   1269 O O   . ASP A 1 173 ? -0.181  8.131   6.280   1.00 26.82 ? 173 ASP A O   1 
ATOM   1270 C CB  . ASP A 1 173 ? 1.056   5.416   5.027   1.00 27.48 ? 173 ASP A CB  1 
ATOM   1271 C CG  . ASP A 1 173 ? 0.672   4.167   4.253   1.00 27.51 ? 173 ASP A CG  1 
ATOM   1272 O OD1 . ASP A 1 173 ? -0.530  3.985   3.990   1.00 26.81 ? 173 ASP A OD1 1 
ATOM   1273 O OD2 . ASP A 1 173 ? 1.572   3.372   3.906   1.00 25.83 ? 173 ASP A OD2 1 
ATOM   1274 N N   . ALA A 1 174 ? 1.752   8.551   5.194   1.00 28.82 ? 174 ALA A N   1 
ATOM   1275 C CA  . ALA A 1 174 ? 2.132   9.704   6.003   1.00 31.20 ? 174 ALA A CA  1 
ATOM   1276 C C   . ALA A 1 174 ? 1.119   10.829  5.797   1.00 34.28 ? 174 ALA A C   1 
ATOM   1277 O O   . ALA A 1 174 ? 0.716   11.485  6.754   1.00 36.28 ? 174 ALA A O   1 
ATOM   1278 C CB  . ALA A 1 174 ? 3.533   10.161  5.618   1.00 27.84 ? 174 ALA A CB  1 
ATOM   1279 N N   . VAL A 1 175 ? 0.678   11.016  4.553   1.00 32.46 ? 175 VAL A N   1 
ATOM   1280 C CA  . VAL A 1 175 ? -0.309  12.043  4.229   1.00 27.07 ? 175 VAL A CA  1 
ATOM   1281 C C   . VAL A 1 175 ? -1.636  11.756  4.945   1.00 29.37 ? 175 VAL A C   1 
ATOM   1282 O O   . VAL A 1 175 ? -2.262  12.672  5.477   1.00 33.92 ? 175 VAL A O   1 
ATOM   1283 C CB  . VAL A 1 175 ? -0.546  12.140  2.676   1.00 23.70 ? 175 VAL A CB  1 
ATOM   1284 C CG1 . VAL A 1 175 ? -1.673  13.104  2.362   1.00 23.36 ? 175 VAL A CG1 1 
ATOM   1285 C CG2 . VAL A 1 175 ? 0.735   12.564  1.963   1.00 21.80 ? 175 VAL A CG2 1 
ATOM   1286 N N   . ALA A 1 176 ? -2.034  10.484  5.012   1.00 30.14 ? 176 ALA A N   1 
ATOM   1287 C CA  . ALA A 1 176 ? -3.305  10.102  5.639   1.00 30.59 ? 176 ALA A CA  1 
ATOM   1288 C C   . ALA A 1 176 ? -3.262  10.074  7.148   1.00 30.84 ? 176 ALA A C   1 
ATOM   1289 O O   . ALA A 1 176 ? -4.302  10.161  7.808   1.00 32.61 ? 176 ALA A O   1 
ATOM   1290 C CB  . ALA A 1 176 ? -3.787  8.743   5.110   1.00 28.89 ? 176 ALA A CB  1 
ATOM   1291 N N   . SER A 1 177 ? -2.058  9.968   7.694   1.00 34.82 ? 177 SER A N   1 
ATOM   1292 C CA  . SER A 1 177 ? -1.872  9.898   9.131   1.00 39.37 ? 177 SER A CA  1 
ATOM   1293 C C   . SER A 1 177 ? -1.706  11.243  9.802   1.00 41.45 ? 177 SER A C   1 
ATOM   1294 O O   . SER A 1 177 ? -0.836  12.040  9.446   1.00 45.63 ? 177 SER A O   1 
ATOM   1295 C CB  . SER A 1 177 ? -0.657  9.033   9.461   1.00 38.52 ? 177 SER A CB  1 
ATOM   1296 O OG  . SER A 1 177 ? -0.468  8.954   10.865  1.00 42.22 ? 177 SER A OG  1 
ATOM   1297 N N   . LYS A 1 178 ? -2.480  11.435  10.855  1.00 47.11 ? 178 LYS A N   1 
ATOM   1298 C CA  . LYS A 1 178 ? -2.421  12.662  11.628  1.00 54.34 ? 178 LYS A CA  1 
ATOM   1299 C C   . LYS A 1 178 ? -1.390  12.528  12.771  1.00 55.81 ? 178 LYS A C   1 
ATOM   1300 O O   . LYS A 1 178 ? -1.009  13.525  13.386  1.00 58.37 ? 178 LYS A O   1 
ATOM   1301 C CB  . LYS A 1 178 ? -3.818  12.949  12.192  1.00 59.78 ? 178 LYS A CB  1 
ATOM   1302 C CG  . LYS A 1 178 ? -4.128  14.425  12.416  1.00 70.17 ? 178 LYS A CG  1 
ATOM   1303 C CD  . LYS A 1 178 ? -5.630  14.657  12.650  1.00 75.62 ? 178 LYS A CD  1 
ATOM   1304 C CE  . LYS A 1 178 ? -6.481  14.292  11.421  1.00 76.39 ? 178 LYS A CE  1 
ATOM   1305 N NZ  . LYS A 1 178 ? -7.922  14.658  11.612  1.00 75.28 ? 178 LYS A NZ  1 
ATOM   1306 N N   . GLY A 1 179 ? -0.892  11.309  13.000  1.00 53.48 ? 179 GLY A N   1 
ATOM   1307 C CA  . GLY A 1 179 ? 0.042   11.079  14.088  1.00 43.41 ? 179 GLY A CA  1 
ATOM   1308 C C   . GLY A 1 179 ? 1.503   10.772  13.820  1.00 41.80 ? 179 GLY A C   1 
ATOM   1309 O O   . GLY A 1 179 ? 2.207   10.373  14.745  1.00 43.08 ? 179 GLY A O   1 
ATOM   1310 N N   . VAL A 1 180 ? 1.989   10.951  12.599  1.00 39.79 ? 180 VAL A N   1 
ATOM   1311 C CA  . VAL A 1 180 ? 3.398   10.667  12.320  1.00 37.60 ? 180 VAL A CA  1 
ATOM   1312 C C   . VAL A 1 180 ? 3.975   11.745  11.425  1.00 39.30 ? 180 VAL A C   1 
ATOM   1313 O O   . VAL A 1 180 ? 3.251   12.625  10.970  1.00 42.62 ? 180 VAL A O   1 
ATOM   1314 C CB  . VAL A 1 180 ? 3.625   9.277   11.627  1.00 37.05 ? 180 VAL A CB  1 
ATOM   1315 C CG1 . VAL A 1 180 ? 2.995   8.172   12.433  1.00 35.62 ? 180 VAL A CG1 1 
ATOM   1316 C CG2 . VAL A 1 180 ? 3.086   9.280   10.193  1.00 35.69 ? 180 VAL A CG2 1 
ATOM   1317 N N   . LYS A 1 181 ? 5.277   11.658  11.172  1.00 40.11 ? 181 LYS A N   1 
ATOM   1318 C CA  . LYS A 1 181 ? 5.978   12.603  10.319  1.00 40.48 ? 181 LYS A CA  1 
ATOM   1319 C C   . LYS A 1 181 ? 7.053   11.846  9.555   1.00 39.82 ? 181 LYS A C   1 
ATOM   1320 O O   . LYS A 1 181 ? 7.628   10.887  10.069  1.00 41.46 ? 181 LYS A O   1 
ATOM   1321 C CB  . LYS A 1 181 ? 6.615   13.721  11.159  1.00 48.10 ? 181 LYS A CB  1 
ATOM   1322 C CG  . LYS A 1 181 ? 7.608   13.240  12.217  1.00 52.34 ? 181 LYS A CG  1 
ATOM   1323 C CD  . LYS A 1 181 ? 8.205   14.394  13.014  1.00 57.11 ? 181 LYS A CD  1 
ATOM   1324 C CE  . LYS A 1 181 ? 9.215   13.884  14.033  1.00 58.76 ? 181 LYS A CE  1 
ATOM   1325 N NZ  . LYS A 1 181 ? 9.912   14.974  14.773  1.00 62.58 ? 181 LYS A NZ  1 
ATOM   1326 N N   . VAL A 1 182 ? 7.294   12.251  8.314   1.00 37.22 ? 182 VAL A N   1 
ATOM   1327 C CA  . VAL A 1 182 ? 8.296   11.606  7.481   1.00 36.13 ? 182 VAL A CA  1 
ATOM   1328 C C   . VAL A 1 182 ? 9.683   12.085  7.895   1.00 40.52 ? 182 VAL A C   1 
ATOM   1329 O O   . VAL A 1 182 ? 9.911   13.288  7.968   1.00 46.89 ? 182 VAL A O   1 
ATOM   1330 C CB  . VAL A 1 182 ? 8.081   11.970  6.003   1.00 33.99 ? 182 VAL A CB  1 
ATOM   1331 C CG1 . VAL A 1 182 ? 9.119   11.271  5.131   1.00 35.83 ? 182 VAL A CG1 1 
ATOM   1332 C CG2 . VAL A 1 182 ? 6.675   11.603  5.573   1.00 33.73 ? 182 VAL A CG2 1 
ATOM   1333 N N   . VAL A 1 183 ? 10.606  11.162  8.164   1.00 40.92 ? 183 VAL A N   1 
ATOM   1334 C CA  . VAL A 1 183 ? 11.965  11.550  8.558   1.00 38.95 ? 183 VAL A CA  1 
ATOM   1335 C C   . VAL A 1 183 ? 13.041  11.104  7.593   1.00 40.96 ? 183 VAL A C   1 
ATOM   1336 O O   . VAL A 1 183 ? 14.207  11.441  7.766   1.00 45.77 ? 183 VAL A O   1 
ATOM   1337 C CB  . VAL A 1 183 ? 12.344  11.121  10.016  1.00 39.04 ? 183 VAL A CB  1 
ATOM   1338 C CG1 . VAL A 1 183 ? 11.422  11.793  11.008  1.00 36.75 ? 183 VAL A CG1 1 
ATOM   1339 C CG2 . VAL A 1 183 ? 12.315  9.600   10.192  1.00 36.91 ? 183 VAL A CG2 1 
ATOM   1340 N N   . ALA A 1 184 ? 12.656  10.348  6.572   1.00 40.51 ? 184 ALA A N   1 
ATOM   1341 C CA  . ALA A 1 184 ? 13.596  9.879   5.557   1.00 40.32 ? 184 ALA A CA  1 
ATOM   1342 C C   . ALA A 1 184 ? 12.796  9.299   4.397   1.00 40.56 ? 184 ALA A C   1 
ATOM   1343 O O   . ALA A 1 184 ? 11.629  8.939   4.566   1.00 40.98 ? 184 ALA A O   1 
ATOM   1344 C CB  . ALA A 1 184 ? 14.542  8.829   6.129   1.00 36.90 ? 184 ALA A CB  1 
ATOM   1345 N N   . THR A 1 185 ? 13.420  9.218   3.230   1.00 35.59 ? 185 THR A N   1 
ATOM   1346 C CA  . THR A 1 185 ? 12.764  8.696   2.052   1.00 38.80 ? 185 THR A CA  1 
ATOM   1347 C C   . THR A 1 185 ? 13.738  7.766   1.371   1.00 42.07 ? 185 THR A C   1 
ATOM   1348 O O   . THR A 1 185 ? 14.890  8.123   1.171   1.00 51.77 ? 185 THR A O   1 
ATOM   1349 C CB  . THR A 1 185 ? 12.379  9.836   1.101   1.00 38.45 ? 185 THR A CB  1 
ATOM   1350 O OG1 . THR A 1 185 ? 11.382  10.649  1.730   1.00 44.70 ? 185 THR A OG1 1 
ATOM   1351 C CG2 . THR A 1 185 ? 11.821  9.285   -0.210  1.00 45.75 ? 185 THR A CG2 1 
ATOM   1352 N N   . PHE A 1 186 ? 13.311  6.553   1.057   1.00 38.06 ? 186 PHE A N   1 
ATOM   1353 C CA  . PHE A 1 186 ? 14.223  5.628   0.414   1.00 40.66 ? 186 PHE A CA  1 
ATOM   1354 C C   . PHE A 1 186 ? 14.568  6.096   -0.986  1.00 44.44 ? 186 PHE A C   1 
ATOM   1355 O O   . PHE A 1 186 ? 13.723  6.667   -1.676  1.00 45.74 ? 186 PHE A O   1 
ATOM   1356 C CB  . PHE A 1 186 ? 13.628  4.219   0.351   1.00 36.42 ? 186 PHE A CB  1 
ATOM   1357 C CG  . PHE A 1 186 ? 13.763  3.448   1.624   1.00 36.97 ? 186 PHE A CG  1 
ATOM   1358 C CD1 . PHE A 1 186 ? 12.889  3.673   2.684   1.00 36.97 ? 186 PHE A CD1 1 
ATOM   1359 C CD2 . PHE A 1 186 ? 14.772  2.502   1.768   1.00 39.88 ? 186 PHE A CD2 1 
ATOM   1360 C CE1 . PHE A 1 186 ? 13.017  2.965   3.879   1.00 35.32 ? 186 PHE A CE1 1 
ATOM   1361 C CE2 . PHE A 1 186 ? 14.914  1.788   2.953   1.00 40.92 ? 186 PHE A CE2 1 
ATOM   1362 C CZ  . PHE A 1 186 ? 14.033  2.021   4.013   1.00 39.99 ? 186 PHE A CZ  1 
ATOM   1363 N N   . PRO A 1 187 ? 15.836  5.940   -1.389  1.00 48.25 ? 187 PRO A N   1 
ATOM   1364 C CA  . PRO A 1 187 ? 16.230  6.357   -2.734  1.00 49.93 ? 187 PRO A CA  1 
ATOM   1365 C C   . PRO A 1 187 ? 15.468  5.472   -3.724  1.00 53.90 ? 187 PRO A C   1 
ATOM   1366 O O   . PRO A 1 187 ? 15.299  4.265   -3.504  1.00 50.16 ? 187 PRO A O   1 
ATOM   1367 C CB  . PRO A 1 187 ? 17.742  6.090   -2.751  1.00 45.30 ? 187 PRO A CB  1 
ATOM   1368 C CG  . PRO A 1 187 ? 17.932  5.032   -1.726  1.00 49.31 ? 187 PRO A CG  1 
ATOM   1369 C CD  . PRO A 1 187 ? 17.003  5.464   -0.627  1.00 46.36 ? 187 PRO A CD  1 
ATOM   1370 N N   . GLU A 1 188 ? 15.006  6.079   -4.810  1.00 55.02 ? 188 GLU A N   1 
ATOM   1371 C CA  . GLU A 1 188 ? 14.230  5.371   -5.809  1.00 51.82 ? 188 GLU A CA  1 
ATOM   1372 C C   . GLU A 1 188 ? 14.893  4.098   -6.363  1.00 51.37 ? 188 GLU A C   1 
ATOM   1373 O O   . GLU A 1 188 ? 14.221  3.090   -6.598  1.00 54.90 ? 188 GLU A O   1 
ATOM   1374 C CB  . GLU A 1 188 ? 13.828  6.361   -6.919  1.00 53.96 ? 188 GLU A CB  1 
ATOM   1375 C CG  . GLU A 1 188 ? 12.721  5.884   -7.877  1.00 68.97 ? 188 GLU A CG  1 
ATOM   1376 C CD  . GLU A 1 188 ? 11.470  5.362   -7.159  1.00 74.71 ? 188 GLU A CD  1 
ATOM   1377 O OE1 . GLU A 1 188 ? 10.699  6.188   -6.624  1.00 70.83 ? 188 GLU A OE1 1 
ATOM   1378 O OE2 . GLU A 1 188 ? 11.259  4.122   -7.141  1.00 74.29 ? 188 GLU A OE2 1 
ATOM   1379 N N   . ASP A 1 189 ? 16.214  4.099   -6.475  1.00 52.81 ? 189 ASP A N   1 
ATOM   1380 C CA  . ASP A 1 189 ? 16.932  2.943   -7.035  1.00 54.51 ? 189 ASP A CA  1 
ATOM   1381 C C   . ASP A 1 189 ? 17.168  1.757   -6.100  1.00 54.54 ? 189 ASP A C   1 
ATOM   1382 O O   . ASP A 1 189 ? 17.685  0.721   -6.533  1.00 52.73 ? 189 ASP A O   1 
ATOM   1383 C CB  . ASP A 1 189 ? 18.270  3.394   -7.638  1.00 61.15 ? 189 ASP A CB  1 
ATOM   1384 C CG  . ASP A 1 189 ? 19.056  4.304   -6.701  1.00 66.62 ? 189 ASP A CG  1 
ATOM   1385 O OD1 . ASP A 1 189 ? 18.782  5.529   -6.688  1.00 71.37 ? 189 ASP A OD1 1 
ATOM   1386 O OD2 . ASP A 1 189 ? 19.927  3.795   -5.961  1.00 69.00 ? 189 ASP A OD2 1 
ATOM   1387 N N   . SER A 1 190 ? 16.810  1.905   -4.825  1.00 52.12 ? 190 SER A N   1 
ATOM   1388 C CA  . SER A 1 190 ? 17.001  0.828   -3.847  1.00 47.97 ? 190 SER A CA  1 
ATOM   1389 C C   . SER A 1 190 ? 15.965  -0.292  -3.913  1.00 47.58 ? 190 SER A C   1 
ATOM   1390 O O   . SER A 1 190 ? 16.196  -1.382  -3.389  1.00 45.19 ? 190 SER A O   1 
ATOM   1391 C CB  . SER A 1 190 ? 17.030  1.396   -2.424  1.00 45.68 ? 190 SER A CB  1 
ATOM   1392 O OG  . SER A 1 190 ? 15.858  2.146   -2.129  1.00 46.10 ? 190 SER A OG  1 
ATOM   1393 N N   . HIS A 1 191 ? 14.834  -0.041  -4.567  1.00 47.27 ? 191 HIS A N   1 
ATOM   1394 C CA  . HIS A 1 191 ? 13.767  -1.040  -4.653  1.00 43.95 ? 191 HIS A CA  1 
ATOM   1395 C C   . HIS A 1 191 ? 13.002  -0.971  -5.965  1.00 43.08 ? 191 HIS A C   1 
ATOM   1396 O O   . HIS A 1 191 ? 13.069  0.039   -6.674  1.00 41.66 ? 191 HIS A O   1 
ATOM   1397 C CB  . HIS A 1 191 ? 12.767  -0.802  -3.512  1.00 40.86 ? 191 HIS A CB  1 
ATOM   1398 C CG  . HIS A 1 191 ? 12.214  0.597   -3.472  1.00 36.36 ? 191 HIS A CG  1 
ATOM   1399 N ND1 . HIS A 1 191 ? 11.255  1.047   -4.352  1.00 35.10 ? 191 HIS A ND1 1 
ATOM   1400 C CD2 . HIS A 1 191 ? 12.492  1.642   -2.657  1.00 37.02 ? 191 HIS A CD2 1 
ATOM   1401 C CE1 . HIS A 1 191 ? 10.965  2.308   -4.085  1.00 38.26 ? 191 HIS A CE1 1 
ATOM   1402 N NE2 . HIS A 1 191 ? 11.703  2.695   -3.061  1.00 38.07 ? 191 HIS A NE2 1 
ATOM   1403 N N   . LYS A 1 192 ? 12.261  -2.036  -6.274  1.00 42.56 ? 192 LYS A N   1 
ATOM   1404 C CA  . LYS A 1 192 ? 11.406  -2.053  -7.459  1.00 38.07 ? 192 LYS A CA  1 
ATOM   1405 C C   . LYS A 1 192 ? 10.473  -0.849  -7.307  1.00 36.97 ? 192 LYS A C   1 
ATOM   1406 O O   . LYS A 1 192 ? 10.080  -0.493  -6.189  1.00 34.82 ? 192 LYS A O   1 
ATOM   1407 C CB  . LYS A 1 192 ? 10.510  -3.289  -7.478  1.00 43.23 ? 192 LYS A CB  1 
ATOM   1408 C CG  . LYS A 1 192 ? 11.138  -4.554  -7.965  1.00 53.31 ? 192 LYS A CG  1 
ATOM   1409 C CD  . LYS A 1 192 ? 10.042  -5.537  -8.400  1.00 63.92 ? 192 LYS A CD  1 
ATOM   1410 C CE  . LYS A 1 192 ? 10.201  -6.896  -7.715  1.00 74.00 ? 192 LYS A CE  1 
ATOM   1411 N NZ  . LYS A 1 192 ? 11.563  -7.509  -7.901  1.00 78.84 ? 192 LYS A NZ  1 
ATOM   1412 N N   . LYS A 1 193 ? 10.116  -0.230  -8.423  1.00 36.51 ? 193 LYS A N   1 
ATOM   1413 C CA  . LYS A 1 193 ? 9.220   0.916   -8.418  1.00 37.29 ? 193 LYS A CA  1 
ATOM   1414 C C   . LYS A 1 193 ? 7.892   0.456   -7.739  1.00 32.23 ? 193 LYS A C   1 
ATOM   1415 O O   . LYS A 1 193 ? 7.415   -0.663  -7.972  1.00 29.65 ? 193 LYS A O   1 
ATOM   1416 C CB  . LYS A 1 193 ? 9.046   1.397   -9.891  1.00 41.26 ? 193 LYS A CB  1 
ATOM   1417 C CG  . LYS A 1 193 ? 8.059   2.560   -10.171 1.00 61.37 ? 193 LYS A CG  1 
ATOM   1418 C CD  . LYS A 1 193 ? 8.471   3.941   -9.588  1.00 67.47 ? 193 LYS A CD  1 
ATOM   1419 C CE  . LYS A 1 193 ? 7.295   4.967   -9.585  1.00 67.35 ? 193 LYS A CE  1 
ATOM   1420 N NZ  . LYS A 1 193 ? 6.148   4.628   -8.661  1.00 54.39 ? 193 LYS A NZ  1 
ATOM   1421 N N   . VAL A 1 194 ? 7.387   1.238   -6.794  1.00 28.49 ? 194 VAL A N   1 
ATOM   1422 C CA  . VAL A 1 194 ? 6.142   0.891   -6.124  1.00 29.80 ? 194 VAL A CA  1 
ATOM   1423 C C   . VAL A 1 194 ? 5.013   1.192   -7.098  1.00 32.21 ? 194 VAL A C   1 
ATOM   1424 O O   . VAL A 1 194 ? 4.783   2.358   -7.476  1.00 32.69 ? 194 VAL A O   1 
ATOM   1425 C CB  . VAL A 1 194 ? 5.937   1.702   -4.828  1.00 30.91 ? 194 VAL A CB  1 
ATOM   1426 C CG1 . VAL A 1 194 ? 4.560   1.396   -4.217  1.00 27.47 ? 194 VAL A CG1 1 
ATOM   1427 C CG2 . VAL A 1 194 ? 7.051   1.382   -3.841  1.00 27.47 ? 194 VAL A CG2 1 
ATOM   1428 N N   . GLU A 1 195 ? 4.312   0.136   -7.501  1.00 28.06 ? 195 GLU A N   1 
ATOM   1429 C CA  . GLU A 1 195 ? 3.234   0.256   -8.466  1.00 27.15 ? 195 GLU A CA  1 
ATOM   1430 C C   . GLU A 1 195 ? 1.977   -0.483  -8.066  1.00 25.80 ? 195 GLU A C   1 
ATOM   1431 O O   . GLU A 1 195 ? 2.052   -1.623  -7.605  1.00 24.99 ? 195 GLU A O   1 
ATOM   1432 C CB  . GLU A 1 195 ? 3.699   -0.273  -9.815  1.00 29.60 ? 195 GLU A CB  1 
ATOM   1433 C CG  . GLU A 1 195 ? 4.776   0.557   -10.464 1.00 31.75 ? 195 GLU A CG  1 
ATOM   1434 C CD  . GLU A 1 195 ? 5.269   -0.050  -11.753 1.00 36.43 ? 195 GLU A CD  1 
ATOM   1435 O OE1 . GLU A 1 195 ? 5.590   -1.265  -11.771 1.00 35.32 ? 195 GLU A OE1 1 
ATOM   1436 O OE2 . GLU A 1 195 ? 5.325   0.698   -12.755 1.00 44.43 ? 195 GLU A OE2 1 
ATOM   1437 N N   . TYR A 1 196 ? 0.831   0.147   -8.325  1.00 22.06 ? 196 TYR A N   1 
ATOM   1438 C CA  . TYR A 1 196 ? -0.479  -0.415  -8.022  1.00 23.79 ? 196 TYR A CA  1 
ATOM   1439 C C   . TYR A 1 196 ? -1.303  -0.821  -9.246  1.00 25.27 ? 196 TYR A C   1 
ATOM   1440 O O   . TYR A 1 196 ? -1.844  0.052   -9.937  1.00 29.39 ? 196 TYR A O   1 
ATOM   1441 C CB  . TYR A 1 196 ? -1.349  0.584   -7.246  1.00 22.11 ? 196 TYR A CB  1 
ATOM   1442 C CG  . TYR A 1 196 ? -0.897  0.894   -5.839  1.00 22.28 ? 196 TYR A CG  1 
ATOM   1443 C CD1 . TYR A 1 196 ? 0.300   1.591   -5.610  1.00 26.66 ? 196 TYR A CD1 1 
ATOM   1444 C CD2 . TYR A 1 196 ? -1.681  0.531   -4.735  1.00 18.59 ? 196 TYR A CD2 1 
ATOM   1445 C CE1 . TYR A 1 196 ? 0.706   1.923   -4.328  1.00 23.10 ? 196 TYR A CE1 1 
ATOM   1446 C CE2 . TYR A 1 196 ? -1.285  0.863   -3.442  1.00 24.36 ? 196 TYR A CE2 1 
ATOM   1447 C CZ  . TYR A 1 196 ? -0.084  1.566   -3.253  1.00 25.92 ? 196 TYR A CZ  1 
ATOM   1448 O OH  . TYR A 1 196 ? 0.321   1.938   -1.997  1.00 26.16 ? 196 TYR A OH  1 
ATOM   1449 N N   . PRO A 1 197 ? -1.349  -2.121  -9.583  1.00 23.45 ? 197 PRO A N   1 
ATOM   1450 C CA  . PRO A 1 197 ? -2.163  -2.524  -10.737 1.00 22.99 ? 197 PRO A CA  1 
ATOM   1451 C C   . PRO A 1 197 ? -3.625  -2.740  -10.296 1.00 23.60 ? 197 PRO A C   1 
ATOM   1452 O O   . PRO A 1 197 ? -3.888  -3.087  -9.142  1.00 23.82 ? 197 PRO A O   1 
ATOM   1453 C CB  . PRO A 1 197 ? -1.518  -3.845  -11.160 1.00 24.26 ? 197 PRO A CB  1 
ATOM   1454 C CG  . PRO A 1 197 ? -1.061  -4.397  -9.879  1.00 22.77 ? 197 PRO A CG  1 
ATOM   1455 C CD  . PRO A 1 197 ? -0.415  -3.200  -9.223  1.00 22.60 ? 197 PRO A CD  1 
ATOM   1456 N N   . VAL A 1 198 ? -4.569  -2.449  -11.187 1.00 24.95 ? 198 VAL A N   1 
ATOM   1457 C CA  . VAL A 1 198 ? -5.999  -2.644  -10.927 1.00 23.21 ? 198 VAL A CA  1 
ATOM   1458 C C   . VAL A 1 198 ? -6.494  -3.595  -12.024 1.00 26.70 ? 198 VAL A C   1 
ATOM   1459 O O   . VAL A 1 198 ? -5.928  -3.619  -13.134 1.00 26.05 ? 198 VAL A O   1 
ATOM   1460 C CB  . VAL A 1 198 ? -6.811  -1.293  -10.953 1.00 21.16 ? 198 VAL A CB  1 
ATOM   1461 C CG1 . VAL A 1 198 ? -6.606  -0.554  -12.262 1.00 23.18 ? 198 VAL A CG1 1 
ATOM   1462 C CG2 . VAL A 1 198 ? -8.289  -1.546  -10.734 1.00 19.28 ? 198 VAL A CG2 1 
ATOM   1463 N N   . ALA A 1 199 ? -7.460  -4.448  -11.691 1.00 23.32 ? 199 ALA A N   1 
ATOM   1464 C CA  . ALA A 1 199 ? -8.029  -5.374  -12.668 1.00 25.23 ? 199 ALA A CA  1 
ATOM   1465 C C   . ALA A 1 199 ? -9.373  -5.840  -12.194 1.00 25.84 ? 199 ALA A C   1 
ATOM   1466 O O   . ALA A 1 199 ? -9.654  -5.835  -10.998 1.00 25.30 ? 199 ALA A O   1 
ATOM   1467 C CB  . ALA A 1 199 ? -7.130  -6.569  -12.877 1.00 21.82 ? 199 ALA A CB  1 
ATOM   1468 N N   . VAL A 1 200 ? -10.228 -6.160  -13.154 1.00 23.95 ? 200 VAL A N   1 
ATOM   1469 C CA  . VAL A 1 200 ? -11.550 -6.686  -12.874 1.00 23.47 ? 200 VAL A CA  1 
ATOM   1470 C C   . VAL A 1 200 ? -11.352 -8.198  -12.634 1.00 24.98 ? 200 VAL A C   1 
ATOM   1471 O O   . VAL A 1 200 ? -10.557 -8.875  -13.317 1.00 25.36 ? 200 VAL A O   1 
ATOM   1472 C CB  . VAL A 1 200 ? -12.524 -6.452  -14.077 1.00 23.93 ? 200 VAL A CB  1 
ATOM   1473 C CG1 . VAL A 1 200 ? -13.880 -7.075  -13.805 1.00 22.33 ? 200 VAL A CG1 1 
ATOM   1474 C CG2 . VAL A 1 200 ? -12.678 -4.982  -14.337 1.00 21.43 ? 200 VAL A CG2 1 
ATOM   1475 N N   . VAL A 1 201 ? -12.044 -8.713  -11.635 1.00 22.15 ? 201 VAL A N   1 
ATOM   1476 C CA  . VAL A 1 201 ? -11.963 -10.120 -11.300 1.00 21.87 ? 201 VAL A CA  1 
ATOM   1477 C C   . VAL A 1 201 ? -12.731 -10.916 -12.361 1.00 23.20 ? 201 VAL A C   1 
ATOM   1478 O O   . VAL A 1 201 ? -13.785 -10.478 -12.853 1.00 24.31 ? 201 VAL A O   1 
ATOM   1479 C CB  . VAL A 1 201 ? -12.527 -10.346 -9.890  1.00 19.54 ? 201 VAL A CB  1 
ATOM   1480 C CG1 . VAL A 1 201 ? -12.589 -11.825 -9.551  1.00 19.97 ? 201 VAL A CG1 1 
ATOM   1481 C CG2 . VAL A 1 201 ? -11.663 -9.589  -8.887  1.00 19.23 ? 201 VAL A CG2 1 
ATOM   1482 N N   . GLU A 1 202 ? -12.173 -12.054 -12.744 1.00 22.30 ? 202 GLU A N   1 
ATOM   1483 C CA  . GLU A 1 202 ? -12.764 -12.902 -13.758 1.00 23.68 ? 202 GLU A CA  1 
ATOM   1484 C C   . GLU A 1 202 ? -14.245 -13.176 -13.485 1.00 25.85 ? 202 GLU A C   1 
ATOM   1485 O O   . GLU A 1 202 ? -14.614 -13.596 -12.386 1.00 24.45 ? 202 GLU A O   1 
ATOM   1486 C CB  . GLU A 1 202 ? -11.989 -14.213 -13.833 1.00 23.58 ? 202 GLU A CB  1 
ATOM   1487 C CG  . GLU A 1 202 ? -12.524 -15.208 -14.852 1.00 23.54 ? 202 GLU A CG  1 
ATOM   1488 C CD  . GLU A 1 202 ? -12.362 -14.737 -16.298 1.00 29.52 ? 202 GLU A CD  1 
ATOM   1489 O OE1 . GLU A 1 202 ? -11.554 -13.824 -16.583 1.00 31.94 ? 202 GLU A OE1 1 
ATOM   1490 O OE2 . GLU A 1 202 ? -13.052 -15.296 -17.163 1.00 32.33 ? 202 GLU A OE2 1 
ATOM   1491 N N   . GLY A 1 203 ? -15.087 -12.910 -14.481 1.00 26.82 ? 203 GLY A N   1 
ATOM   1492 C CA  . GLY A 1 203 ? -16.513 -13.137 -14.332 1.00 25.29 ? 203 GLY A CA  1 
ATOM   1493 C C   . GLY A 1 203 ? -17.284 -11.961 -13.768 1.00 30.42 ? 203 GLY A C   1 
ATOM   1494 O O   . GLY A 1 203 ? -18.508 -12.011 -13.648 1.00 30.74 ? 203 GLY A O   1 
ATOM   1495 N N   . HIS A 1 204 ? -16.587 -10.884 -13.435 1.00 28.05 ? 204 HIS A N   1 
ATOM   1496 C CA  . HIS A 1 204 ? -17.251 -9.720  -12.866 1.00 27.34 ? 204 HIS A CA  1 
ATOM   1497 C C   . HIS A 1 204 ? -17.192 -8.519  -13.782 1.00 27.83 ? 204 HIS A C   1 
ATOM   1498 O O   . HIS A 1 204 ? -17.424 -7.392  -13.355 1.00 30.89 ? 204 HIS A O   1 
ATOM   1499 C CB  . HIS A 1 204 ? -16.634 -9.380  -11.519 1.00 21.38 ? 204 HIS A CB  1 
ATOM   1500 C CG  . HIS A 1 204 ? -16.821 -10.451 -10.493 1.00 25.86 ? 204 HIS A CG  1 
ATOM   1501 N ND1 . HIS A 1 204 ? -17.670 -10.315 -9.413  1.00 29.30 ? 204 HIS A ND1 1 
ATOM   1502 C CD2 . HIS A 1 204 ? -16.273 -11.684 -10.380 1.00 27.21 ? 204 HIS A CD2 1 
ATOM   1503 C CE1 . HIS A 1 204 ? -17.634 -11.413 -8.680  1.00 25.26 ? 204 HIS A CE1 1 
ATOM   1504 N NE2 . HIS A 1 204 ? -16.796 -12.259 -9.246  1.00 28.49 ? 204 HIS A NE2 1 
ATOM   1505 N N   . ASN A 1 205 ? -16.896 -8.751  -15.052 1.00 26.73 ? 205 ASN A N   1 
ATOM   1506 C CA  . ASN A 1 205 ? -16.819 -7.649  -15.997 1.00 27.73 ? 205 ASN A CA  1 
ATOM   1507 C C   . ASN A 1 205 ? -18.169 -7.387  -16.647 1.00 32.48 ? 205 ASN A C   1 
ATOM   1508 O O   . ASN A 1 205 ? -18.461 -7.898  -17.732 1.00 36.90 ? 205 ASN A O   1 
ATOM   1509 C CB  . ASN A 1 205 ? -15.758 -7.914  -17.062 1.00 24.99 ? 205 ASN A CB  1 
ATOM   1510 C CG  . ASN A 1 205 ? -15.516 -6.719  -17.946 1.00 25.23 ? 205 ASN A CG  1 
ATOM   1511 O OD1 . ASN A 1 205 ? -16.152 -5.682  -17.803 1.00 34.45 ? 205 ASN A OD1 1 
ATOM   1512 N ND2 . ASN A 1 205 ? -14.572 -6.849  -18.859 1.00 29.92 ? 205 ASN A ND2 1 
ATOM   1513 N N   . ASN A 1 206 ? -19.006 -6.628  -15.948 1.00 31.42 ? 206 ASN A N   1 
ATOM   1514 C CA  . ASN A 1 206 ? -20.321 -6.255  -16.447 1.00 31.42 ? 206 ASN A CA  1 
ATOM   1515 C C   . ASN A 1 206 ? -20.348 -4.731  -16.507 1.00 33.81 ? 206 ASN A C   1 
ATOM   1516 O O   . ASN A 1 206 ? -19.406 -4.066  -16.056 1.00 31.77 ? 206 ASN A O   1 
ATOM   1517 C CB  . ASN A 1 206 ? -21.421 -6.815  -15.549 1.00 29.21 ? 206 ASN A CB  1 
ATOM   1518 C CG  . ASN A 1 206 ? -21.269 -6.383  -14.119 1.00 33.11 ? 206 ASN A CG  1 
ATOM   1519 O OD1 . ASN A 1 206 ? -21.277 -5.191  -13.817 1.00 33.58 ? 206 ASN A OD1 1 
ATOM   1520 N ND2 . ASN A 1 206 ? -21.104 -7.347  -13.225 1.00 34.63 ? 206 ASN A ND2 1 
ATOM   1521 N N   . ALA A 1 207 ? -21.415 -4.167  -17.059 1.00 35.06 ? 207 ALA A N   1 
ATOM   1522 C CA  . ALA A 1 207 ? -21.507 -2.715  -17.220 1.00 33.57 ? 207 ALA A CA  1 
ATOM   1523 C C   . ALA A 1 207 ? -21.387 -1.886  -15.943 1.00 33.18 ? 207 ALA A C   1 
ATOM   1524 O O   . ALA A 1 207 ? -20.815 -0.795  -15.977 1.00 32.83 ? 207 ALA A O   1 
ATOM   1525 C CB  . ALA A 1 207 ? -22.765 -2.341  -17.981 1.00 34.84 ? 207 ALA A CB  1 
ATOM   1526 N N   . THR A 1 208 ? -21.934 -2.378  -14.837 1.00 33.88 ? 208 THR A N   1 
ATOM   1527 C CA  . THR A 1 208 ? -21.850 -1.662  -13.566 1.00 35.70 ? 208 THR A CA  1 
ATOM   1528 C C   . THR A 1 208 ? -20.395 -1.593  -13.067 1.00 35.21 ? 208 THR A C   1 
ATOM   1529 O O   . THR A 1 208 ? -19.900 -0.514  -12.741 1.00 35.77 ? 208 THR A O   1 
ATOM   1530 C CB  . THR A 1 208 ? -22.723 -2.340  -12.524 1.00 42.26 ? 208 THR A CB  1 
ATOM   1531 O OG1 . THR A 1 208 ? -24.052 -2.449  -13.046 1.00 50.31 ? 208 THR A OG1 1 
ATOM   1532 C CG2 . THR A 1 208 ? -22.753 -1.525  -11.246 1.00 46.45 ? 208 THR A CG2 1 
ATOM   1533 N N   . VAL A 1 209 ? -19.708 -2.736  -13.039 1.00 32.43 ? 209 VAL A N   1 
ATOM   1534 C CA  . VAL A 1 209 ? -18.309 -2.794  -12.611 1.00 28.46 ? 209 VAL A CA  1 
ATOM   1535 C C   . VAL A 1 209 ? -17.411 -1.978  -13.547 1.00 33.26 ? 209 VAL A C   1 
ATOM   1536 O O   . VAL A 1 209 ? -16.525 -1.257  -13.089 1.00 31.81 ? 209 VAL A O   1 
ATOM   1537 C CB  . VAL A 1 209 ? -17.810 -4.252  -12.533 1.00 26.29 ? 209 VAL A CB  1 
ATOM   1538 C CG1 . VAL A 1 209 ? -16.339 -4.297  -12.218 1.00 25.35 ? 209 VAL A CG1 1 
ATOM   1539 C CG2 . VAL A 1 209 ? -18.584 -5.001  -11.464 1.00 24.47 ? 209 VAL A CG2 1 
ATOM   1540 N N   . LYS A 1 210 ? -17.678 -2.046  -14.851 1.00 30.74 ? 210 LYS A N   1 
ATOM   1541 C CA  . LYS A 1 210 ? -16.904 -1.313  -15.843 1.00 30.75 ? 210 LYS A CA  1 
ATOM   1542 C C   . LYS A 1 210 ? -17.056 0.194   -15.625 1.00 33.56 ? 210 LYS A C   1 
ATOM   1543 O O   . LYS A 1 210 ? -16.099 0.951   -15.790 1.00 33.00 ? 210 LYS A O   1 
ATOM   1544 C CB  . LYS A 1 210 ? -17.373 -1.688  -17.250 1.00 33.90 ? 210 LYS A CB  1 
ATOM   1545 C CG  . LYS A 1 210 ? -16.454 -1.266  -18.373 1.00 39.04 ? 210 LYS A CG  1 
ATOM   1546 C CD  . LYS A 1 210 ? -15.110 -2.000  -18.298 1.00 49.90 ? 210 LYS A CD  1 
ATOM   1547 C CE  . LYS A 1 210 ? -14.277 -1.786  -19.570 1.00 57.19 ? 210 LYS A CE  1 
ATOM   1548 N NZ  . LYS A 1 210 ? -14.159 -0.338  -19.990 1.00 60.04 ? 210 LYS A NZ  1 
ATOM   1549 N N   . ALA A 1 211 ? -18.248 0.631   -15.228 1.00 32.73 ? 211 ALA A N   1 
ATOM   1550 C CA  . ALA A 1 211 ? -18.495 2.057   -14.982 1.00 36.44 ? 211 ALA A CA  1 
ATOM   1551 C C   . ALA A 1 211 ? -17.566 2.563   -13.886 1.00 35.38 ? 211 ALA A C   1 
ATOM   1552 O O   . ALA A 1 211 ? -16.966 3.634   -14.018 1.00 35.41 ? 211 ALA A O   1 
ATOM   1553 C CB  . ALA A 1 211 ? -19.952 2.298   -14.567 1.00 34.17 ? 211 ALA A CB  1 
ATOM   1554 N N   . PHE A 1 212 ? -17.446 1.786   -12.809 1.00 31.41 ? 212 PHE A N   1 
ATOM   1555 C CA  . PHE A 1 212 ? -16.583 2.168   -11.698 1.00 31.21 ? 212 PHE A CA  1 
ATOM   1556 C C   . PHE A 1 212 ? -15.101 2.095   -12.058 1.00 29.52 ? 212 PHE A C   1 
ATOM   1557 O O   . PHE A 1 212 ? -14.311 2.958   -11.665 1.00 31.00 ? 212 PHE A O   1 
ATOM   1558 C CB  . PHE A 1 212 ? -16.869 1.328   -10.466 1.00 28.31 ? 212 PHE A CB  1 
ATOM   1559 C CG  . PHE A 1 212 ? -16.100 1.771   -9.262  1.00 33.07 ? 212 PHE A CG  1 
ATOM   1560 C CD1 . PHE A 1 212 ? -16.340 3.024   -8.692  1.00 34.82 ? 212 PHE A CD1 1 
ATOM   1561 C CD2 . PHE A 1 212 ? -15.119 0.956   -8.707  1.00 31.18 ? 212 PHE A CD2 1 
ATOM   1562 C CE1 . PHE A 1 212 ? -15.610 3.466   -7.584  1.00 35.09 ? 212 PHE A CE1 1 
ATOM   1563 C CE2 . PHE A 1 212 ? -14.380 1.382   -7.596  1.00 31.34 ? 212 PHE A CE2 1 
ATOM   1564 C CZ  . PHE A 1 212 ? -14.624 2.638   -7.033  1.00 34.32 ? 212 PHE A CZ  1 
ATOM   1565 N N   . TYR A 1 213 ? -14.738 1.074   -12.825 1.00 28.23 ? 213 TYR A N   1 
ATOM   1566 C CA  . TYR A 1 213 ? -13.371 0.875   -13.272 1.00 27.74 ? 213 TYR A CA  1 
ATOM   1567 C C   . TYR A 1 213 ? -12.940 2.093   -14.100 1.00 30.17 ? 213 TYR A C   1 
ATOM   1568 O O   . TYR A 1 213 ? -11.841 2.627   -13.903 1.00 31.01 ? 213 TYR A O   1 
ATOM   1569 C CB  . TYR A 1 213 ? -13.288 -0.443  -14.076 1.00 28.84 ? 213 TYR A CB  1 
ATOM   1570 C CG  . TYR A 1 213 ? -12.002 -0.708  -14.835 1.00 30.30 ? 213 TYR A CG  1 
ATOM   1571 C CD1 . TYR A 1 213 ? -10.920 -1.353  -14.234 1.00 26.76 ? 213 TYR A CD1 1 
ATOM   1572 C CD2 . TYR A 1 213 ? -11.880 -0.330  -16.177 1.00 33.99 ? 213 TYR A CD2 1 
ATOM   1573 C CE1 . TYR A 1 213 ? -9.739  -1.611  -14.957 1.00 27.28 ? 213 TYR A CE1 1 
ATOM   1574 C CE2 . TYR A 1 213 ? -10.715 -0.583  -16.901 1.00 35.18 ? 213 TYR A CE2 1 
ATOM   1575 C CZ  . TYR A 1 213 ? -9.653  -1.217  -16.288 1.00 32.25 ? 213 TYR A CZ  1 
ATOM   1576 O OH  . TYR A 1 213 ? -8.517  -1.429  -17.030 1.00 35.05 ? 213 TYR A OH  1 
ATOM   1577 N N   . ASP A 1 214 ? -13.814 2.559   -14.992 1.00 31.21 ? 214 ASP A N   1 
ATOM   1578 C CA  . ASP A 1 214 ? -13.495 3.720   -15.818 1.00 32.82 ? 214 ASP A CA  1 
ATOM   1579 C C   . ASP A 1 214 ? -13.397 4.965   -14.944 1.00 29.17 ? 214 ASP A C   1 
ATOM   1580 O O   . ASP A 1 214 ? -12.545 5.828   -15.180 1.00 31.50 ? 214 ASP A O   1 
ATOM   1581 C CB  . ASP A 1 214 ? -14.545 3.937   -16.913 1.00 38.58 ? 214 ASP A CB  1 
ATOM   1582 C CG  . ASP A 1 214 ? -14.461 2.915   -18.036 1.00 40.56 ? 214 ASP A CG  1 
ATOM   1583 O OD1 . ASP A 1 214 ? -13.388 2.292   -18.255 1.00 42.27 ? 214 ASP A OD1 1 
ATOM   1584 O OD2 . ASP A 1 214 ? -15.491 2.759   -18.717 1.00 42.51 ? 214 ASP A OD2 1 
ATOM   1585 N N   . TYR A 1 215 ? -14.264 5.049   -13.935 1.00 27.42 ? 215 TYR A N   1 
ATOM   1586 C CA  . TYR A 1 215 ? -14.267 6.177   -13.010 1.00 29.19 ? 215 TYR A CA  1 
ATOM   1587 C C   . TYR A 1 215 ? -12.909 6.312   -12.288 1.00 33.84 ? 215 TYR A C   1 
ATOM   1588 O O   . TYR A 1 215 ? -12.401 7.429   -12.108 1.00 33.47 ? 215 TYR A O   1 
ATOM   1589 C CB  . TYR A 1 215 ? -15.402 6.027   -12.001 1.00 28.60 ? 215 TYR A CB  1 
ATOM   1590 C CG  . TYR A 1 215 ? -15.633 7.251   -11.147 1.00 34.12 ? 215 TYR A CG  1 
ATOM   1591 C CD1 . TYR A 1 215 ? -16.368 8.337   -11.634 1.00 37.85 ? 215 TYR A CD1 1 
ATOM   1592 C CD2 . TYR A 1 215 ? -15.132 7.323   -9.845  1.00 34.20 ? 215 TYR A CD2 1 
ATOM   1593 C CE1 . TYR A 1 215 ? -16.603 9.469   -10.843 1.00 40.12 ? 215 TYR A CE1 1 
ATOM   1594 C CE2 . TYR A 1 215 ? -15.356 8.456   -9.039  1.00 40.86 ? 215 TYR A CE2 1 
ATOM   1595 C CZ  . TYR A 1 215 ? -16.094 9.520   -9.548  1.00 41.67 ? 215 TYR A CZ  1 
ATOM   1596 O OH  . TYR A 1 215 ? -16.323 10.622  -8.763  1.00 43.78 ? 215 TYR A OH  1 
ATOM   1597 N N   . LEU A 1 216 ? -12.315 5.179   -11.903 1.00 32.42 ? 216 LEU A N   1 
ATOM   1598 C CA  . LEU A 1 216 ? -11.018 5.169   -11.238 1.00 26.61 ? 216 LEU A CA  1 
ATOM   1599 C C   . LEU A 1 216 ? -9.924  5.808   -12.073 1.00 32.19 ? 216 LEU A C   1 
ATOM   1600 O O   . LEU A 1 216 ? -8.962  6.326   -11.518 1.00 30.48 ? 216 LEU A O   1 
ATOM   1601 C CB  . LEU A 1 216 ? -10.602 3.748   -10.887 1.00 30.18 ? 216 LEU A CB  1 
ATOM   1602 C CG  . LEU A 1 216 ? -11.295 3.096   -9.704  1.00 26.24 ? 216 LEU A CG  1 
ATOM   1603 C CD1 . LEU A 1 216 ? -10.779 1.691   -9.570  1.00 26.21 ? 216 LEU A CD1 1 
ATOM   1604 C CD2 . LEU A 1 216 ? -11.017 3.892   -8.441  1.00 28.72 ? 216 LEU A CD2 1 
ATOM   1605 N N   . LYS A 1 217 ? -10.045 5.750   -13.401 1.00 34.16 ? 217 LYS A N   1 
ATOM   1606 C CA  . LYS A 1 217 ? -9.045  6.353   -14.290 1.00 38.73 ? 217 LYS A CA  1 
ATOM   1607 C C   . LYS A 1 217 ? -9.454  7.757   -14.728 1.00 40.20 ? 217 LYS A C   1 
ATOM   1608 O O   . LYS A 1 217 ? -8.780  8.366   -15.558 1.00 48.67 ? 217 LYS A O   1 
ATOM   1609 C CB  . LYS A 1 217 ? -8.828  5.493   -15.538 1.00 40.74 ? 217 LYS A CB  1 
ATOM   1610 C CG  . LYS A 1 217 ? -8.364  4.076   -15.265 1.00 45.61 ? 217 LYS A CG  1 
ATOM   1611 C CD  . LYS A 1 217 ? -8.338  3.259   -16.542 1.00 51.05 ? 217 LYS A CD  1 
ATOM   1612 C CE  . LYS A 1 217 ? -9.713  3.212   -17.182 1.00 58.38 ? 217 LYS A CE  1 
ATOM   1613 N NZ  . LYS A 1 217 ? -9.728  2.500   -18.494 1.00 66.08 ? 217 LYS A NZ  1 
ATOM   1614 N N   . GLY A 1 218 ? -10.561 8.258   -14.181 1.00 38.77 ? 218 GLY A N   1 
ATOM   1615 C CA  . GLY A 1 218 ? -11.051 9.579   -14.530 1.00 37.60 ? 218 GLY A CA  1 
ATOM   1616 C C   . GLY A 1 218 ? -10.450 10.698  -13.697 1.00 43.86 ? 218 GLY A C   1 
ATOM   1617 O O   . GLY A 1 218 ? -9.693  10.434  -12.764 1.00 44.17 ? 218 GLY A O   1 
ATOM   1618 N N   . PRO A 1 219 ? -10.797 11.966  -13.987 1.00 45.45 ? 219 PRO A N   1 
ATOM   1619 C CA  . PRO A 1 219 ? -10.310 13.162  -13.285 1.00 40.32 ? 219 PRO A CA  1 
ATOM   1620 C C   . PRO A 1 219 ? -10.748 13.345  -11.821 1.00 38.96 ? 219 PRO A C   1 
ATOM   1621 O O   . PRO A 1 219 ? -9.950  13.845  -11.024 1.00 40.19 ? 219 PRO A O   1 
ATOM   1622 C CB  . PRO A 1 219 ? -10.820 14.296  -14.167 1.00 44.08 ? 219 PRO A CB  1 
ATOM   1623 C CG  . PRO A 1 219 ? -12.119 13.754  -14.677 1.00 40.94 ? 219 PRO A CG  1 
ATOM   1624 C CD  . PRO A 1 219 ? -11.722 12.347  -15.073 1.00 43.07 ? 219 PRO A CD  1 
ATOM   1625 N N   . GLN A 1 220 ? -11.987 12.976  -11.463 1.00 34.98 ? 220 GLN A N   1 
ATOM   1626 C CA  . GLN A 1 220 ? -12.459 13.121  -10.072 1.00 38.00 ? 220 GLN A CA  1 
ATOM   1627 C C   . GLN A 1 220 ? -11.672 12.197  -9.160  1.00 40.99 ? 220 GLN A C   1 
ATOM   1628 O O   . GLN A 1 220 ? -11.386 12.540  -8.010  1.00 43.28 ? 220 GLN A O   1 
ATOM   1629 C CB  . GLN A 1 220 ? -13.946 12.772  -9.876  1.00 41.66 ? 220 GLN A CB  1 
ATOM   1630 C CG  . GLN A 1 220 ? -14.960 13.644  -10.579 1.00 48.62 ? 220 GLN A CG  1 
ATOM   1631 C CD  . GLN A 1 220 ? -15.118 13.268  -12.053 1.00 59.91 ? 220 GLN A CD  1 
ATOM   1632 O OE1 . GLN A 1 220 ? -14.904 12.117  -12.459 1.00 63.24 ? 220 GLN A OE1 1 
ATOM   1633 N NE2 . GLN A 1 220 ? -15.476 14.247  -12.866 1.00 66.89 ? 220 GLN A NE2 1 
ATOM   1634 N N   . ALA A 1 221 ? -11.394 10.991  -9.650  1.00 39.41 ? 221 ALA A N   1 
ATOM   1635 C CA  . ALA A 1 221 ? -10.646 10.007  -8.877  1.00 35.45 ? 221 ALA A CA  1 
ATOM   1636 C C   . ALA A 1 221 ? -9.201  10.433  -8.810  1.00 33.65 ? 221 ALA A C   1 
ATOM   1637 O O   . ALA A 1 221 ? -8.606  10.356  -7.744  1.00 36.39 ? 221 ALA A O   1 
ATOM   1638 C CB  . ALA A 1 221 ? -10.760 8.620   -9.492  1.00 30.53 ? 221 ALA A CB  1 
ATOM   1639 N N   . ALA A 1 222 ? -8.644  10.911  -9.924  1.00 30.86 ? 222 ALA A N   1 
ATOM   1640 C CA  . ALA A 1 222 ? -7.242  11.347  -9.942  1.00 33.64 ? 222 ALA A CA  1 
ATOM   1641 C C   . ALA A 1 222 ? -7.022  12.490  -8.934  1.00 36.57 ? 222 ALA A C   1 
ATOM   1642 O O   . ALA A 1 222 ? -5.968  12.574  -8.302  1.00 34.12 ? 222 ALA A O   1 
ATOM   1643 C CB  . ALA A 1 222 ? -6.814  11.765  -11.348 1.00 27.49 ? 222 ALA A CB  1 
ATOM   1644 N N   . GLU A 1 223 ? -8.020  13.356  -8.776  1.00 35.11 ? 223 GLU A N   1 
ATOM   1645 C CA  . GLU A 1 223 ? -7.928  14.447  -7.818  1.00 35.57 ? 223 GLU A CA  1 
ATOM   1646 C C   . GLU A 1 223 ? -7.762  13.887  -6.393  1.00 33.01 ? 223 GLU A C   1 
ATOM   1647 O O   . GLU A 1 223 ? -6.900  14.334  -5.637  1.00 33.11 ? 223 GLU A O   1 
ATOM   1648 C CB  . GLU A 1 223 ? -9.178  15.317  -7.889  1.00 39.40 ? 223 GLU A CB  1 
ATOM   1649 C CG  . GLU A 1 223 ? -9.290  16.281  -6.723  1.00 54.06 ? 223 GLU A CG  1 
ATOM   1650 C CD  . GLU A 1 223 ? -10.339 17.342  -6.936  1.00 55.37 ? 223 GLU A CD  1 
ATOM   1651 O OE1 . GLU A 1 223 ? -10.194 18.139  -7.891  1.00 63.41 ? 223 GLU A OE1 1 
ATOM   1652 O OE2 . GLU A 1 223 ? -11.294 17.389  -6.134  1.00 63.01 ? 223 GLU A OE2 1 
ATOM   1653 N N   . ILE A 1 224 ? -8.608  12.926  -6.035  1.00 28.75 ? 224 ILE A N   1 
ATOM   1654 C CA  . ILE A 1 224 ? -8.557  12.278  -4.728  1.00 28.92 ? 224 ILE A CA  1 
ATOM   1655 C C   . ILE A 1 224 ? -7.246  11.492  -4.499  1.00 29.41 ? 224 ILE A C   1 
ATOM   1656 O O   . ILE A 1 224 ? -6.632  11.592  -3.433  1.00 27.62 ? 224 ILE A O   1 
ATOM   1657 C CB  . ILE A 1 224 ? -9.783  11.397  -4.537  1.00 25.24 ? 224 ILE A CB  1 
ATOM   1658 C CG1 . ILE A 1 224 ? -11.020 12.291  -4.514  1.00 25.34 ? 224 ILE A CG1 1 
ATOM   1659 C CG2 . ILE A 1 224 ? -9.666  10.595  -3.247  1.00 28.03 ? 224 ILE A CG2 1 
ATOM   1660 C CD1 . ILE A 1 224 ? -12.323 11.565  -4.504  1.00 28.20 ? 224 ILE A CD1 1 
ATOM   1661 N N   . PHE A 1 225 ? -6.785  10.750  -5.503  1.00 28.48 ? 225 PHE A N   1 
ATOM   1662 C CA  . PHE A 1 225 ? -5.530  10.013  -5.364  1.00 29.02 ? 225 PHE A CA  1 
ATOM   1663 C C   . PHE A 1 225 ? -4.336  10.943  -5.111  1.00 31.13 ? 225 PHE A C   1 
ATOM   1664 O O   . PHE A 1 225 ? -3.507  10.669  -4.239  1.00 26.82 ? 225 PHE A O   1 
ATOM   1665 C CB  . PHE A 1 225 ? -5.245  9.162   -6.607  1.00 26.29 ? 225 PHE A CB  1 
ATOM   1666 C CG  . PHE A 1 225 ? -6.094  7.914   -6.705  1.00 29.74 ? 225 PHE A CG  1 
ATOM   1667 C CD1 . PHE A 1 225 ? -6.213  7.049   -5.616  1.00 27.12 ? 225 PHE A CD1 1 
ATOM   1668 C CD2 . PHE A 1 225 ? -6.765  7.605   -7.890  1.00 25.86 ? 225 PHE A CD2 1 
ATOM   1669 C CE1 . PHE A 1 225 ? -6.987  5.895   -5.698  1.00 28.62 ? 225 PHE A CE1 1 
ATOM   1670 C CE2 . PHE A 1 225 ? -7.544  6.452   -7.988  1.00 26.74 ? 225 PHE A CE2 1 
ATOM   1671 C CZ  . PHE A 1 225 ? -7.656  5.593   -6.888  1.00 27.28 ? 225 PHE A CZ  1 
ATOM   1672 N N   . LYS A 1 226 ? -4.253  12.028  -5.886  1.00 30.69 ? 226 LYS A N   1 
ATOM   1673 C CA  . LYS A 1 226 ? -3.171  13.014  -5.779  1.00 30.59 ? 226 LYS A CA  1 
ATOM   1674 C C   . LYS A 1 226 ? -3.143  13.644  -4.405  1.00 26.50 ? 226 LYS A C   1 
ATOM   1675 O O   . LYS A 1 226 ? -2.089  13.796  -3.801  1.00 30.84 ? 226 LYS A O   1 
ATOM   1676 C CB  . LYS A 1 226 ? -3.323  14.124  -6.829  1.00 31.78 ? 226 LYS A CB  1 
ATOM   1677 C CG  . LYS A 1 226 ? -2.672  13.821  -8.183  1.00 46.05 ? 226 LYS A CG  1 
ATOM   1678 C CD  . LYS A 1 226 ? -2.901  14.943  -9.219  1.00 58.20 ? 226 LYS A CD  1 
ATOM   1679 C CE  . LYS A 1 226 ? -1.854  16.077  -9.125  1.00 68.51 ? 226 LYS A CE  1 
ATOM   1680 N NZ  . LYS A 1 226 ? -1.867  16.838  -7.828  1.00 65.94 ? 226 LYS A NZ  1 
ATOM   1681 N N   . ARG A 1 227 ? -4.316  14.005  -3.917  1.00 25.22 ? 227 ARG A N   1 
ATOM   1682 C CA  . ARG A 1 227 ? -4.459  14.620  -2.619  1.00 27.45 ? 227 ARG A CA  1 
ATOM   1683 C C   . ARG A 1 227 ? -3.981  13.682  -1.501  1.00 32.95 ? 227 ARG A C   1 
ATOM   1684 O O   . ARG A 1 227 ? -3.560  14.148  -0.451  1.00 34.31 ? 227 ARG A O   1 
ATOM   1685 C CB  . ARG A 1 227 ? -5.923  14.994  -2.435  1.00 26.82 ? 227 ARG A CB  1 
ATOM   1686 C CG  . ARG A 1 227 ? -6.388  15.190  -1.028  1.00 41.19 ? 227 ARG A CG  1 
ATOM   1687 C CD  . ARG A 1 227 ? -7.790  14.633  -0.876  1.00 46.87 ? 227 ARG A CD  1 
ATOM   1688 N NE  . ARG A 1 227 ? -8.706  15.216  -1.852  1.00 54.71 ? 227 ARG A NE  1 
ATOM   1689 C CZ  . ARG A 1 227 ? -10.016 14.983  -1.892  1.00 57.31 ? 227 ARG A CZ  1 
ATOM   1690 N NH1 . ARG A 1 227 ? -10.595 14.166  -0.999  1.00 51.16 ? 227 ARG A NH1 1 
ATOM   1691 N NH2 . ARG A 1 227 ? -10.743 15.576  -2.837  1.00 55.71 ? 227 ARG A NH2 1 
ATOM   1692 N N   . TYR A 1 228 ? -4.047  12.368  -1.714  1.00 31.50 ? 228 TYR A N   1 
ATOM   1693 C CA  . TYR A 1 228 ? -3.610  11.421  -0.688  1.00 29.69 ? 228 TYR A CA  1 
ATOM   1694 C C   . TYR A 1 228 ? -2.162  10.959  -0.807  1.00 28.56 ? 228 TYR A C   1 
ATOM   1695 O O   . TYR A 1 228 ? -1.746  10.022  -0.115  1.00 32.94 ? 228 TYR A O   1 
ATOM   1696 C CB  . TYR A 1 228 ? -4.569  10.231  -0.595  1.00 24.97 ? 228 TYR A CB  1 
ATOM   1697 C CG  . TYR A 1 228 ? -5.790  10.504  0.245   1.00 25.55 ? 228 TYR A CG  1 
ATOM   1698 C CD1 . TYR A 1 228 ? -5.676  10.708  1.622   1.00 29.19 ? 228 TYR A CD1 1 
ATOM   1699 C CD2 . TYR A 1 228 ? -7.062  10.560  -0.329  1.00 25.07 ? 228 TYR A CD2 1 
ATOM   1700 C CE1 . TYR A 1 228 ? -6.803  10.961  2.406   1.00 26.62 ? 228 TYR A CE1 1 
ATOM   1701 C CE2 . TYR A 1 228 ? -8.195  10.806  0.440   1.00 23.94 ? 228 TYR A CE2 1 
ATOM   1702 C CZ  . TYR A 1 228 ? -8.058  11.004  1.813   1.00 28.30 ? 228 TYR A CZ  1 
ATOM   1703 O OH  . TYR A 1 228 ? -9.167  11.216  2.609   1.00 28.72 ? 228 TYR A OH  1 
ATOM   1704 N N   . GLY A 1 229 ? -1.406  11.595  -1.701  1.00 26.10 ? 229 GLY A N   1 
ATOM   1705 C CA  . GLY A 1 229 ? 0.007   11.286  -1.861  1.00 26.17 ? 229 GLY A CA  1 
ATOM   1706 C C   . GLY A 1 229 ? 0.444   10.288  -2.908  1.00 30.67 ? 229 GLY A C   1 
ATOM   1707 O O   . GLY A 1 229 ? 1.641   9.989   -3.021  1.00 32.76 ? 229 GLY A O   1 
ATOM   1708 N N   . PHE A 1 230 ? -0.511  9.749   -3.658  1.00 29.41 ? 230 PHE A N   1 
ATOM   1709 C CA  . PHE A 1 230 ? -0.198  8.784   -4.712  1.00 29.57 ? 230 PHE A CA  1 
ATOM   1710 C C   . PHE A 1 230 ? 0.207   9.506   -5.981  1.00 32.12 ? 230 PHE A C   1 
ATOM   1711 O O   . PHE A 1 230 ? -0.262  10.611  -6.227  1.00 31.94 ? 230 PHE A O   1 
ATOM   1712 C CB  . PHE A 1 230 ? -1.437  7.941   -5.038  1.00 28.96 ? 230 PHE A CB  1 
ATOM   1713 C CG  . PHE A 1 230 ? -1.874  7.052   -3.922  1.00 27.29 ? 230 PHE A CG  1 
ATOM   1714 C CD1 . PHE A 1 230 ? -1.275  5.811   -3.735  1.00 25.30 ? 230 PHE A CD1 1 
ATOM   1715 C CD2 . PHE A 1 230 ? -2.865  7.463   -3.041  1.00 26.35 ? 230 PHE A CD2 1 
ATOM   1716 C CE1 . PHE A 1 230 ? -1.658  4.997   -2.681  1.00 26.84 ? 230 PHE A CE1 1 
ATOM   1717 C CE2 . PHE A 1 230 ? -3.260  6.654   -1.979  1.00 24.55 ? 230 PHE A CE2 1 
ATOM   1718 C CZ  . PHE A 1 230 ? -2.655  5.422   -1.799  1.00 24.97 ? 230 PHE A CZ  1 
ATOM   1719 N N   . THR A 1 231 ? 1.071   8.896   -6.782  1.00 31.22 ? 231 THR A N   1 
ATOM   1720 C CA  . THR A 1 231 ? 1.434   9.503   -8.046  1.00 34.09 ? 231 THR A CA  1 
ATOM   1721 C C   . THR A 1 231 ? 0.522   8.790   -9.074  1.00 38.83 ? 231 THR A C   1 
ATOM   1722 O O   . THR A 1 231 ? 0.226   7.597   -8.922  1.00 38.59 ? 231 THR A O   1 
ATOM   1723 C CB  . THR A 1 231 ? 2.949   9.365   -8.351  1.00 33.48 ? 231 THR A CB  1 
ATOM   1724 O OG1 . THR A 1 231 ? 3.225   8.122   -8.998  1.00 45.21 ? 231 THR A OG1 1 
ATOM   1725 C CG2 . THR A 1 231 ? 3.744   9.418   -7.076  1.00 39.70 ? 231 THR A CG2 1 
ATOM   1726 N N   . ILE A 1 232 ? -0.042  9.539   -10.022 1.00 40.24 ? 232 ILE A N   1 
ATOM   1727 C CA  . ILE A 1 232 ? -0.931  8.957   -11.037 1.00 44.11 ? 232 ILE A CA  1 
ATOM   1728 C C   . ILE A 1 232 ? -0.086  8.495   -12.201 1.00 47.74 ? 232 ILE A C   1 
ATOM   1729 O O   . ILE A 1 232 ? 0.689   9.281   -12.746 1.00 47.94 ? 232 ILE A O   1 
ATOM   1730 C CB  . ILE A 1 232 ? -1.947  9.964   -11.600 1.00 46.19 ? 232 ILE A CB  1 
ATOM   1731 C CG1 . ILE A 1 232 ? -2.710  10.651  -10.476 1.00 44.02 ? 232 ILE A CG1 1 
ATOM   1732 C CG2 . ILE A 1 232 ? -2.944  9.234   -12.475 1.00 46.65 ? 232 ILE A CG2 1 
ATOM   1733 C CD1 . ILE A 1 232 ? -3.457  9.694   -9.629  1.00 43.65 ? 232 ILE A CD1 1 
ATOM   1734 N N   . LYS A 1 233 ? -0.214  7.219   -12.557 1.00 52.59 ? 233 LYS A N   1 
ATOM   1735 C CA  . LYS A 1 233 ? 0.551   6.648   -13.659 1.00 56.08 ? 233 LYS A CA  1 
ATOM   1736 C C   . LYS A 1 233 ? -0.145  6.978   -14.984 1.00 60.47 ? 233 LYS A C   1 
ATOM   1737 O O   . LYS A 1 233 ? -1.401  7.057   -14.999 1.00 58.07 ? 233 LYS A O   1 
ATOM   1738 C CB  . LYS A 1 233 ? 0.722   5.125   -13.483 1.00 53.77 ? 233 LYS A CB  1 
ATOM   1739 C CG  . LYS A 1 233 ? 2.179   4.649   -13.319 1.00 53.93 ? 233 LYS A CG  1 
ATOM   1740 C CD  . LYS A 1 233 ? 2.847   5.194   -12.050 1.00 56.16 ? 233 LYS A CD  1 
ATOM   1741 C CE  . LYS A 1 233 ? 4.362   4.947   -12.043 1.00 59.98 ? 233 LYS A CE  1 
ATOM   1742 N NZ  . LYS A 1 233 ? 4.704   3.504   -12.206 1.00 58.34 ? 233 LYS A NZ  1 
ATOM   1743 O OXT . LYS A 1 233 ? 0.586   7.222   -15.974 1.00 63.98 ? 233 LYS A OXT 1 
HETATM 1744 W W   . WO4 B 2 .   ? -0.220  -3.039  1.417   1.00 25.19 ? 234 WO4 A W   1 
HETATM 1745 O O1  . WO4 B 2 .   ? -0.528  -3.332  3.089   1.00 23.25 ? 234 WO4 A O1  1 
HETATM 1746 O O2  . WO4 B 2 .   ? -0.772  -4.374  0.413   1.00 27.92 ? 234 WO4 A O2  1 
HETATM 1747 O O3  . WO4 B 2 .   ? 1.471   -2.950  1.105   1.00 23.85 ? 234 WO4 A O3  1 
HETATM 1748 O O4  . WO4 B 2 .   ? -1.031  -1.545  0.989   1.00 22.86 ? 234 WO4 A O4  1 
HETATM 1749 O O   . HOH C 3 .   ? -14.402 -11.772 -17.047 1.00 23.17 ? 301 HOH A O   1 
HETATM 1750 O O   . HOH C 3 .   ? -5.377  6.149   1.227   1.00 26.09 ? 302 HOH A O   1 
HETATM 1751 O O   . HOH C 3 .   ? 5.510   -3.803  -7.753  1.00 25.40 ? 303 HOH A O   1 
HETATM 1752 O O   . HOH C 3 .   ? -1.750  5.325   2.026   1.00 27.03 ? 304 HOH A O   1 
HETATM 1753 O O   . HOH C 3 .   ? -9.110  -13.373 -18.350 1.00 27.48 ? 305 HOH A O   1 
HETATM 1754 O O   . HOH C 3 .   ? 6.986   -1.911  5.618   1.00 28.17 ? 306 HOH A O   1 
HETATM 1755 O O   . HOH C 3 .   ? -6.449  -14.806 -15.034 1.00 28.83 ? 307 HOH A O   1 
HETATM 1756 O O   . HOH C 3 .   ? 6.189   -5.756  -3.217  1.00 30.19 ? 308 HOH A O   1 
HETATM 1757 O O   . HOH C 3 .   ? -3.202  7.893   1.697   1.00 28.40 ? 309 HOH A O   1 
HETATM 1758 O O   . HOH C 3 .   ? 6.167   -6.750  -7.453  1.00 30.18 ? 310 HOH A O   1 
HETATM 1759 O O   . HOH C 3 .   ? -17.119 -11.225 -16.677 1.00 33.15 ? 311 HOH A O   1 
HETATM 1760 O O   . HOH C 3 .   ? 11.130  5.336   -2.293  1.00 31.12 ? 312 HOH A O   1 
HETATM 1761 O O   . HOH C 3 .   ? 7.670   -11.839 9.884   1.00 31.65 ? 313 HOH A O   1 
HETATM 1762 O O   . HOH C 3 .   ? -11.777 -3.698  5.345   1.00 31.85 ? 314 HOH A O   1 
HETATM 1763 O O   . HOH C 3 .   ? 6.964   -2.530  -9.739  1.00 36.16 ? 315 HOH A O   1 
HETATM 1764 O O   . HOH C 3 .   ? -0.527  -10.432 6.433   1.00 37.67 ? 316 HOH A O   1 
HETATM 1765 O O   . HOH C 3 .   ? -13.131 10.097  -12.041 1.00 35.76 ? 317 HOH A O   1 
HETATM 1766 O O   . HOH C 3 .   ? -1.622  -9.814  -16.804 1.00 41.24 ? 318 HOH A O   1 
HETATM 1767 O O   . HOH C 3 .   ? -7.247  -0.064  6.839   1.00 36.12 ? 319 HOH A O   1 
HETATM 1768 O O   . HOH C 3 .   ? -13.215 -14.953 -6.884  1.00 37.57 ? 320 HOH A O   1 
HETATM 1769 O O   . HOH C 3 .   ? -3.744  -8.321  5.903   1.00 44.06 ? 321 HOH A O   1 
HETATM 1770 O O   . HOH C 3 .   ? -6.357  -2.684  6.810   1.00 39.74 ? 322 HOH A O   1 
HETATM 1771 O O   . HOH C 3 .   ? 8.351   3.872   -5.833  1.00 43.26 ? 323 HOH A O   1 
HETATM 1772 O O   . HOH C 3 .   ? -0.068  -3.875  -14.540 1.00 38.16 ? 324 HOH A O   1 
HETATM 1773 O O   . HOH C 3 .   ? -15.377 -9.382  2.010   1.00 41.26 ? 325 HOH A O   1 
HETATM 1774 O O   . HOH C 3 .   ? -0.735  -2.980  14.386  1.00 41.70 ? 326 HOH A O   1 
HETATM 1775 O O   . HOH C 3 .   ? -20.710 -14.186 -1.020  1.00 45.83 ? 327 HOH A O   1 
HETATM 1776 O O   . HOH C 3 .   ? -12.451 -9.703  2.626   1.00 43.04 ? 328 HOH A O   1 
HETATM 1777 O O   . HOH C 3 .   ? -7.032  8.417   -12.040 1.00 45.49 ? 329 HOH A O   1 
HETATM 1778 O O   . HOH C 3 .   ? -11.393 -18.730 -14.249 1.00 43.62 ? 330 HOH A O   1 
HETATM 1779 O O   . HOH C 3 .   ? 3.765   -13.868 -7.840  1.00 52.61 ? 331 HOH A O   1 
HETATM 1780 O O   . HOH C 3 .   ? 9.942   -0.702  19.832  1.00 45.96 ? 332 HOH A O   1 
HETATM 1781 O O   . HOH C 3 .   ? -6.665  14.863  3.596   1.00 48.76 ? 333 HOH A O   1 
HETATM 1782 O O   . HOH C 3 .   ? -5.295  3.086   8.596   1.00 42.25 ? 334 HOH A O   1 
HETATM 1783 O O   . HOH C 3 .   ? -5.105  13.539  5.076   1.00 51.73 ? 335 HOH A O   1 
HETATM 1784 O O   . HOH C 3 .   ? -8.173  -14.416 4.983   1.00 50.05 ? 336 HOH A O   1 
HETATM 1785 O O   . HOH C 3 .   ? -1.201  -12.864 3.548   1.00 46.08 ? 337 HOH A O   1 
HETATM 1786 O O   . HOH C 3 .   ? -7.700  15.852  -11.255 1.00 61.04 ? 338 HOH A O   1 
HETATM 1787 O O   . HOH C 3 .   ? 21.203  1.617   5.151   1.00 48.89 ? 339 HOH A O   1 
HETATM 1788 O O   . HOH C 3 .   ? -17.287 5.294   1.619   1.00 56.77 ? 340 HOH A O   1 
HETATM 1789 O O   . HOH C 3 .   ? -11.585 8.626   4.070   1.00 43.10 ? 341 HOH A O   1 
HETATM 1790 O O   . HOH C 3 .   ? -17.069 -0.289  2.599   1.00 57.43 ? 342 HOH A O   1 
HETATM 1791 O O   . HOH C 3 .   ? 16.479  10.154  3.058   1.00 48.42 ? 343 HOH A O   1 
HETATM 1792 O O   . HOH C 3 .   ? -4.399  -2.288  9.453   1.00 49.60 ? 344 HOH A O   1 
HETATM 1793 O O   . HOH C 3 .   ? 10.471  6.708   -4.248  1.00 49.04 ? 345 HOH A O   1 
HETATM 1794 O O   . HOH C 3 .   ? -6.073  -22.255 -7.129  1.00 49.92 ? 346 HOH A O   1 
HETATM 1795 O O   . HOH C 3 .   ? -13.059 14.675  -6.897  1.00 49.45 ? 347 HOH A O   1 
HETATM 1796 O O   . HOH C 3 .   ? -16.078 -14.602 -8.028  1.00 50.17 ? 348 HOH A O   1 
HETATM 1797 O O   . HOH C 3 .   ? 0.635   12.294  -9.904  1.00 46.66 ? 349 HOH A O   1 
HETATM 1798 O O   . HOH C 3 .   ? -13.855 -1.729  4.969   1.00 66.30 ? 350 HOH A O   1 
HETATM 1799 O O   . HOH C 3 .   ? -4.815  15.056  1.958   1.00 52.00 ? 351 HOH A O   1 
HETATM 1800 O O   . HOH C 3 .   ? -17.896 -4.738  -19.909 1.00 52.12 ? 352 HOH A O   1 
HETATM 1801 O O   . HOH C 3 .   ? -3.233  2.821   11.105  1.00 41.71 ? 353 HOH A O   1 
HETATM 1802 O O   . HOH C 3 .   ? 11.723  -12.440 5.837   1.00 45.72 ? 354 HOH A O   1 
HETATM 1803 O O   . HOH C 3 .   ? 1.944   9.840   17.389  1.00 55.62 ? 355 HOH A O   1 
HETATM 1804 O O   . HOH C 3 .   ? -1.052  -5.666  12.648  1.00 44.46 ? 356 HOH A O   1 
HETATM 1805 O O   . HOH C 3 .   ? -3.823  6.215   -13.834 1.00 49.38 ? 357 HOH A O   1 
HETATM 1806 O O   . HOH C 3 .   ? -5.275  -6.727  7.331   1.00 56.51 ? 358 HOH A O   1 
HETATM 1807 O O   . HOH C 3 .   ? -19.939 0.662   -18.470 1.00 46.76 ? 359 HOH A O   1 
HETATM 1808 O O   . HOH C 3 .   ? 8.078   -6.529  -4.952  1.00 48.17 ? 360 HOH A O   1 
HETATM 1809 O O   . HOH C 3 .   ? -12.724 7.612   -17.396 1.00 50.86 ? 361 HOH A O   1 
HETATM 1810 O O   . HOH C 3 .   ? -0.181  -0.450  -17.330 1.00 48.61 ? 362 HOH A O   1 
HETATM 1811 O O   . HOH C 3 .   ? -17.967 6.732   -14.840 1.00 50.16 ? 363 HOH A O   1 
HETATM 1812 O O   . HOH C 3 .   ? -8.251  14.350  1.945   1.00 47.01 ? 364 HOH A O   1 
HETATM 1813 O O   . HOH C 3 .   ? -2.687  -7.765  -19.164 1.00 53.06 ? 365 HOH A O   1 
HETATM 1814 O O   . HOH C 3 .   ? -9.303  10.499  5.306   1.00 52.59 ? 366 HOH A O   1 
HETATM 1815 O O   . HOH C 3 .   ? -15.842 2.101   0.480   1.00 48.67 ? 367 HOH A O   1 
HETATM 1816 O O   . HOH C 3 .   ? 12.212  -8.924  -1.037  1.00 60.96 ? 368 HOH A O   1 
HETATM 1817 O O   . HOH C 3 .   ? -6.993  -16.286 2.539   1.00 60.44 ? 369 HOH A O   1 
# 
